data_7RA0
# 
_entry.id   7RA0 
# 
_audit_conform.dict_name       mmcif_pdbx.dic 
_audit_conform.dict_version    5.380 
_audit_conform.dict_location   http://mmcif.pdb.org/dictionaries/ascii/mmcif_pdbx.dic 
# 
loop_
_database_2.database_id 
_database_2.database_code 
_database_2.pdbx_database_accession 
_database_2.pdbx_DOI 
PDB   7RA0         pdb_00007ra0 10.2210/pdb7ra0/pdb 
WWPDB D_1000257860 ?            ?                   
# 
_pdbx_database_status.status_code                     REL 
_pdbx_database_status.status_code_sf                  REL 
_pdbx_database_status.status_code_mr                  ? 
_pdbx_database_status.entry_id                        7RA0 
_pdbx_database_status.recvd_initial_deposition_date   2021-06-29 
_pdbx_database_status.SG_entry                        N 
_pdbx_database_status.deposit_site                    RCSB 
_pdbx_database_status.process_site                    RCSB 
_pdbx_database_status.status_code_cs                  ? 
_pdbx_database_status.status_code_nmr_data            ? 
_pdbx_database_status.methods_development_category    ? 
_pdbx_database_status.pdb_format_compatible           Y 
# 
loop_
_audit_author.name 
_audit_author.pdbx_ordinal 
_audit_author.identifier_ORCID 
'Rouge, L.'     1 0000-0002-7953-5803 
'Steffek, M.'   2 ?                   
'Helgason, E.'  3 ?                   
'Dueber, E.'    4 ?                   
'Mulvihill, M.' 5 ?                   
# 
_citation.abstract                  ? 
_citation.abstract_id_CAS           ? 
_citation.book_id_ISBN              ? 
_citation.book_publisher            ? 
_citation.book_publisher_city       ? 
_citation.book_title                ? 
_citation.coordinate_linkage        ? 
_citation.country                   US 
_citation.database_id_Medline       ? 
_citation.details                   ? 
_citation.id                        primary 
_citation.journal_abbrev            Biochemistry 
_citation.journal_id_ASTM           BICHAW 
_citation.journal_id_CSD            0033 
_citation.journal_id_ISSN           0006-2960 
_citation.journal_full              ? 
_citation.journal_issue             ? 
_citation.journal_volume            62 
_citation.language                  ? 
_citation.page_first                633 
_citation.page_last                 644 
_citation.title                     'A Multifaceted Hit-Finding Approach Reveals Novel LC3 Family Ligands.' 
_citation.year                      2023 
_citation.database_id_CSD           ? 
_citation.pdbx_database_id_DOI      10.1021/acs.biochem.1c00682 
_citation.pdbx_database_id_PubMed   34985287 
_citation.pdbx_database_id_patent   ? 
_citation.unpublished_flag          ? 
# 
loop_
_citation_author.citation_id 
_citation_author.name 
_citation_author.ordinal 
_citation_author.identifier_ORCID 
primary 'Steffek, M.'     1  ?                   
primary 'Helgason, E.'    2  ?                   
primary 'Popovych, N.'    3  ?                   
primary 'Rouge, L.'       4  ?                   
primary 'Bruning, J.M.'   5  ?                   
primary 'Li, K.S.'        6  ?                   
primary 'Burdick, D.J.'   7  0000-0003-3475-7397 
primary 'Cai, J.'         8  ?                   
primary 'Crawford, T.'    9  ?                   
primary 'Xue, J.'         10 ?                   
primary 'Decurtins, W.'   11 ?                   
primary 'Fang, C.'        12 ?                   
primary 'Grubers, F.'     13 ?                   
primary 'Holliday, M.J.'  14 ?                   
primary 'Langley, A.'     15 ?                   
primary 'Petersen, A.'    16 ?                   
primary 'Satz, A.L.'      17 0000-0003-1284-1977 
primary 'Song, A.'        18 ?                   
primary 'Stoffler, D.'    19 ?                   
primary 'Strebel, Q.'     20 ?                   
primary 'Tom, J.Y.K.'     21 ?                   
primary 'Skelton, N.'     22 ?                   
primary 'Staben, S.T.'    23 ?                   
primary 'Wichert, M.'     24 ?                   
primary 'Mulvihill, M.M.' 25 ?                   
primary 'Dueber, E.C.'    26 0000-0001-6165-1083 
# 
_cell.angle_alpha                  90.000 
_cell.angle_alpha_esd              ? 
_cell.angle_beta                   90.000 
_cell.angle_beta_esd               ? 
_cell.angle_gamma                  90.000 
_cell.angle_gamma_esd              ? 
_cell.entry_id                     7RA0 
_cell.details                      ? 
_cell.formula_units_Z              ? 
_cell.length_a                     93.622 
_cell.length_a_esd                 ? 
_cell.length_b                     93.622 
_cell.length_b_esd                 ? 
_cell.length_c                     32.843 
_cell.length_c_esd                 ? 
_cell.volume                       287871.486 
_cell.volume_esd                   ? 
_cell.Z_PDB                        8 
_cell.reciprocal_angle_alpha       ? 
_cell.reciprocal_angle_beta        ? 
_cell.reciprocal_angle_gamma       ? 
_cell.reciprocal_angle_alpha_esd   ? 
_cell.reciprocal_angle_beta_esd    ? 
_cell.reciprocal_angle_gamma_esd   ? 
_cell.reciprocal_length_a          ? 
_cell.reciprocal_length_b          ? 
_cell.reciprocal_length_c          ? 
_cell.reciprocal_length_a_esd      ? 
_cell.reciprocal_length_b_esd      ? 
_cell.reciprocal_length_c_esd      ? 
_cell.pdbx_unique_axis             ? 
# 
_symmetry.entry_id                         7RA0 
_symmetry.cell_setting                     ? 
_symmetry.Int_Tables_number                80 
_symmetry.space_group_name_Hall            'I 4bw' 
_symmetry.space_group_name_H-M             'I 41' 
_symmetry.pdbx_full_space_group_name_H-M   ? 
# 
loop_
_entity.id 
_entity.type 
_entity.src_method 
_entity.pdbx_description 
_entity.formula_weight 
_entity.pdbx_number_of_molecules 
_entity.pdbx_ec 
_entity.pdbx_mutation 
_entity.pdbx_fragment 
_entity.details 
1 polymer     man 'Microtubule-associated proteins 1A/1B light chain 3A' 14290.405 1   ? ? ? ? 
2 non-polymer syn '(5-ethyl-2-methyl-1H-indol-3-yl)acetic acid'          217.264   2   ? ? ? ? 
3 water       nat water                                                  18.015    114 ? ? ? ? 
# 
_entity_name_com.entity_id   1 
_entity_name_com.name        
;Autophagy-related protein LC3 A,Autophagy-related ubiquitin-like modifier LC3 A,MAP1 light chain 3-like protein 1,MAP1A/MAP1B light chain 3 A,MAP1A/MAP1B LC3 A,Microtubule-associated protein 1 light chain 3 alpha
;
# 
_entity_poly.entity_id                      1 
_entity_poly.type                           'polypeptide(L)' 
_entity_poly.nstd_linkage                   no 
_entity_poly.nstd_monomer                   no 
_entity_poly.pdbx_seq_one_letter_code       
;GSMPSDRPFKQRRSFADRCKEVQQIRDQHPSKIPVIIERYKGEKQLPVLDKTKFLVPDHVNMSELVKIIRRRLQLNPTQA
FFLLVNQHSMVSVSTPIADIYEQEKDEDGFLYMVYASQETFG
;
_entity_poly.pdbx_seq_one_letter_code_can   
;GSMPSDRPFKQRRSFADRCKEVQQIRDQHPSKIPVIIERYKGEKQLPVLDKTKFLVPDHVNMSELVKIIRRRLQLNPTQA
FFLLVNQHSMVSVSTPIADIYEQEKDEDGFLYMVYASQETFG
;
_entity_poly.pdbx_strand_id                 A 
_entity_poly.pdbx_target_identifier         ? 
# 
loop_
_entity_poly_seq.entity_id 
_entity_poly_seq.num 
_entity_poly_seq.mon_id 
_entity_poly_seq.hetero 
1 1   GLY n 
1 2   SER n 
1 3   MET n 
1 4   PRO n 
1 5   SER n 
1 6   ASP n 
1 7   ARG n 
1 8   PRO n 
1 9   PHE n 
1 10  LYS n 
1 11  GLN n 
1 12  ARG n 
1 13  ARG n 
1 14  SER n 
1 15  PHE n 
1 16  ALA n 
1 17  ASP n 
1 18  ARG n 
1 19  CYS n 
1 20  LYS n 
1 21  GLU n 
1 22  VAL n 
1 23  GLN n 
1 24  GLN n 
1 25  ILE n 
1 26  ARG n 
1 27  ASP n 
1 28  GLN n 
1 29  HIS n 
1 30  PRO n 
1 31  SER n 
1 32  LYS n 
1 33  ILE n 
1 34  PRO n 
1 35  VAL n 
1 36  ILE n 
1 37  ILE n 
1 38  GLU n 
1 39  ARG n 
1 40  TYR n 
1 41  LYS n 
1 42  GLY n 
1 43  GLU n 
1 44  LYS n 
1 45  GLN n 
1 46  LEU n 
1 47  PRO n 
1 48  VAL n 
1 49  LEU n 
1 50  ASP n 
1 51  LYS n 
1 52  THR n 
1 53  LYS n 
1 54  PHE n 
1 55  LEU n 
1 56  VAL n 
1 57  PRO n 
1 58  ASP n 
1 59  HIS n 
1 60  VAL n 
1 61  ASN n 
1 62  MET n 
1 63  SER n 
1 64  GLU n 
1 65  LEU n 
1 66  VAL n 
1 67  LYS n 
1 68  ILE n 
1 69  ILE n 
1 70  ARG n 
1 71  ARG n 
1 72  ARG n 
1 73  LEU n 
1 74  GLN n 
1 75  LEU n 
1 76  ASN n 
1 77  PRO n 
1 78  THR n 
1 79  GLN n 
1 80  ALA n 
1 81  PHE n 
1 82  PHE n 
1 83  LEU n 
1 84  LEU n 
1 85  VAL n 
1 86  ASN n 
1 87  GLN n 
1 88  HIS n 
1 89  SER n 
1 90  MET n 
1 91  VAL n 
1 92  SER n 
1 93  VAL n 
1 94  SER n 
1 95  THR n 
1 96  PRO n 
1 97  ILE n 
1 98  ALA n 
1 99  ASP n 
1 100 ILE n 
1 101 TYR n 
1 102 GLU n 
1 103 GLN n 
1 104 GLU n 
1 105 LYS n 
1 106 ASP n 
1 107 GLU n 
1 108 ASP n 
1 109 GLY n 
1 110 PHE n 
1 111 LEU n 
1 112 TYR n 
1 113 MET n 
1 114 VAL n 
1 115 TYR n 
1 116 ALA n 
1 117 SER n 
1 118 GLN n 
1 119 GLU n 
1 120 THR n 
1 121 PHE n 
1 122 GLY n 
# 
_entity_src_gen.entity_id                          1 
_entity_src_gen.pdbx_src_id                        1 
_entity_src_gen.pdbx_alt_source_flag               sample 
_entity_src_gen.pdbx_seq_type                      'Biological sequence' 
_entity_src_gen.pdbx_beg_seq_num                   1 
_entity_src_gen.pdbx_end_seq_num                   122 
_entity_src_gen.gene_src_common_name               Human 
_entity_src_gen.gene_src_genus                     ? 
_entity_src_gen.pdbx_gene_src_gene                 MAP1LC3A 
_entity_src_gen.gene_src_species                   ? 
_entity_src_gen.gene_src_strain                    ? 
_entity_src_gen.gene_src_tissue                    ? 
_entity_src_gen.gene_src_tissue_fraction           ? 
_entity_src_gen.gene_src_details                   ? 
_entity_src_gen.pdbx_gene_src_fragment             ? 
_entity_src_gen.pdbx_gene_src_scientific_name      'Homo sapiens' 
_entity_src_gen.pdbx_gene_src_ncbi_taxonomy_id     9606 
_entity_src_gen.pdbx_gene_src_variant              ? 
_entity_src_gen.pdbx_gene_src_cell_line            ? 
_entity_src_gen.pdbx_gene_src_atcc                 ? 
_entity_src_gen.pdbx_gene_src_organ                ? 
_entity_src_gen.pdbx_gene_src_organelle            ? 
_entity_src_gen.pdbx_gene_src_cell                 ? 
_entity_src_gen.pdbx_gene_src_cellular_location    ? 
_entity_src_gen.host_org_common_name               ? 
_entity_src_gen.pdbx_host_org_scientific_name      'Escherichia coli' 
_entity_src_gen.pdbx_host_org_ncbi_taxonomy_id     562 
_entity_src_gen.host_org_genus                     ? 
_entity_src_gen.pdbx_host_org_gene                 ? 
_entity_src_gen.pdbx_host_org_organ                ? 
_entity_src_gen.host_org_species                   ? 
_entity_src_gen.pdbx_host_org_tissue               ? 
_entity_src_gen.pdbx_host_org_tissue_fraction      ? 
_entity_src_gen.pdbx_host_org_strain               ? 
_entity_src_gen.pdbx_host_org_variant              ? 
_entity_src_gen.pdbx_host_org_cell_line            ? 
_entity_src_gen.pdbx_host_org_atcc                 ? 
_entity_src_gen.pdbx_host_org_culture_collection   ? 
_entity_src_gen.pdbx_host_org_cell                 ? 
_entity_src_gen.pdbx_host_org_organelle            ? 
_entity_src_gen.pdbx_host_org_cellular_location    ? 
_entity_src_gen.pdbx_host_org_vector_type          ? 
_entity_src_gen.pdbx_host_org_vector               ? 
_entity_src_gen.host_org_details                   ? 
_entity_src_gen.expression_system_id               ? 
_entity_src_gen.plasmid_name                       ? 
_entity_src_gen.plasmid_details                    ? 
_entity_src_gen.pdbx_description                   ? 
# 
_struct_ref.id                         1 
_struct_ref.db_name                    UNP 
_struct_ref.db_code                    MLP3A_HUMAN 
_struct_ref.pdbx_db_accession          Q9H492 
_struct_ref.pdbx_db_isoform            ? 
_struct_ref.entity_id                  1 
_struct_ref.pdbx_seq_one_letter_code   
;MPSDRPFKQRRSFADRCKEVQQIRDQHPSKIPVIIERYKGEKQLPVLDKTKFLVPDHVNMSELVKIIRRRLQLNPTQAFF
LLVNQHSMVSVSTPIADIYEQEKDEDGFLYMVYASQETFG
;
_struct_ref.pdbx_align_begin           1 
# 
_struct_ref_seq.align_id                      1 
_struct_ref_seq.ref_id                        1 
_struct_ref_seq.pdbx_PDB_id_code              7RA0 
_struct_ref_seq.pdbx_strand_id                A 
_struct_ref_seq.seq_align_beg                 3 
_struct_ref_seq.pdbx_seq_align_beg_ins_code   ? 
_struct_ref_seq.seq_align_end                 122 
_struct_ref_seq.pdbx_seq_align_end_ins_code   ? 
_struct_ref_seq.pdbx_db_accession             Q9H492 
_struct_ref_seq.db_align_beg                  1 
_struct_ref_seq.pdbx_db_align_beg_ins_code    ? 
_struct_ref_seq.db_align_end                  120 
_struct_ref_seq.pdbx_db_align_end_ins_code    ? 
_struct_ref_seq.pdbx_auth_seq_align_beg       1 
_struct_ref_seq.pdbx_auth_seq_align_end       120 
# 
loop_
_struct_ref_seq_dif.align_id 
_struct_ref_seq_dif.pdbx_pdb_id_code 
_struct_ref_seq_dif.mon_id 
_struct_ref_seq_dif.pdbx_pdb_strand_id 
_struct_ref_seq_dif.seq_num 
_struct_ref_seq_dif.pdbx_pdb_ins_code 
_struct_ref_seq_dif.pdbx_seq_db_name 
_struct_ref_seq_dif.pdbx_seq_db_accession_code 
_struct_ref_seq_dif.db_mon_id 
_struct_ref_seq_dif.pdbx_seq_db_seq_num 
_struct_ref_seq_dif.details 
_struct_ref_seq_dif.pdbx_auth_seq_num 
_struct_ref_seq_dif.pdbx_ordinal 
1 7RA0 GLY A 1 ? UNP Q9H492 ? ? 'expression tag' -1 1 
1 7RA0 SER A 2 ? UNP Q9H492 ? ? 'expression tag' 0  2 
# 
loop_
_chem_comp.id 
_chem_comp.type 
_chem_comp.mon_nstd_flag 
_chem_comp.name 
_chem_comp.pdbx_synonyms 
_chem_comp.formula 
_chem_comp.formula_weight 
2JI non-polymer         . '(5-ethyl-2-methyl-1H-indol-3-yl)acetic acid' ? 'C13 H15 N O2'   217.264 
ALA 'L-peptide linking' y ALANINE                                       ? 'C3 H7 N O2'     89.093  
ARG 'L-peptide linking' y ARGININE                                      ? 'C6 H15 N4 O2 1' 175.209 
ASN 'L-peptide linking' y ASPARAGINE                                    ? 'C4 H8 N2 O3'    132.118 
ASP 'L-peptide linking' y 'ASPARTIC ACID'                               ? 'C4 H7 N O4'     133.103 
CYS 'L-peptide linking' y CYSTEINE                                      ? 'C3 H7 N O2 S'   121.158 
GLN 'L-peptide linking' y GLUTAMINE                                     ? 'C5 H10 N2 O3'   146.144 
GLU 'L-peptide linking' y 'GLUTAMIC ACID'                               ? 'C5 H9 N O4'     147.129 
GLY 'peptide linking'   y GLYCINE                                       ? 'C2 H5 N O2'     75.067  
HIS 'L-peptide linking' y HISTIDINE                                     ? 'C6 H10 N3 O2 1' 156.162 
HOH non-polymer         . WATER                                         ? 'H2 O'           18.015  
ILE 'L-peptide linking' y ISOLEUCINE                                    ? 'C6 H13 N O2'    131.173 
LEU 'L-peptide linking' y LEUCINE                                       ? 'C6 H13 N O2'    131.173 
LYS 'L-peptide linking' y LYSINE                                        ? 'C6 H15 N2 O2 1' 147.195 
MET 'L-peptide linking' y METHIONINE                                    ? 'C5 H11 N O2 S'  149.211 
PHE 'L-peptide linking' y PHENYLALANINE                                 ? 'C9 H11 N O2'    165.189 
PRO 'L-peptide linking' y PROLINE                                       ? 'C5 H9 N O2'     115.130 
SER 'L-peptide linking' y SERINE                                        ? 'C3 H7 N O3'     105.093 
THR 'L-peptide linking' y THREONINE                                     ? 'C4 H9 N O3'     119.119 
TYR 'L-peptide linking' y TYROSINE                                      ? 'C9 H11 N O3'    181.189 
VAL 'L-peptide linking' y VALINE                                        ? 'C5 H11 N O2'    117.146 
# 
_exptl.absorpt_coefficient_mu     ? 
_exptl.absorpt_correction_T_max   ? 
_exptl.absorpt_correction_T_min   ? 
_exptl.absorpt_correction_type    ? 
_exptl.absorpt_process_details    ? 
_exptl.entry_id                   7RA0 
_exptl.crystals_number            1 
_exptl.details                    ? 
_exptl.method                     'X-RAY DIFFRACTION' 
_exptl.method_details             ? 
# 
_exptl_crystal.colour                      ? 
_exptl_crystal.density_diffrn              ? 
_exptl_crystal.density_Matthews            2.52 
_exptl_crystal.density_method              ? 
_exptl_crystal.density_percent_sol         51.15 
_exptl_crystal.description                 ? 
_exptl_crystal.F_000                       ? 
_exptl_crystal.id                          1 
_exptl_crystal.preparation                 ? 
_exptl_crystal.size_max                    ? 
_exptl_crystal.size_mid                    ? 
_exptl_crystal.size_min                    ? 
_exptl_crystal.size_rad                    ? 
_exptl_crystal.colour_lustre               ? 
_exptl_crystal.colour_modifier             ? 
_exptl_crystal.colour_primary              ? 
_exptl_crystal.density_meas                ? 
_exptl_crystal.density_meas_esd            ? 
_exptl_crystal.density_meas_gt             ? 
_exptl_crystal.density_meas_lt             ? 
_exptl_crystal.density_meas_temp           ? 
_exptl_crystal.density_meas_temp_esd       ? 
_exptl_crystal.density_meas_temp_gt        ? 
_exptl_crystal.density_meas_temp_lt        ? 
_exptl_crystal.pdbx_crystal_image_url      ? 
_exptl_crystal.pdbx_crystal_image_format   ? 
_exptl_crystal.pdbx_mosaicity              ? 
_exptl_crystal.pdbx_mosaicity_esd          ? 
# 
_exptl_crystal_grow.apparatus       ? 
_exptl_crystal_grow.atmosphere      ? 
_exptl_crystal_grow.crystal_id      1 
_exptl_crystal_grow.details         ? 
_exptl_crystal_grow.method          'VAPOR DIFFUSION, HANGING DROP' 
_exptl_crystal_grow.method_ref      ? 
_exptl_crystal_grow.pH              ? 
_exptl_crystal_grow.pressure        ? 
_exptl_crystal_grow.pressure_esd    ? 
_exptl_crystal_grow.seeding         ? 
_exptl_crystal_grow.seeding_ref     ? 
_exptl_crystal_grow.temp            293 
_exptl_crystal_grow.temp_details    ? 
_exptl_crystal_grow.temp_esd        ? 
_exptl_crystal_grow.time            ? 
_exptl_crystal_grow.pdbx_details    '0.2M Sodium formate, 20% PEG 3350' 
_exptl_crystal_grow.pdbx_pH_range   ? 
# 
_diffrn.ambient_environment              ? 
_diffrn.ambient_temp                     100 
_diffrn.ambient_temp_details             ? 
_diffrn.ambient_temp_esd                 ? 
_diffrn.crystal_id                       1 
_diffrn.crystal_support                  ? 
_diffrn.crystal_treatment                ? 
_diffrn.details                          ? 
_diffrn.id                               1 
_diffrn.ambient_pressure                 ? 
_diffrn.ambient_pressure_esd             ? 
_diffrn.ambient_pressure_gt              ? 
_diffrn.ambient_pressure_lt              ? 
_diffrn.ambient_temp_gt                  ? 
_diffrn.ambient_temp_lt                  ? 
_diffrn.pdbx_serial_crystal_experiment   N 
# 
_diffrn_detector.details                      ? 
_diffrn_detector.detector                     PIXEL 
_diffrn_detector.diffrn_id                    1 
_diffrn_detector.type                         'DECTRIS PILATUS 6M' 
_diffrn_detector.area_resol_mean              ? 
_diffrn_detector.dtime                        ? 
_diffrn_detector.pdbx_frames_total            ? 
_diffrn_detector.pdbx_collection_time_total   ? 
_diffrn_detector.pdbx_collection_date         2018-05-02 
_diffrn_detector.pdbx_frequency               ? 
# 
_diffrn_radiation.collimation                      ? 
_diffrn_radiation.diffrn_id                        1 
_diffrn_radiation.filter_edge                      ? 
_diffrn_radiation.inhomogeneity                    ? 
_diffrn_radiation.monochromator                    ? 
_diffrn_radiation.polarisn_norm                    ? 
_diffrn_radiation.polarisn_ratio                   ? 
_diffrn_radiation.probe                            ? 
_diffrn_radiation.type                             ? 
_diffrn_radiation.xray_symbol                      ? 
_diffrn_radiation.wavelength_id                    1 
_diffrn_radiation.pdbx_monochromatic_or_laue_m_l   M 
_diffrn_radiation.pdbx_wavelength_list             ? 
_diffrn_radiation.pdbx_wavelength                  ? 
_diffrn_radiation.pdbx_diffrn_protocol             'SINGLE WAVELENGTH' 
_diffrn_radiation.pdbx_analyzer                    ? 
_diffrn_radiation.pdbx_scattering_type             x-ray 
# 
_diffrn_radiation_wavelength.id           1 
_diffrn_radiation_wavelength.wavelength   1 
_diffrn_radiation_wavelength.wt           1.0 
# 
_diffrn_source.current                     ? 
_diffrn_source.details                     ? 
_diffrn_source.diffrn_id                   1 
_diffrn_source.power                       ? 
_diffrn_source.size                        ? 
_diffrn_source.source                      SYNCHROTRON 
_diffrn_source.target                      ? 
_diffrn_source.type                        'ALS BEAMLINE 5.0.2' 
_diffrn_source.voltage                     ? 
_diffrn_source.take-off_angle              ? 
_diffrn_source.pdbx_wavelength_list        1 
_diffrn_source.pdbx_wavelength             ? 
_diffrn_source.pdbx_synchrotron_beamline   5.0.2 
_diffrn_source.pdbx_synchrotron_site       ALS 
# 
_reflns.B_iso_Wilson_estimate                          19.36 
_reflns.entry_id                                       7RA0 
_reflns.data_reduction_details                         ? 
_reflns.data_reduction_method                          ? 
_reflns.d_resolution_high                              1.36 
_reflns.d_resolution_low                               93.62 
_reflns.details                                        ? 
_reflns.limit_h_max                                    ? 
_reflns.limit_h_min                                    ? 
_reflns.limit_k_max                                    ? 
_reflns.limit_k_min                                    ? 
_reflns.limit_l_max                                    ? 
_reflns.limit_l_min                                    ? 
_reflns.number_all                                     ? 
_reflns.number_obs                                     30883 
_reflns.observed_criterion                             ? 
_reflns.observed_criterion_F_max                       ? 
_reflns.observed_criterion_F_min                       ? 
_reflns.observed_criterion_I_max                       ? 
_reflns.observed_criterion_I_min                       ? 
_reflns.observed_criterion_sigma_F                     ? 
_reflns.observed_criterion_sigma_I                     ? 
_reflns.percent_possible_obs                           100 
_reflns.R_free_details                                 ? 
_reflns.Rmerge_F_all                                   ? 
_reflns.Rmerge_F_obs                                   ? 
_reflns.Friedel_coverage                               ? 
_reflns.number_gt                                      ? 
_reflns.threshold_expression                           ? 
_reflns.pdbx_redundancy                                12.8 
_reflns.pdbx_Rmerge_I_obs                              0.057 
_reflns.pdbx_Rmerge_I_all                              ? 
_reflns.pdbx_Rsym_value                                ? 
_reflns.pdbx_netI_over_av_sigmaI                       ? 
_reflns.pdbx_netI_over_sigmaI                          2.2 
_reflns.pdbx_res_netI_over_av_sigmaI_2                 ? 
_reflns.pdbx_res_netI_over_sigmaI_2                    ? 
_reflns.pdbx_chi_squared                               ? 
_reflns.pdbx_scaling_rejects                           ? 
_reflns.pdbx_d_res_high_opt                            ? 
_reflns.pdbx_d_res_low_opt                             ? 
_reflns.pdbx_d_res_opt_method                          ? 
_reflns.phase_calculation_details                      ? 
_reflns.pdbx_Rrim_I_all                                ? 
_reflns.pdbx_Rpim_I_all                                ? 
_reflns.pdbx_d_opt                                     ? 
_reflns.pdbx_number_measured_all                       ? 
_reflns.pdbx_diffrn_id                                 1 
_reflns.pdbx_ordinal                                   1 
_reflns.pdbx_CC_half                                   ? 
_reflns.pdbx_CC_star                                   ? 
_reflns.pdbx_R_split                                   ? 
_reflns.pdbx_aniso_diffraction_limit_axis_1_ortho[1]   ? 
_reflns.pdbx_aniso_diffraction_limit_axis_1_ortho[2]   ? 
_reflns.pdbx_aniso_diffraction_limit_axis_1_ortho[3]   ? 
_reflns.pdbx_aniso_diffraction_limit_axis_2_ortho[1]   ? 
_reflns.pdbx_aniso_diffraction_limit_axis_2_ortho[2]   ? 
_reflns.pdbx_aniso_diffraction_limit_axis_2_ortho[3]   ? 
_reflns.pdbx_aniso_diffraction_limit_axis_3_ortho[1]   ? 
_reflns.pdbx_aniso_diffraction_limit_axis_3_ortho[2]   ? 
_reflns.pdbx_aniso_diffraction_limit_axis_3_ortho[3]   ? 
_reflns.pdbx_aniso_diffraction_limit_1                 ? 
_reflns.pdbx_aniso_diffraction_limit_2                 ? 
_reflns.pdbx_aniso_diffraction_limit_3                 ? 
_reflns.pdbx_aniso_B_tensor_eigenvector_1_ortho[1]     ? 
_reflns.pdbx_aniso_B_tensor_eigenvector_1_ortho[2]     ? 
_reflns.pdbx_aniso_B_tensor_eigenvector_1_ortho[3]     ? 
_reflns.pdbx_aniso_B_tensor_eigenvector_2_ortho[1]     ? 
_reflns.pdbx_aniso_B_tensor_eigenvector_2_ortho[2]     ? 
_reflns.pdbx_aniso_B_tensor_eigenvector_2_ortho[3]     ? 
_reflns.pdbx_aniso_B_tensor_eigenvector_3_ortho[1]     ? 
_reflns.pdbx_aniso_B_tensor_eigenvector_3_ortho[2]     ? 
_reflns.pdbx_aniso_B_tensor_eigenvector_3_ortho[3]     ? 
_reflns.pdbx_aniso_B_tensor_eigenvalue_1               ? 
_reflns.pdbx_aniso_B_tensor_eigenvalue_2               ? 
_reflns.pdbx_aniso_B_tensor_eigenvalue_3               ? 
_reflns.pdbx_orthogonalization_convention              ? 
_reflns.pdbx_percent_possible_ellipsoidal              ? 
_reflns.pdbx_percent_possible_spherical                ? 
_reflns.pdbx_percent_possible_ellipsoidal_anomalous    ? 
_reflns.pdbx_percent_possible_spherical_anomalous      ? 
_reflns.pdbx_redundancy_anomalous                      ? 
_reflns.pdbx_CC_half_anomalous                         ? 
_reflns.pdbx_absDiff_over_sigma_anomalous              ? 
_reflns.pdbx_percent_possible_anomalous                ? 
_reflns.pdbx_observed_signal_threshold                 ? 
_reflns.pdbx_signal_type                               ? 
_reflns.pdbx_signal_details                            ? 
_reflns.pdbx_signal_software_id                        ? 
# 
_reflns_shell.d_res_high                                    1.36 
_reflns_shell.d_res_low                                     1.38 
_reflns_shell.meanI_over_sigI_all                           ? 
_reflns_shell.meanI_over_sigI_obs                           ? 
_reflns_shell.number_measured_all                           ? 
_reflns_shell.number_measured_obs                           ? 
_reflns_shell.number_possible                               ? 
_reflns_shell.number_unique_all                             ? 
_reflns_shell.number_unique_obs                             3046 
_reflns_shell.percent_possible_all                          ? 
_reflns_shell.percent_possible_obs                          ? 
_reflns_shell.Rmerge_F_all                                  ? 
_reflns_shell.Rmerge_F_obs                                  ? 
_reflns_shell.Rmerge_I_all                                  ? 
_reflns_shell.Rmerge_I_obs                                  1.217 
_reflns_shell.meanI_over_sigI_gt                            ? 
_reflns_shell.meanI_over_uI_all                             ? 
_reflns_shell.meanI_over_uI_gt                              ? 
_reflns_shell.number_measured_gt                            ? 
_reflns_shell.number_unique_gt                              ? 
_reflns_shell.percent_possible_gt                           ? 
_reflns_shell.Rmerge_F_gt                                   ? 
_reflns_shell.Rmerge_I_gt                                   ? 
_reflns_shell.pdbx_redundancy                               ? 
_reflns_shell.pdbx_Rsym_value                               ? 
_reflns_shell.pdbx_chi_squared                              ? 
_reflns_shell.pdbx_netI_over_sigmaI_all                     ? 
_reflns_shell.pdbx_netI_over_sigmaI_obs                     ? 
_reflns_shell.pdbx_Rrim_I_all                               ? 
_reflns_shell.pdbx_Rpim_I_all                               ? 
_reflns_shell.pdbx_rejects                                  ? 
_reflns_shell.pdbx_ordinal                                  1 
_reflns_shell.pdbx_diffrn_id                                1 
_reflns_shell.pdbx_CC_half                                  ? 
_reflns_shell.pdbx_CC_star                                  ? 
_reflns_shell.pdbx_R_split                                  ? 
_reflns_shell.pdbx_percent_possible_ellipsoidal             ? 
_reflns_shell.pdbx_percent_possible_spherical               ? 
_reflns_shell.pdbx_percent_possible_ellipsoidal_anomalous   ? 
_reflns_shell.pdbx_percent_possible_spherical_anomalous     ? 
_reflns_shell.pdbx_redundancy_anomalous                     ? 
_reflns_shell.pdbx_CC_half_anomalous                        ? 
_reflns_shell.pdbx_absDiff_over_sigma_anomalous             ? 
_reflns_shell.pdbx_percent_possible_anomalous               ? 
# 
_refine.aniso_B[1][1]                            ? 
_refine.aniso_B[1][2]                            ? 
_refine.aniso_B[1][3]                            ? 
_refine.aniso_B[2][2]                            ? 
_refine.aniso_B[2][3]                            ? 
_refine.aniso_B[3][3]                            ? 
_refine.B_iso_max                                ? 
_refine.B_iso_mean                               29.04 
_refine.B_iso_min                                ? 
_refine.correlation_coeff_Fo_to_Fc               ? 
_refine.correlation_coeff_Fo_to_Fc_free          ? 
_refine.details                                  ? 
_refine.diff_density_max                         ? 
_refine.diff_density_max_esd                     ? 
_refine.diff_density_min                         ? 
_refine.diff_density_min_esd                     ? 
_refine.diff_density_rms                         ? 
_refine.diff_density_rms_esd                     ? 
_refine.entry_id                                 7RA0 
_refine.pdbx_refine_id                           'X-RAY DIFFRACTION' 
_refine.ls_abs_structure_details                 ? 
_refine.ls_abs_structure_Flack                   ? 
_refine.ls_abs_structure_Flack_esd               ? 
_refine.ls_abs_structure_Rogers                  ? 
_refine.ls_abs_structure_Rogers_esd              ? 
_refine.ls_d_res_high                            1.36 
_refine.ls_d_res_low                             33.10 
_refine.ls_extinction_coef                       ? 
_refine.ls_extinction_coef_esd                   ? 
_refine.ls_extinction_expression                 ? 
_refine.ls_extinction_method                     ? 
_refine.ls_goodness_of_fit_all                   ? 
_refine.ls_goodness_of_fit_all_esd               ? 
_refine.ls_goodness_of_fit_obs                   ? 
_refine.ls_goodness_of_fit_obs_esd               ? 
_refine.ls_hydrogen_treatment                    ? 
_refine.ls_matrix_type                           ? 
_refine.ls_number_constraints                    ? 
_refine.ls_number_parameters                     ? 
_refine.ls_number_reflns_all                     ? 
_refine.ls_number_reflns_obs                     30883 
_refine.ls_number_reflns_R_free                  2004 
_refine.ls_number_reflns_R_work                  28879 
_refine.ls_number_restraints                     ? 
_refine.ls_percent_reflns_obs                    99.98 
_refine.ls_percent_reflns_R_free                 6.49 
_refine.ls_R_factor_all                          ? 
_refine.ls_R_factor_obs                          0.1931 
_refine.ls_R_factor_R_free                       0.2011 
_refine.ls_R_factor_R_free_error                 ? 
_refine.ls_R_factor_R_free_error_details         ? 
_refine.ls_R_factor_R_work                       0.1926 
_refine.ls_R_Fsqd_factor_obs                     ? 
_refine.ls_R_I_factor_obs                        ? 
_refine.ls_redundancy_reflns_all                 ? 
_refine.ls_redundancy_reflns_obs                 ? 
_refine.ls_restrained_S_all                      ? 
_refine.ls_restrained_S_obs                      ? 
_refine.ls_shift_over_esd_max                    ? 
_refine.ls_shift_over_esd_mean                   ? 
_refine.ls_structure_factor_coef                 ? 
_refine.ls_weighting_details                     ? 
_refine.ls_weighting_scheme                      ? 
_refine.ls_wR_factor_all                         ? 
_refine.ls_wR_factor_obs                         ? 
_refine.ls_wR_factor_R_free                      ? 
_refine.ls_wR_factor_R_work                      ? 
_refine.occupancy_max                            ? 
_refine.occupancy_min                            ? 
_refine.solvent_model_details                    'FLAT BULK SOLVENT MODEL' 
_refine.solvent_model_param_bsol                 ? 
_refine.solvent_model_param_ksol                 ? 
_refine.pdbx_R_complete                          ? 
_refine.ls_R_factor_gt                           ? 
_refine.ls_goodness_of_fit_gt                    ? 
_refine.ls_goodness_of_fit_ref                   ? 
_refine.ls_shift_over_su_max                     ? 
_refine.ls_shift_over_su_max_lt                  ? 
_refine.ls_shift_over_su_mean                    ? 
_refine.ls_shift_over_su_mean_lt                 ? 
_refine.pdbx_ls_sigma_I                          ? 
_refine.pdbx_ls_sigma_F                          1.37 
_refine.pdbx_ls_sigma_Fsqd                       ? 
_refine.pdbx_data_cutoff_high_absF               ? 
_refine.pdbx_data_cutoff_high_rms_absF           ? 
_refine.pdbx_data_cutoff_low_absF                ? 
_refine.pdbx_isotropic_thermal_model             ? 
_refine.pdbx_ls_cross_valid_method               'FREE R-VALUE' 
_refine.pdbx_method_to_determine_struct          'MOLECULAR REPLACEMENT' 
_refine.pdbx_starting_model                      3WAL 
_refine.pdbx_stereochemistry_target_values       'GeoStd + Monomer Library + CDL v1.2' 
_refine.pdbx_R_Free_selection_details            ? 
_refine.pdbx_stereochem_target_val_spec_case     ? 
_refine.pdbx_overall_ESU_R                       ? 
_refine.pdbx_overall_ESU_R_Free                  ? 
_refine.pdbx_solvent_vdw_probe_radii             1.1100 
_refine.pdbx_solvent_ion_probe_radii             ? 
_refine.pdbx_solvent_shrinkage_radii             0.9000 
_refine.pdbx_real_space_R                        ? 
_refine.pdbx_density_correlation                 ? 
_refine.pdbx_pd_number_of_powder_patterns        ? 
_refine.pdbx_pd_number_of_points                 ? 
_refine.pdbx_pd_meas_number_of_points            ? 
_refine.pdbx_pd_proc_ls_prof_R_factor            ? 
_refine.pdbx_pd_proc_ls_prof_wR_factor           ? 
_refine.pdbx_pd_Marquardt_correlation_coeff      ? 
_refine.pdbx_pd_Fsqrd_R_factor                   ? 
_refine.pdbx_pd_ls_matrix_band_width             ? 
_refine.pdbx_overall_phase_error                 23.0043 
_refine.pdbx_overall_SU_R_free_Cruickshank_DPI   ? 
_refine.pdbx_overall_SU_R_free_Blow_DPI          ? 
_refine.pdbx_overall_SU_R_Blow_DPI               ? 
_refine.pdbx_TLS_residual_ADP_flag               ? 
_refine.pdbx_diffrn_id                           1 
_refine.overall_SU_B                             ? 
_refine.overall_SU_ML                            0.1367 
_refine.overall_SU_R_Cruickshank_DPI             ? 
_refine.overall_SU_R_free                        ? 
_refine.overall_FOM_free_R_set                   ? 
_refine.overall_FOM_work_R_set                   ? 
_refine.pdbx_average_fsc_overall                 ? 
_refine.pdbx_average_fsc_work                    ? 
_refine.pdbx_average_fsc_free                    ? 
# 
_refine_hist.pdbx_refine_id                   'X-RAY DIFFRACTION' 
_refine_hist.cycle_id                         LAST 
_refine_hist.details                          ? 
_refine_hist.d_res_high                       1.36 
_refine_hist.d_res_low                        33.10 
_refine_hist.number_atoms_solvent             114 
_refine_hist.number_atoms_total               1103 
_refine_hist.number_reflns_all                ? 
_refine_hist.number_reflns_obs                ? 
_refine_hist.number_reflns_R_free             ? 
_refine_hist.number_reflns_R_work             ? 
_refine_hist.R_factor_all                     ? 
_refine_hist.R_factor_obs                     ? 
_refine_hist.R_factor_R_free                  ? 
_refine_hist.R_factor_R_work                  ? 
_refine_hist.pdbx_number_residues_total       ? 
_refine_hist.pdbx_B_iso_mean_ligand           ? 
_refine_hist.pdbx_B_iso_mean_solvent          ? 
_refine_hist.pdbx_number_atoms_protein        957 
_refine_hist.pdbx_number_atoms_nucleic_acid   0 
_refine_hist.pdbx_number_atoms_ligand         32 
_refine_hist.pdbx_number_atoms_lipid          ? 
_refine_hist.pdbx_number_atoms_carb           ? 
_refine_hist.pdbx_pseudo_atom_details         ? 
# 
loop_
_refine_ls_restr.pdbx_refine_id 
_refine_ls_restr.criterion 
_refine_ls_restr.dev_ideal 
_refine_ls_restr.dev_ideal_target 
_refine_ls_restr.number 
_refine_ls_restr.rejects 
_refine_ls_restr.type 
_refine_ls_restr.weight 
_refine_ls_restr.pdbx_restraint_function 
'X-RAY DIFFRACTION' ? 0.0054  ? 1031 ? f_bond_d           ? ? 
'X-RAY DIFFRACTION' ? 0.8880  ? 1397 ? f_angle_d          ? ? 
'X-RAY DIFFRACTION' ? 0.0854  ? 149  ? f_chiral_restr     ? ? 
'X-RAY DIFFRACTION' ? 0.0051  ? 183  ? f_plane_restr      ? ? 
'X-RAY DIFFRACTION' ? 19.2104 ? 405  ? f_dihedral_angle_d ? ? 
# 
loop_
_refine_ls_shell.pdbx_refine_id 
_refine_ls_shell.d_res_high 
_refine_ls_shell.d_res_low 
_refine_ls_shell.number_reflns_all 
_refine_ls_shell.number_reflns_obs 
_refine_ls_shell.number_reflns_R_free 
_refine_ls_shell.number_reflns_R_work 
_refine_ls_shell.percent_reflns_obs 
_refine_ls_shell.percent_reflns_R_free 
_refine_ls_shell.R_factor_all 
_refine_ls_shell.R_factor_obs 
_refine_ls_shell.R_factor_R_free 
_refine_ls_shell.R_factor_R_free_error 
_refine_ls_shell.R_factor_R_work 
_refine_ls_shell.redundancy_reflns_all 
_refine_ls_shell.redundancy_reflns_obs 
_refine_ls_shell.wR_factor_all 
_refine_ls_shell.wR_factor_obs 
_refine_ls_shell.wR_factor_R_free 
_refine_ls_shell.wR_factor_R_work 
_refine_ls_shell.pdbx_R_complete 
_refine_ls_shell.pdbx_total_number_of_bins_used 
_refine_ls_shell.pdbx_phase_error 
_refine_ls_shell.pdbx_fsc_work 
_refine_ls_shell.pdbx_fsc_free 
'X-RAY DIFFRACTION' 1.36 1.39  . . 141 2056 99.95  . . . 0.3224 . 0.2972 . . . . . . . . . . . 
'X-RAY DIFFRACTION' 1.39 1.43  . . 141 2034 100.00 . . . 0.2524 . 0.2698 . . . . . . . . . . . 
'X-RAY DIFFRACTION' 1.43 1.47  . . 142 2048 100.00 . . . 0.2715 . 0.2479 . . . . . . . . . . . 
'X-RAY DIFFRACTION' 1.47 1.52  . . 140 2036 100.00 . . . 0.2473 . 0.2306 . . . . . . . . . . . 
'X-RAY DIFFRACTION' 1.52 1.58  . . 145 2068 100.00 . . . 0.2035 . 0.2122 . . . . . . . . . . . 
'X-RAY DIFFRACTION' 1.58 1.64  . . 142 2028 100.00 . . . 0.2354 . 0.2135 . . . . . . . . . . . 
'X-RAY DIFFRACTION' 1.64 1.71  . . 142 2068 100.00 . . . 0.2279 . 0.2119 . . . . . . . . . . . 
'X-RAY DIFFRACTION' 1.71 1.80  . . 141 2050 100.00 . . . 0.2243 . 0.2149 . . . . . . . . . . . 
'X-RAY DIFFRACTION' 1.80 1.92  . . 146 2057 100.00 . . . 0.2162 . 0.2088 . . . . . . . . . . . 
'X-RAY DIFFRACTION' 1.92 2.06  . . 146 2075 100.00 . . . 0.1999 . 0.1983 . . . . . . . . . . . 
'X-RAY DIFFRACTION' 2.07 2.27  . . 140 2040 99.91  . . . 0.2158 . 0.1948 . . . . . . . . . . . 
'X-RAY DIFFRACTION' 2.27 2.60  . . 144 2088 100.00 . . . 0.2128 . 0.2030 . . . . . . . . . . . 
'X-RAY DIFFRACTION' 2.60 3.28  . . 144 2086 100.00 . . . 0.1996 . 0.1959 . . . . . . . . . . . 
'X-RAY DIFFRACTION' 3.28 33.10 . . 150 2145 99.91  . . . 0.1694 . 0.1622 . . . . . . . . . . . 
# 
_struct.entry_id                     7RA0 
_struct.title                        'LC3A in complex with Fragment 2-10' 
_struct.pdbx_model_details           ? 
_struct.pdbx_formula_weight          ? 
_struct.pdbx_formula_weight_method   ? 
_struct.pdbx_model_type_details      ? 
_struct.pdbx_CASP_flag               N 
# 
_struct_keywords.entry_id        7RA0 
_struct_keywords.text            'mAtg8, autophagy, HYDROLASE' 
_struct_keywords.pdbx_keywords   HYDROLASE 
# 
loop_
_struct_asym.id 
_struct_asym.pdbx_blank_PDB_chainid_flag 
_struct_asym.pdbx_modified 
_struct_asym.entity_id 
_struct_asym.details 
A N N 1 ? 
B N N 2 ? 
C N N 2 ? 
D N N 3 ? 
# 
loop_
_struct_conf.conf_type_id 
_struct_conf.id 
_struct_conf.pdbx_PDB_helix_id 
_struct_conf.beg_label_comp_id 
_struct_conf.beg_label_asym_id 
_struct_conf.beg_label_seq_id 
_struct_conf.pdbx_beg_PDB_ins_code 
_struct_conf.end_label_comp_id 
_struct_conf.end_label_asym_id 
_struct_conf.end_label_seq_id 
_struct_conf.pdbx_end_PDB_ins_code 
_struct_conf.beg_auth_comp_id 
_struct_conf.beg_auth_asym_id 
_struct_conf.beg_auth_seq_id 
_struct_conf.end_auth_comp_id 
_struct_conf.end_auth_asym_id 
_struct_conf.end_auth_seq_id 
_struct_conf.pdbx_PDB_helix_class 
_struct_conf.details 
_struct_conf.pdbx_PDB_helix_length 
HELX_P HELX_P1 AA1 PRO A 8  ? ARG A 13  ? PRO A 6  ARG A 11  1 ? 6  
HELX_P HELX_P2 AA2 SER A 14 ? HIS A 29  ? SER A 12 HIS A 27  1 ? 16 
HELX_P HELX_P3 AA3 ASN A 61 ? GLN A 74  ? ASN A 59 GLN A 72  1 ? 14 
HELX_P HELX_P4 AA4 PRO A 96 ? LYS A 105 ? PRO A 94 LYS A 103 1 ? 10 
# 
_struct_conf_type.id          HELX_P 
_struct_conf_type.criteria    ? 
_struct_conf_type.reference   ? 
# 
_struct_sheet.id               AA1 
_struct_sheet.type             ? 
_struct_sheet.number_strands   5 
_struct_sheet.details          ? 
# 
loop_
_struct_sheet_order.sheet_id 
_struct_sheet_order.range_id_1 
_struct_sheet_order.range_id_2 
_struct_sheet_order.offset 
_struct_sheet_order.sense 
AA1 1 2 ? anti-parallel 
AA1 2 3 ? parallel      
AA1 3 4 ? anti-parallel 
AA1 4 5 ? anti-parallel 
# 
loop_
_struct_sheet_range.sheet_id 
_struct_sheet_range.id 
_struct_sheet_range.beg_label_comp_id 
_struct_sheet_range.beg_label_asym_id 
_struct_sheet_range.beg_label_seq_id 
_struct_sheet_range.pdbx_beg_PDB_ins_code 
_struct_sheet_range.end_label_comp_id 
_struct_sheet_range.end_label_asym_id 
_struct_sheet_range.end_label_seq_id 
_struct_sheet_range.pdbx_end_PDB_ins_code 
_struct_sheet_range.beg_auth_comp_id 
_struct_sheet_range.beg_auth_asym_id 
_struct_sheet_range.beg_auth_seq_id 
_struct_sheet_range.end_auth_comp_id 
_struct_sheet_range.end_auth_asym_id 
_struct_sheet_range.end_auth_seq_id 
AA1 1 LYS A 53  ? PRO A 57  ? LYS A 51  PRO A 55  
AA1 2 LYS A 32  ? ARG A 39  ? LYS A 30  ARG A 37  
AA1 3 LEU A 111 ? ALA A 116 ? LEU A 109 ALA A 114 
AA1 4 PHE A 82  ? VAL A 85  ? PHE A 80  VAL A 83  
AA1 5 HIS A 88  ? SER A 89  ? HIS A 86  SER A 87  
# 
loop_
_pdbx_struct_sheet_hbond.sheet_id 
_pdbx_struct_sheet_hbond.range_id_1 
_pdbx_struct_sheet_hbond.range_id_2 
_pdbx_struct_sheet_hbond.range_1_label_atom_id 
_pdbx_struct_sheet_hbond.range_1_label_comp_id 
_pdbx_struct_sheet_hbond.range_1_label_asym_id 
_pdbx_struct_sheet_hbond.range_1_label_seq_id 
_pdbx_struct_sheet_hbond.range_1_PDB_ins_code 
_pdbx_struct_sheet_hbond.range_1_auth_atom_id 
_pdbx_struct_sheet_hbond.range_1_auth_comp_id 
_pdbx_struct_sheet_hbond.range_1_auth_asym_id 
_pdbx_struct_sheet_hbond.range_1_auth_seq_id 
_pdbx_struct_sheet_hbond.range_2_label_atom_id 
_pdbx_struct_sheet_hbond.range_2_label_comp_id 
_pdbx_struct_sheet_hbond.range_2_label_asym_id 
_pdbx_struct_sheet_hbond.range_2_label_seq_id 
_pdbx_struct_sheet_hbond.range_2_PDB_ins_code 
_pdbx_struct_sheet_hbond.range_2_auth_atom_id 
_pdbx_struct_sheet_hbond.range_2_auth_comp_id 
_pdbx_struct_sheet_hbond.range_2_auth_asym_id 
_pdbx_struct_sheet_hbond.range_2_auth_seq_id 
AA1 1 2 O VAL A 56  ? O VAL A 54  N ILE A 33  ? N ILE A 31  
AA1 2 3 N ILE A 36  ? N ILE A 34  O MET A 113 ? O MET A 111 
AA1 3 4 O VAL A 114 ? O VAL A 112 N LEU A 84  ? N LEU A 82  
AA1 4 5 N VAL A 85  ? N VAL A 83  O HIS A 88  ? O HIS A 86  
# 
_atom_sites.entry_id                    7RA0 
_atom_sites.Cartn_transf_matrix[1][1]   ? 
_atom_sites.Cartn_transf_matrix[1][2]   ? 
_atom_sites.Cartn_transf_matrix[1][3]   ? 
_atom_sites.Cartn_transf_matrix[2][1]   ? 
_atom_sites.Cartn_transf_matrix[2][2]   ? 
_atom_sites.Cartn_transf_matrix[2][3]   ? 
_atom_sites.Cartn_transf_matrix[3][1]   ? 
_atom_sites.Cartn_transf_matrix[3][2]   ? 
_atom_sites.Cartn_transf_matrix[3][3]   ? 
_atom_sites.Cartn_transf_vector[1]      ? 
_atom_sites.Cartn_transf_vector[2]      ? 
_atom_sites.Cartn_transf_vector[3]      ? 
_atom_sites.fract_transf_matrix[1][1]   0.00300322 
_atom_sites.fract_transf_matrix[1][2]   -0.00769669 
_atom_sites.fract_transf_matrix[1][3]   0.00676944 
_atom_sites.fract_transf_matrix[2][1]   -0.00538205 
_atom_sites.fract_transf_matrix[2][2]   -0.00718746 
_atom_sites.fract_transf_matrix[2][3]   -0.00578426 
_atom_sites.fract_transf_matrix[3][1]   0.02486756 
_atom_sites.fract_transf_matrix[3][2]   -0.00508751 
_atom_sites.fract_transf_matrix[3][3]   -0.01681672 
_atom_sites.fract_transf_vector[1]      -0.136755 
_atom_sites.fract_transf_vector[2]      -0.058750 
_atom_sites.fract_transf_vector[3]      0.066057 
_atom_sites.solution_primary            ? 
_atom_sites.solution_secondary          ? 
_atom_sites.solution_hydrogens          ? 
_atom_sites.special_details             ? 
# 
loop_
_atom_type.symbol 
_atom_type.scat_dispersion_real 
_atom_type.scat_dispersion_imag 
_atom_type.scat_Cromer_Mann_a1 
_atom_type.scat_Cromer_Mann_a2 
_atom_type.scat_Cromer_Mann_a3 
_atom_type.scat_Cromer_Mann_a4 
_atom_type.scat_Cromer_Mann_b1 
_atom_type.scat_Cromer_Mann_b2 
_atom_type.scat_Cromer_Mann_b3 
_atom_type.scat_Cromer_Mann_b4 
_atom_type.scat_Cromer_Mann_c 
_atom_type.scat_source 
_atom_type.scat_dispersion_source 
C ? ? 3.54356 2.42580 ? ? 25.62398 1.50364  ? ? 0.0 
;2-Gaussian fit: Grosse-Kunstleve RW, Sauter NK, Adams PD: Newsletter of the IUCr Commission on Crystallographic Computing 2004, 3, 22-31.
;
? 
N ? ? 4.01032 2.96436 ? ? 19.97189 1.75589  ? ? 0.0 
;2-Gaussian fit: Grosse-Kunstleve RW, Sauter NK, Adams PD: Newsletter of the IUCr Commission on Crystallographic Computing 2004, 3, 22-31.
;
? 
O ? ? 4.49882 3.47563 ? ? 15.80542 1.70748  ? ? 0.0 
;2-Gaussian fit: Grosse-Kunstleve RW, Sauter NK, Adams PD: Newsletter of the IUCr Commission on Crystallographic Computing 2004, 3, 22-31.
;
? 
S ? ? 9.55732 6.39887 ? ? 1.23737  29.19336 ? ? 0.0 
;2-Gaussian fit: Grosse-Kunstleve RW, Sauter NK, Adams PD: Newsletter of the IUCr Commission on Crystallographic Computing 2004, 3, 22-31.
;
? 
# 
loop_
_atom_site.group_PDB 
_atom_site.id 
_atom_site.type_symbol 
_atom_site.label_atom_id 
_atom_site.label_alt_id 
_atom_site.label_comp_id 
_atom_site.label_asym_id 
_atom_site.label_entity_id 
_atom_site.label_seq_id 
_atom_site.pdbx_PDB_ins_code 
_atom_site.Cartn_x 
_atom_site.Cartn_y 
_atom_site.Cartn_z 
_atom_site.occupancy 
_atom_site.B_iso_or_equiv 
_atom_site.pdbx_formal_charge 
_atom_site.auth_seq_id 
_atom_site.auth_comp_id 
_atom_site.auth_asym_id 
_atom_site.auth_atom_id 
_atom_site.pdbx_PDB_model_num 
ATOM   1    N N   . ASP A 1 6   ? 2.15644   -8.08550  -13.85510 1.000 61.12000 ? 4   ASP A N   1 
ATOM   2    C CA  . ASP A 1 6   ? 1.06366   -9.03400  -13.66138 1.000 68.33000 ? 4   ASP A CA  1 
ATOM   3    C C   . ASP A 1 6   ? 1.26647   -9.72065  -12.31364 1.000 60.26000 ? 4   ASP A C   1 
ATOM   4    O O   . ASP A 1 6   ? 0.41328   -9.63115  -11.42786 1.000 55.42000 ? 4   ASP A O   1 
ATOM   5    C CB  . ASP A 1 6   ? 1.03826   -10.05966 -14.80996 1.000 77.18000 ? 4   ASP A CB  1 
ATOM   6    C CG  . ASP A 1 6   ? 0.02275   -11.19181 -14.60214 1.000 84.69000 ? 4   ASP A CG  1 
ATOM   7    O OD1 . ASP A 1 6   ? -0.51454  -11.38254 -13.49035 1.000 86.94000 ? 4   ASP A OD1 1 
ATOM   8    O OD2 . ASP A 1 6   ? -0.25677  -11.89663 -15.59348 1.000 92.17000 ? 4   ASP A OD2 1 
ATOM   9    N N   . ARG A 1 7   ? 2.39242   -10.41140 -12.17060 1.000 53.60000 ? 5   ARG A N   1 
ATOM   10   C CA  . ARG A 1 7   ? 2.63749   -11.18178 -10.96679 1.000 42.41000 ? 5   ARG A CA  1 
ATOM   11   C C   . ARG A 1 7   ? 2.81091   -10.25870 -9.76384  1.000 31.72000 ? 5   ARG A C   1 
ATOM   12   O O   . ARG A 1 7   ? 3.26342   -9.11816  -9.90326  1.000 33.79000 ? 5   ARG A O   1 
ATOM   13   C CB  . ARG A 1 7   ? 3.89137   -12.03316 -11.13096 1.000 41.22000 ? 5   ARG A CB  1 
ATOM   14   C CG  . ARG A 1 7   ? 3.68087   -13.27088 -11.97307 1.000 50.40000 ? 5   ARG A CG  1 
ATOM   15   C CD  . ARG A 1 7   ? 4.85711   -14.21188 -11.84654 1.000 54.70000 ? 5   ARG A CD  1 
ATOM   16   N NE  . ARG A 1 7   ? 5.64616   -14.27559 -13.07215 1.000 71.23000 ? 5   ARG A NE  1 
ATOM   17   C CZ  . ARG A 1 7   ? 5.25664   -14.88567 -14.18782 1.000 76.19000 ? 5   ARG A CZ  1 
ATOM   18   N NH1 . ARG A 1 7   ? 4.08086   -15.50024 -14.24503 1.000 75.52000 ? 5   ARG A NH1 1 
ATOM   19   N NH2 . ARG A 1 7   ? 6.04979   -14.88547 -15.25108 1.000 77.75000 ? 5   ARG A NH2 1 
ATOM   20   N N   . PRO A 1 8   ? 2.47206   -10.74035 -8.56753  1.000 26.19000 ? 6   PRO A N   1 
ATOM   21   C CA  . PRO A 1 8   ? 2.65304   -9.92396  -7.36459  1.000 24.80000 ? 6   PRO A CA  1 
ATOM   22   C C   . PRO A 1 8   ? 4.11537   -9.56780  -7.14767  1.000 21.41000 ? 6   PRO A C   1 
ATOM   23   O O   . PRO A 1 8   ? 5.02920   -10.26517 -7.60598  1.000 22.06000 ? 6   PRO A O   1 
ATOM   24   C CB  . PRO A 1 8   ? 2.14163   -10.83037 -6.23701  1.000 29.27000 ? 6   PRO A CB  1 
ATOM   25   C CG  . PRO A 1 8   ? 1.28186   -11.83411 -6.90056  1.000 30.35000 ? 6   PRO A CG  1 
ATOM   26   C CD  . PRO A 1 8   ? 1.84517   -12.03898 -8.26699  1.000 28.14000 ? 6   PRO A CD  1 
ATOM   27   N N   . PHE A 1 9   ? 4.32648   -8.46485  -6.43225  1.000 20.95000 ? 7   PHE A N   1 
ATOM   28   C CA  . PHE A 1 9   ? 5.66906   -7.97862  -6.15474  1.000 18.57000 ? 7   PHE A CA  1 
ATOM   29   C C   . PHE A 1 9   ? 6.56818   -9.05792  -5.55604  1.000 18.75000 ? 7   PHE A C   1 
ATOM   30   O O   . PHE A 1 9   ? 7.73951   -9.18257  -5.94445  1.000 18.19000 ? 7   PHE A O   1 
ATOM   31   C CB  . PHE A 1 9   ? 5.55295   -6.77586  -5.22011  1.000 19.46000 ? 7   PHE A CB  1 
ATOM   32   C CG  . PHE A 1 9   ? 6.86011   -6.13056  -4.88016  1.000 18.44000 ? 7   PHE A CG  1 
ATOM   33   C CD1 . PHE A 1 9   ? 7.59168   -5.45142  -5.84155  1.000 21.44000 ? 7   PHE A CD1 1 
ATOM   34   C CD2 . PHE A 1 9   ? 7.35252   -6.16883  -3.58639  1.000 17.59000 ? 7   PHE A CD2 1 
ATOM   35   C CE1 . PHE A 1 9   ? 8.80395   -4.84139  -5.51536  1.000 23.21000 ? 7   PHE A CE1 1 
ATOM   36   C CE2 . PHE A 1 9   ? 8.54483   -5.56391  -3.25559  1.000 20.19000 ? 7   PHE A CE2 1 
ATOM   37   C CZ  . PHE A 1 9   ? 9.27795   -4.89273  -4.21408  1.000 20.41000 ? 7   PHE A CZ  1 
ATOM   38   N N   . LYS A 1 10  ? 6.05277   -9.83676  -4.59248  1.000 18.62000 ? 8   LYS A N   1 
ATOM   39   C CA  . LYS A 1 10  ? 6.90612   -10.84139 -3.96273  1.000 20.46000 ? 8   LYS A CA  1 
ATOM   40   C C   . LYS A 1 10  ? 7.27413   -11.97449 -4.90624  1.000 20.91000 ? 8   LYS A C   1 
ATOM   41   O O   . LYS A 1 10  ? 8.21878   -12.71679 -4.62461  1.000 22.91000 ? 8   LYS A O   1 
ATOM   42   C CB  . LYS A 1 10  ? 6.25103   -11.41341 -2.70519  1.000 19.03000 ? 8   LYS A CB  1 
ATOM   43   C CG  . LYS A 1 10  ? 6.24659   -10.43200 -1.53847  1.000 20.37000 ? 8   LYS A CG  1 
ATOM   44   C CD  . LYS A 1 10  ? 5.73470   -11.15286 -0.29755  1.000 22.24000 ? 8   LYS A CD  1 
ATOM   45   C CE  . LYS A 1 10  ? 5.70596   -10.26308 0.92252   1.000 21.60000 ? 8   LYS A CE  1 
ATOM   46   N NZ  . LYS A 1 10  ? 5.39671   -11.08857 2.13445   1.000 26.55000 ? 8   LYS A NZ  1 
ATOM   47   N N   . GLN A 1 11  ? 6.56945   -12.13327 -6.01431  1.000 19.10000 ? 9   GLN A N   1 
ATOM   48   C CA  . GLN A 1 11  ? 6.97210   -13.12238 -6.99723  1.000 21.48000 ? 9   GLN A CA  1 
ATOM   49   C C   . GLN A 1 11  ? 7.93617   -12.55145 -8.02387  1.000 22.58000 ? 9   GLN A C   1 
ATOM   50   O O   . GLN A 1 11  ? 8.46327   -13.30844 -8.84228  1.000 27.97000 ? 9   GLN A O   1 
ATOM   51   C CB  . GLN A 1 11  ? 5.73713   -13.73740 -7.64879  1.000 24.79000 ? 9   GLN A CB  1 
ATOM   52   C CG  . GLN A 1 11  ? 4.89824   -14.46909 -6.62380  1.000 25.38000 ? 9   GLN A CG  1 
ATOM   53   C CD  . GLN A 1 11  ? 3.63959   -15.03647 -7.19805  1.000 27.23000 ? 9   GLN A CD  1 
ATOM   54   O OE1 . GLN A 1 11  ? 3.59313   -15.41839 -8.36430  1.000 30.79000 ? 9   GLN A OE1 1 
ATOM   55   N NE2 . GLN A 1 11  ? 2.60027   -15.10097 -6.37797  1.000 27.04000 ? 9   GLN A NE2 1 
ATOM   56   N N   . ARG A 1 12  ? 8.21370   -11.25248 -7.97023  1.000 22.59000 ? 10  ARG A N   1 
ATOM   57   C CA  . ARG A 1 12  ? 9.15714   -10.60934 -8.87720  1.000 23.19000 ? 10  ARG A CA  1 
ATOM   58   C C   . ARG A 1 12  ? 10.47432  -10.22470 -8.22269  1.000 23.85000 ? 10  ARG A C   1 
ATOM   59   O O   . ARG A 1 12  ? 11.42570  -9.87305  -8.93920  1.000 24.76000 ? 10  ARG A O   1 
ATOM   60   C CB  . ARG A 1 12  ? 8.51833   -9.35595  -9.49128  1.000 27.83000 ? 10  ARG A CB  1 
ATOM   61   C CG  . ARG A 1 12  ? 7.15854   -9.64653  -10.11777 1.000 30.19000 ? 10  ARG A CG  1 
ATOM   62   C CD  . ARG A 1 12  ? 6.63914   -8.52063  -10.99288 1.000 36.09000 ? 10  ARG A CD  1 
ATOM   63   N NE  . ARG A 1 12  ? 6.61502   -7.24283  -10.29618 1.000 43.41000 ? 10  ARG A NE  1 
ATOM   64   C CZ  . ARG A 1 12  ? 7.44228   -6.23724  -10.56122 1.000 47.90000 ? 10  ARG A CZ  1 
ATOM   65   N NH1 . ARG A 1 12  ? 8.36209   -6.36165  -11.50993 1.000 51.30000 ? 10  ARG A NH1 1 
ATOM   66   N NH2 . ARG A 1 12  ? 7.35207   -5.10738  -9.87402  1.000 49.14000 ? 10  ARG A NH2 1 
ATOM   67   N N   . ARG A 1 13  ? 10.55904  -10.26744 -6.89673  1.000 20.44000 ? 11  ARG A N   1 
ATOM   68   C CA  . ARG A 1 13  ? 11.76521  -9.87649  -6.18738  1.000 19.90000 ? 11  ARG A CA  1 
ATOM   69   C C   . ARG A 1 13  ? 11.97585  -10.85890 -5.05000  1.000 18.54000 ? 11  ARG A C   1 
ATOM   70   O O   . ARG A 1 13  ? 11.03158  -11.13359 -4.30279  1.000 19.95000 ? 11  ARG A O   1 
ATOM   71   C CB  . ARG A 1 13  ? 11.61250  -8.46693  -5.59938  1.000 20.92000 ? 11  ARG A CB  1 
ATOM   72   C CG  . ARG A 1 13  ? 11.60346  -7.33216  -6.61510  1.000 21.59000 ? 11  ARG A CG  1 
ATOM   73   C CD  . ARG A 1 13  ? 12.96814  -7.17606  -7.24974  1.000 22.22000 ? 11  ARG A CD  1 
ATOM   74   N NE  . ARG A 1 13  ? 13.05155  -5.99871  -8.11447  1.000 26.08000 ? 11  ARG A NE  1 
ATOM   75   C CZ  . ARG A 1 13  ? 12.68727  -5.98618  -9.39022  1.000 24.94000 ? 11  ARG A CZ  1 
ATOM   76   N NH1 . ARG A 1 13  ? 12.19972  -7.09172  -9.95597  1.000 24.67000 ? 11  ARG A NH1 1 
ATOM   77   N NH2 . ARG A 1 13  ? 12.80713  -4.86308  -10.09773 1.000 27.11000 ? 11  ARG A NH2 1 
ATOM   78   N N   . SER A 1 14  ? 13.20355  -11.33646 -4.88799  1.000 17.55000 ? 12  SER A N   1 
ATOM   79   C CA  . SER A 1 14  ? 13.52282  -12.23755 -3.78839  1.000 18.76000 ? 12  SER A CA  1 
ATOM   80   C C   . SER A 1 14  ? 13.44080  -11.48896 -2.45593  1.000 19.16000 ? 12  SER A C   1 
ATOM   81   O O   . SER A 1 14  ? 13.45382  -10.25045 -2.39312  1.000 17.64000 ? 12  SER A O   1 
ATOM   82   C CB  . SER A 1 14  ? 14.93121  -12.80437 -3.95320  1.000 22.60000 ? 12  SER A CB  1 
ATOM   83   O OG  . SER A 1 14  ? 15.91108  -11.78948 -3.73103  1.000 21.67000 ? 12  SER A OG  1 
ATOM   84   N N   . PHE A 1 15  ? 13.40583  -12.25825 -1.36962  1.000 19.26000 ? 13  PHE A N   1 
ATOM   85   C CA  . PHE A 1 15  ? 13.39380  -11.65886 -0.04061  1.000 18.21000 ? 13  PHE A CA  1 
ATOM   86   C C   . PHE A 1 15  ? 14.60071  -10.75478 0.16154   1.000 18.47000 ? 13  PHE A C   1 
ATOM   87   O O   . PHE A 1 15  ? 14.46937  -9.61330  0.62144   1.000 16.85000 ? 13  PHE A O   1 
ATOM   88   C CB  . PHE A 1 15  ? 13.34753  -12.74476 1.03786   1.000 19.75000 ? 13  PHE A CB  1 
ATOM   89   C CG  . PHE A 1 15  ? 13.35889  -12.18923 2.43284   1.000 18.31000 ? 13  PHE A CG  1 
ATOM   90   C CD1 . PHE A 1 15  ? 12.21418  -11.64253 2.97374   1.000 21.53000 ? 13  PHE A CD1 1 
ATOM   91   C CD2 . PHE A 1 15  ? 14.51940  -12.19218 3.18478   1.000 22.98000 ? 13  PHE A CD2 1 
ATOM   92   C CE1 . PHE A 1 15  ? 12.21588  -11.11762 4.25142   1.000 20.24000 ? 13  PHE A CE1 1 
ATOM   93   C CE2 . PHE A 1 15  ? 14.52133  -11.65989 4.46601   1.000 22.16000 ? 13  PHE A CE2 1 
ATOM   94   C CZ  . PHE A 1 15  ? 13.37532  -11.12015 4.98537   1.000 20.36000 ? 13  PHE A CZ  1 
ATOM   95   N N   . ALA A 1 16  ? 15.78707  -11.24794 -0.18549  1.000 19.80000 ? 14  ALA A N   1 
ATOM   96   C CA  . ALA A 1 16  ? 16.99430  -10.44450 -0.02847  1.000 20.59000 ? 14  ALA A CA  1 
ATOM   97   C C   . ALA A 1 16  ? 16.92118  -9.16591  -0.84750  1.000 19.59000 ? 14  ALA A C   1 
ATOM   98   O O   . ALA A 1 16  ? 17.32969  -8.09918  -0.37602  1.000 19.80000 ? 14  ALA A O   1 
ATOM   99   C CB  . ALA A 1 16  ? 18.23065  -11.25872 -0.41086  1.000 23.19000 ? 14  ALA A CB  1 
ATOM   100  N N   . ASP A 1 17  ? 16.40259  -9.24962  -2.07428  1.000 18.79000 ? 15  ASP A N   1 
ATOM   101  C CA  . ASP A 1 17  ? 16.29726  -8.05126  -2.90398  1.000 19.50000 ? 15  ASP A CA  1 
ATOM   102  C C   . ASP A 1 17  ? 15.28013  -7.06230  -2.34443  1.000 17.86000 ? 15  ASP A C   1 
ATOM   103  O O   . ASP A 1 17  ? 15.48528  -5.84418  -2.42950  1.000 17.97000 ? 15  ASP A O   1 
ATOM   104  C CB  . ASP A 1 17  ? 15.95385  -8.42686  -4.34469  1.000 21.87000 ? 15  ASP A CB  1 
ATOM   105  C CG  . ASP A 1 17  ? 17.15677  -8.97198  -5.10053  1.000 26.07000 ? 15  ASP A CG  1 
ATOM   106  O OD1 . ASP A 1 17  ? 18.25568  -9.05257  -4.49947  1.000 30.87000 ? 15  ASP A OD1 1 
ATOM   107  O OD2 . ASP A 1 17  ? 16.99943  -9.29626  -6.29248  1.000 32.32000 ? 15  ASP A OD2 1 
ATOM   108  N N   . ARG A 1 18  ? 14.17327  -7.55493  -1.78078  1.000 16.18000 ? 16  ARG A N   1 
ATOM   109  C CA  . ARG A 1 18  ? 13.20167  -6.65421  -1.17609  1.000 15.28000 ? 16  ARG A CA  1 
ATOM   110  C C   . ARG A 1 18  ? 13.79585  -5.95751  0.04038   1.000 15.90000 ? 16  ARG A C   1 
ATOM   111  O O   . ARG A 1 18  ? 13.62867  -4.74048  0.21077   1.000 16.68000 ? 16  ARG A O   1 
ATOM   112  C CB  . ARG A 1 18  ? 11.91051  -7.41425  -0.85838  1.000 16.04000 ? 16  ARG A CB  1 
ATOM   113  C CG  . ARG A 1 18  ? 11.19311  -7.85968  -2.13210  1.000 16.03000 ? 16  ARG A CG  1 
ATOM   114  C CD  . ARG A 1 18  ? 9.88985   -8.59730  -1.87347  1.000 17.37000 ? 16  ARG A CD  1 
ATOM   115  N NE  . ARG A 1 18  ? 10.06355  -10.05965 -1.80973  1.000 22.11000 ? 16  ARG A NE  1 
ATOM   116  C CZ  . ARG A 1 18  ? 9.84040   -10.78628 -0.71766  1.000 20.59000 ? 16  ARG A CZ  1 
ATOM   117  N NH1 . ARG A 1 18  ? 9.98644   -12.10706 -0.73945  1.000 25.69000 ? 16  ARG A NH1 1 
ATOM   118  N NH2 . ARG A 1 18  ? 9.46423   -10.19545 0.40500   1.000 24.82000 ? 16  ARG A NH2 1 
ATOM   119  N N   . CYS A 1 19  ? 14.54295  -6.69239  0.86775   1.000 15.78000 ? 17  CYS A N   1 
ATOM   120  C CA  . CYS A 1 19  ? 15.21777  -6.07542  2.00670   1.000 18.62000 ? 17  CYS A CA  1 
ATOM   121  C C   . CYS A 1 19  ? 16.20703  -5.01641  1.55224   1.000 18.31000 ? 17  CYS A C   1 
ATOM   122  O O   . CYS A 1 19  ? 16.27229  -3.93074  2.14231   1.000 18.64000 ? 17  CYS A O   1 
ATOM   123  C CB  . CYS A 1 19  ? 15.95789  -7.13246  2.81801   1.000 18.08000 ? 17  CYS A CB  1 
ATOM   124  S SG  . CYS A 1 19  ? 14.90761  -8.26369  3.72551   1.000 21.05000 ? 17  CYS A SG  1 
ATOM   125  N N   . LYS A 1 20  ? 16.99843  -5.31358  0.51298   1.000 17.91000 ? 18  LYS A N   1 
ATOM   126  C CA  . LYS A 1 20  ? 17.95463  -4.32537  0.01477   1.000 19.41000 ? 18  LYS A CA  1 
ATOM   127  C C   . LYS A 1 20  ? 17.24681  -3.08136  -0.49573  1.000 20.20000 ? 18  LYS A C   1 
ATOM   128  O O   . LYS A 1 20  ? 17.74900  -1.96491  -0.31538  1.000 18.67000 ? 18  LYS A O   1 
ATOM   129  C CB  . LYS A 1 20  ? 18.84977  -4.91826  -1.07855  1.000 20.97000 ? 18  LYS A CB  1 
ATOM   130  C CG  . LYS A 1 20  ? 19.81303  -5.97147  -0.58119  1.000 24.66000 ? 18  LYS A CG  1 
ATOM   131  C CD  . LYS A 1 20  ? 20.97907  -6.11639  -1.54886  1.000 37.67000 ? 18  LYS A CD  1 
ATOM   132  C CE  . LYS A 1 20  ? 21.59846  -7.49895  -1.49115  1.000 41.83000 ? 18  LYS A CE  1 
ATOM   133  N NZ  . LYS A 1 20  ? 21.01364  -8.39613  -2.52630  1.000 48.83000 ? 18  LYS A NZ  1 
ATOM   134  N N   . GLU A 1 21  ? 16.09157  -3.24018  -1.14205  1.000 17.68000 ? 19  GLU A N   1 
ATOM   135  C CA  . GLU A 1 21  ? 15.37216  -2.07015  -1.62739  1.000 18.46000 ? 19  GLU A CA  1 
ATOM   136  C C   . GLU A 1 21  ? 14.86892  -1.21208  -0.47113  1.000 19.78000 ? 19  GLU A C   1 
ATOM   137  O O   . GLU A 1 21  ? 14.96406  0.02318   -0.51945  1.000 18.81000 ? 19  GLU A O   1 
ATOM   138  C CB  . GLU A 1 21  ? 14.22264  -2.47302  -2.54267  1.000 21.31000 ? 19  GLU A CB  1 
ATOM   139  C CG  . GLU A 1 21  ? 13.59250  -1.26049  -3.17865  1.000 25.66000 ? 19  GLU A CG  1 
ATOM   140  C CD  . GLU A 1 21  ? 12.76592  -1.58575  -4.39669  1.000 37.38000 ? 19  GLU A CD  1 
ATOM   141  O OE1 . GLU A 1 21  ? 12.43653  -2.77452  -4.61286  1.000 30.65000 ? 19  GLU A OE1 1 
ATOM   142  O OE2 . GLU A 1 21  ? 12.45601  -0.63640  -5.14579  1.000 45.59000 ? 19  GLU A OE2 1 
ATOM   143  N N   . VAL A 1 22  ? 14.34736  -1.84057  0.58091   1.000 17.01000 ? 20  VAL A N   1 
ATOM   144  C CA  . VAL A 1 22  ? 13.92913  -1.07949  1.75643   1.000 17.16000 ? 20  VAL A CA  1 
ATOM   145  C C   . VAL A 1 22  ? 15.11220  -0.33971  2.36774   1.000 17.78000 ? 20  VAL A C   1 
ATOM   146  O O   . VAL A 1 22  ? 14.99145  0.82808   2.76292   1.000 17.78000 ? 20  VAL A O   1 
ATOM   147  C CB  . VAL A 1 22  ? 13.21546  -1.99212  2.76786   1.000 14.90000 ? 20  VAL A CB  1 
ATOM   148  C CG1 . VAL A 1 22  ? 12.98321  -1.24130  4.07484   1.000 17.30000 ? 20  VAL A CG1 1 
ATOM   149  C CG2 . VAL A 1 22  ? 11.90608  -2.47631  2.20025   1.000 17.71000 ? 20  VAL A CG2 1 
ATOM   150  N N   . GLN A 1 23  ? 16.27409  -0.99139  2.43986   1.000 17.21000 ? 21  GLN A N   1 
ATOM   151  C CA  . GLN A 1 23  ? 17.46599  -0.32990  2.96297   1.000 18.88000 ? 21  GLN A CA  1 
ATOM   152  C C   . GLN A 1 23  ? 17.86671  0.85732   2.10279   1.000 20.49000 ? 21  GLN A C   1 
ATOM   153  O O   . GLN A 1 23  ? 18.23577  1.91755   2.63014   1.000 19.61000 ? 21  GLN A O   1 
ATOM   154  C CB  . GLN A 1 23  ? 18.61928  -1.32168  3.09085   1.000 21.34000 ? 21  GLN A CB  1 
ATOM   155  C CG  . GLN A 1 23  ? 19.89572  -0.67355  3.60544   1.000 31.87000 ? 21  GLN A CG  1 
ATOM   156  C CD  . GLN A 1 23  ? 19.68201  0.05093   4.92789   1.000 36.61000 ? 21  GLN A CD  1 
ATOM   157  O OE1 . GLN A 1 23  ? 19.07329  -0.49112  5.85022   1.000 41.06000 ? 21  GLN A OE1 1 
ATOM   158  N NE2 . GLN A 1 23  ? 20.18392  1.28101   5.02456   1.000 38.15000 ? 21  GLN A NE2 1 
ATOM   159  N N   . GLN A 1 24  ? 17.80597  0.70103   0.77655   1.000 19.84000 ? 22  GLN A N   1 
ATOM   160  C CA  . GLN A 1 24  ? 18.09425  1.81747   -0.11264  1.000 21.98000 ? 22  GLN A CA  1 
ATOM   161  C C   . GLN A 1 24  ? 17.13903  2.97441   0.14182   1.000 18.85000 ? 22  GLN A C   1 
ATOM   162  O O   . GLN A 1 24  ? 17.56340  4.13709   0.19310   1.000 19.73000 ? 22  GLN A O   1 
ATOM   163  C CB  . GLN A 1 24  ? 17.99139  1.35334   -1.56192  1.000 24.76000 ? 22  GLN A CB  1 
ATOM   164  C CG  . GLN A 1 24  ? 18.30473  2.43154   -2.56724  1.000 27.90000 ? 22  GLN A CG  1 
ATOM   165  C CD  . GLN A 1 24  ? 18.01155  1.97690   -3.97493  1.000 28.95000 ? 22  GLN A CD  1 
ATOM   166  O OE1 . GLN A 1 24  ? 16.93539  2.22872   -4.51448  1.000 34.97000 ? 22  GLN A OE1 1 
ATOM   167  N NE2 . GLN A 1 24  ? 18.96232  1.28887   -4.57155  1.000 28.64000 ? 22  GLN A NE2 1 
ATOM   168  N N   . ILE A 1 25  ? 15.85333  2.67355   0.31965   1.000 18.81000 ? 23  ILE A N   1 
ATOM   169  C CA  . ILE A 1 25  ? 14.86344  3.70971   0.58471   1.000 18.50000 ? 23  ILE A CA  1 
ATOM   170  C C   . ILE A 1 25  ? 15.12690  4.37910   1.93419   1.000 18.96000 ? 23  ILE A C   1 
ATOM   171  O O   . ILE A 1 25  ? 14.91393  5.58883   2.08978   1.000 19.25000 ? 23  ILE A O   1 
ATOM   172  C CB  . ILE A 1 25  ? 13.44773  3.11538   0.47077   1.000 19.09000 ? 23  ILE A CB  1 
ATOM   173  C CG1 . ILE A 1 25  ? 13.17627  2.67830   -0.97710  1.000 19.43000 ? 23  ILE A CG1 1 
ATOM   174  C CG2 . ILE A 1 25  ? 12.39155  4.10308   0.91682   1.000 20.28000 ? 23  ILE A CG2 1 
ATOM   175  C CD1 . ILE A 1 25  ? 12.00904  1.67214   -1.10780  1.000 20.58000 ? 23  ILE A CD1 1 
ATOM   176  N N   . ARG A 1 26  ? 15.60074  3.61785   2.92855   1.000 17.15000 ? 24  ARG A N   1 
ATOM   177  C CA  . ARG A 1 26  ? 15.98414  4.23148   4.20246   1.000 19.10000 ? 24  ARG A CA  1 
ATOM   178  C C   . ARG A 1 26  ? 17.09565  5.25166   4.00935   1.000 21.81000 ? 24  ARG A C   1 
ATOM   179  O O   . ARG A 1 26  ? 17.13665  6.28019   4.69669   1.000 21.08000 ? 24  ARG A O   1 
ATOM   180  C CB  . ARG A 1 26  ? 16.45715  3.17796   5.20254   1.000 20.30000 ? 24  ARG A CB  1 
ATOM   181  C CG  . ARG A 1 26  ? 15.32757  2.41034   5.85019   1.000 22.08000 ? 24  ARG A CG  1 
ATOM   182  C CD  . ARG A 1 26  ? 15.82463  1.61276   7.05645   1.000 27.18000 ? 24  ARG A CD  1 
ATOM   183  N NE  . ARG A 1 26  ? 14.89475  0.53440   7.38368   1.000 35.24000 ? 24  ARG A NE  1 
ATOM   184  C CZ  . ARG A 1 26  ? 15.09688  -0.74130  7.07269   1.000 31.98000 ? 24  ARG A CZ  1 
ATOM   185  N NH1 . ARG A 1 26  ? 16.20370  -1.10806  6.43763   1.000 33.22000 ? 24  ARG A NH1 1 
ATOM   186  N NH2 . ARG A 1 26  ? 14.18980  -1.65185  7.39916   1.000 37.92000 ? 24  ARG A NH2 1 
ATOM   187  N N   . ASP A 1 27  ? 18.03036  4.97450   3.09810   1.000 21.15000 ? 25  ASP A N   1 
ATOM   188  C CA  . ASP A 1 27  ? 19.16030  5.87313   2.89115   1.000 23.36000 ? 25  ASP A CA  1 
ATOM   189  C C   . ASP A 1 27  ? 18.77600  7.06784   2.03748   1.000 23.51000 ? 25  ASP A C   1 
ATOM   190  O O   . ASP A 1 27  ? 19.22402  8.18912   2.30101   1.000 26.13000 ? 25  ASP A O   1 
ATOM   191  C CB  . ASP A 1 27  ? 20.32293  5.12493   2.23311   1.000 27.10000 ? 25  ASP A CB  1 
ATOM   192  C CG  . ASP A 1 27  ? 21.02550  4.19472   3.18951   1.000 38.45000 ? 25  ASP A CG  1 
ATOM   193  O OD1 . ASP A 1 27  ? 21.22196  4.59425   4.35498   1.000 42.79000 ? 25  ASP A OD1 1 
ATOM   194  O OD2 . ASP A 1 27  ? 21.38842  3.07045   2.77898   1.000 40.64000 ? 25  ASP A OD2 1 
ATOM   195  N N   . GLN A 1 28  ? 17.96273  6.85237   1.01411   1.000 22.19000 ? 26  GLN A N   1 
ATOM   196  C CA  . GLN A 1 28  ? 17.69976  7.87750   0.01637   1.000 24.14000 ? 26  GLN A CA  1 
ATOM   197  C C   . GLN A 1 28  ? 16.40448  8.64850   0.24322   1.000 20.78000 ? 26  GLN A C   1 
ATOM   198  O O   . GLN A 1 28  ? 16.30525  9.80374   -0.19326  1.000 25.22000 ? 26  GLN A O   1 
ATOM   199  C CB  . GLN A 1 28  ? 17.75484  7.25707   -1.38564  1.000 25.42000 ? 26  GLN A CB  1 
ATOM   200  C CG  . GLN A 1 28  ? 19.13187  6.65556   -1.64066  1.000 31.09000 ? 26  GLN A CG  1 
ATOM   201  C CD  . GLN A 1 28  ? 19.25902  5.97868   -2.98420  1.000 31.34000 ? 26  GLN A CD  1 
ATOM   202  O OE1 . GLN A 1 28  ? 18.31534  5.94461   -3.77187  1.000 32.89000 ? 26  GLN A OE1 1 
ATOM   203  N NE2 . GLN A 1 28  ? 20.44217  5.44210   -3.25767  1.000 30.97000 ? 26  GLN A NE2 1 
ATOM   204  N N   . HIS A 1 29  ? 15.44369  8.06632   0.95582   1.000 18.88000 ? 27  HIS A N   1 
ATOM   205  C CA  . HIS A 1 29  ? 14.18210  8.72986   1.28854   1.000 18.59000 ? 27  HIS A CA  1 
ATOM   206  C C   . HIS A 1 29  ? 13.82744  8.41935   2.73378   1.000 17.48000 ? 27  HIS A C   1 
ATOM   207  O O   . HIS A 1 29  ? 12.82430  7.75069   3.01340   1.000 17.26000 ? 27  HIS A O   1 
ATOM   208  C CB  . HIS A 1 29  ? 13.06677  8.27671   0.34668   1.000 20.70000 ? 27  HIS A CB  1 
ATOM   209  C CG  . HIS A 1 29  ? 13.35923  8.54212   -1.09542  1.000 27.53000 ? 27  HIS A CG  1 
ATOM   210  N ND1 . HIS A 1 29  ? 13.90715  7.59589   -1.93626  1.000 29.99000 ? 27  HIS A ND1 1 
ATOM   211  C CD2 . HIS A 1 29  ? 13.21455  9.66526   -1.83383  1.000 30.27000 ? 27  HIS A CD2 1 
ATOM   212  C CE1 . HIS A 1 29  ? 14.06515  8.12257   -3.13842  1.000 33.01000 ? 27  HIS A CE1 1 
ATOM   213  N NE2 . HIS A 1 29  ? 13.65260  9.37634   -3.10298  1.000 33.86000 ? 27  HIS A NE2 1 
ATOM   214  N N   . PRO A 1 30  ? 14.62266  8.91757   3.68113   1.000 17.69000 ? 28  PRO A N   1 
ATOM   215  C CA  . PRO A 1 30  ? 14.48274  8.47037   5.07608   1.000 20.17000 ? 28  PRO A CA  1 
ATOM   216  C C   . PRO A 1 30  ? 13.14962  8.82864   5.69775   1.000 18.22000 ? 28  PRO A C   1 
ATOM   217  O O   . PRO A 1 30  ? 12.70928  8.14582   6.63463   1.000 18.66000 ? 28  PRO A O   1 
ATOM   218  C CB  . PRO A 1 30  ? 15.65424  9.17323   5.78465   1.000 21.34000 ? 28  PRO A CB  1 
ATOM   219  C CG  . PRO A 1 30  ? 16.62313  9.50054   4.67770   1.000 20.57000 ? 28  PRO A CG  1 
ATOM   220  C CD  . PRO A 1 30  ? 15.75591  9.83792   3.50689   1.000 20.22000 ? 28  PRO A CD  1 
ATOM   221  N N   . SER A 1 31  ? 12.48725  9.87547   5.21271   1.000 17.27000 ? 29  SER A N   1 
ATOM   222  C CA  . SER A 1 31  ? 11.21887  10.29920  5.79804   1.000 17.76000 ? 29  SER A CA  1 
ATOM   223  C C   . SER A 1 31  ? 10.01302  9.66305   5.12533   1.000 18.91000 ? 29  SER A C   1 
ATOM   224  O O   . SER A 1 31  ? 8.88428   10.07730  5.39494   1.000 21.22000 ? 29  SER A O   1 
ATOM   225  C CB  . SER A 1 31  ? 11.09138  11.82781  5.78440   1.000 18.94000 ? 29  SER A CB  1 
ATOM   226  O OG  . SER A 1 31  ? 11.07528  12.30222  4.45648   1.000 23.34000 ? 29  SER A OG  1 
ATOM   227  N N   . LYS A 1 32  ? 10.21851  8.68691   4.25250   1.000 15.93000 ? 30  LYS A N   1 
ATOM   228  C CA  . LYS A 1 32  ? 9.13112   8.01575   3.55370   1.000 17.38000 ? 30  LYS A CA  1 
ATOM   229  C C   . LYS A 1 32  ? 8.98737   6.56611   4.00781   1.000 17.21000 ? 30  LYS A C   1 
ATOM   230  O O   . LYS A 1 32  ? 9.96770   5.89188   4.34153   1.000 18.37000 ? 30  LYS A O   1 
ATOM   231  C CB  . LYS A 1 32  ? 9.32390   8.10078   2.02962   1.000 19.86000 ? 30  LYS A CB  1 
ATOM   232  C CG  . LYS A 1 32  ? 9.52477   9.55573   1.58776   1.000 23.23000 ? 30  LYS A CG  1 
ATOM   233  C CD  . LYS A 1 32  ? 9.16152   9.85863   0.14783   1.000 25.84000 ? 30  LYS A CD  1 
ATOM   234  C CE  . LYS A 1 32  ? 9.28660   11.36138  -0.10192  1.000 28.47000 ? 30  LYS A CE  1 
ATOM   235  N NZ  . LYS A 1 32  ? 9.42125   11.67697  -1.54633  1.000 36.33000 ? 30  LYS A NZ  1 
ATOM   236  N N   . ILE A 1 33  ? 7.74158   6.10251   4.03497   1.000 16.56000 ? 31  ILE A N   1 
ATOM   237  C CA  . ILE A 1 33  ? 7.44141   4.70400   4.33104   1.000 15.88000 ? 31  ILE A CA  1 
ATOM   238  C C   . ILE A 1 33  ? 7.35130   3.94644   3.01109   1.000 15.72000 ? 31  ILE A C   1 
ATOM   239  O O   . ILE A 1 33  ? 6.62242   4.37111   2.10536   1.000 16.55000 ? 31  ILE A O   1 
ATOM   240  C CB  . ILE A 1 33  ? 6.13014   4.58172   5.11771   1.000 15.45000 ? 31  ILE A CB  1 
ATOM   241  C CG1 . ILE A 1 33  ? 6.19619   5.32528   6.44976   1.000 17.05000 ? 31  ILE A CG1 1 
ATOM   242  C CG2 . ILE A 1 33  ? 5.75782   3.11678   5.33080   1.000 16.72000 ? 31  ILE A CG2 1 
ATOM   243  C CD1 . ILE A 1 33  ? 7.38241   4.93606   7.34754   1.000 18.29000 ? 31  ILE A CD1 1 
ATOM   244  N N   . PRO A 1 34  ? 8.05400   2.82038   2.86275   1.000 16.18000 ? 32  PRO A N   1 
ATOM   245  C CA  . PRO A 1 34  ? 7.98299   2.02847   1.62309   1.000 16.36000 ? 32  PRO A CA  1 
ATOM   246  C C   . PRO A 1 34  ? 6.72994   1.15796   1.61052   1.000 14.78000 ? 32  PRO A C   1 
ATOM   247  O O   . PRO A 1 34  ? 6.53277   0.32149   2.49360   1.000 16.14000 ? 32  PRO A O   1 
ATOM   248  C CB  . PRO A 1 34  ? 9.26229   1.17887   1.68789   1.000 19.57000 ? 32  PRO A CB  1 
ATOM   249  C CG  . PRO A 1 34  ? 9.51113   1.00114   3.14890   1.000 18.17000 ? 32  PRO A CG  1 
ATOM   250  C CD  . PRO A 1 34  ? 9.02208   2.26669   3.82809   1.000 16.94000 ? 32  PRO A CD  1 
ATOM   251  N N   . VAL A 1 35  ? 5.89128   1.34107   0.59560   1.000 15.13000 ? 33  VAL A N   1 
ATOM   252  C CA  . VAL A 1 35  ? 4.57518   0.70961   0.55145   1.000 15.51000 ? 33  VAL A CA  1 
ATOM   253  C C   . VAL A 1 35  ? 4.39193   -0.02036  -0.77153  1.000 15.31000 ? 33  VAL A C   1 
ATOM   254  O O   . VAL A 1 35  ? 4.77665   0.48080   -1.83348  1.000 17.06000 ? 33  VAL A O   1 
ATOM   255  C CB  . VAL A 1 35  ? 3.45364   1.75589   0.74916   1.000 17.01000 ? 33  VAL A CB  1 
ATOM   256  C CG1 . VAL A 1 35  ? 2.09416   1.10561   0.63027   1.000 20.85000 ? 33  VAL A CG1 1 
ATOM   257  C CG2 . VAL A 1 35  ? 3.56598   2.41689   2.11670   1.000 18.51000 ? 33  VAL A CG2 1 
ATOM   258  N N   . ILE A 1 36  ? 3.82007   -1.21449  -0.70005  1.000 14.43000 ? 34  ILE A N   1 
ATOM   259  C CA  . ILE A 1 36  ? 3.40600   -1.97716  -1.87103  1.000 15.16000 ? 34  ILE A CA  1 
ATOM   260  C C   . ILE A 1 36  ? 1.88351   -2.02475  -1.84297  1.000 15.97000 ? 34  ILE A C   1 
ATOM   261  O O   . ILE A 1 36  ? 1.29103   -2.44748  -0.84581  1.000 17.57000 ? 34  ILE A O   1 
ATOM   262  C CB  . ILE A 1 36  ? 4.00896   -3.39472  -1.85056  1.000 15.46000 ? 34  ILE A CB  1 
ATOM   263  C CG1 . ILE A 1 36  ? 5.54429   -3.36408  -1.84365  1.000 16.10000 ? 34  ILE A CG1 1 
ATOM   264  C CG2 . ILE A 1 36  ? 3.47814   -4.23599  -3.01652  1.000 17.89000 ? 34  ILE A CG2 1 
ATOM   265  C CD1 . ILE A 1 36  ? 6.17557   -2.73926  -3.07633  1.000 18.32000 ? 34  ILE A CD1 1 
ATOM   266  N N   . ILE A 1 37  ? 1.24680   -1.58543  -2.92283  1.000 15.94000 ? 35  ILE A N   1 
ATOM   267  C CA  . ILE A 1 37  ? -0.21276  -1.55879  -3.01972  1.000 17.27000 ? 35  ILE A CA  1 
ATOM   268  C C   . ILE A 1 37  ? -0.61376  -2.39190  -4.22611  1.000 19.67000 ? 35  ILE A C   1 
ATOM   269  O O   . ILE A 1 37  ? -0.21610  -2.07822  -5.35706  1.000 20.58000 ? 35  ILE A O   1 
ATOM   270  C CB  . ILE A 1 37  ? -0.75250  -0.12691  -3.15926  1.000 17.08000 ? 35  ILE A CB  1 
ATOM   271  C CG1 . ILE A 1 37  ? -0.29446  0.71117   -1.96779  1.000 17.92000 ? 35  ILE A CG1 1 
ATOM   272  C CG2 . ILE A 1 37  ? -2.27429  -0.13552  -3.25601  1.000 20.23000 ? 35  ILE A CG2 1 
ATOM   273  C CD1 . ILE A 1 37  ? -0.74846  2.17230   -2.01112  1.000 20.01000 ? 35  ILE A CD1 1 
ATOM   274  N N   . GLU A 1 38  ? -1.40626  -3.42776  -3.99828  1.000 18.28000 ? 36  GLU A N   1 
ATOM   275  C CA  . GLU A 1 38  ? -1.77246  -4.34483  -5.06626  1.000 20.30000 ? 36  GLU A CA  1 
ATOM   276  C C   . GLU A 1 38  ? -3.27080  -4.59465  -5.07529  1.000 22.83000 ? 36  GLU A C   1 
ATOM   277  O O   . GLU A 1 38  ? -3.93835  -4.52206  -4.04024  1.000 20.64000 ? 36  GLU A O   1 
ATOM   278  C CB  . GLU A 1 38  ? -1.01604  -5.66021  -4.92039  1.000 23.24000 ? 36  GLU A CB  1 
ATOM   279  C CG  . GLU A 1 38  ? 0.48030   -5.45110  -5.11927  1.000 26.43000 ? 36  GLU A CG  1 
ATOM   280  C CD  . GLU A 1 38  ? 1.30622   -6.69380  -4.92158  1.000 33.15000 ? 36  GLU A CD  1 
ATOM   281  O OE1 . GLU A 1 38  ? 1.33769   -7.22241  -3.78991  1.000 28.80000 ? 36  GLU A OE1 1 
ATOM   282  O OE2 . GLU A 1 38  ? 1.93844   -7.12971  -5.90438  1.000 36.26000 ? 36  GLU A OE2 1 
ATOM   283  N N   . ARG A 1 39  ? -3.78554  -4.90115  -6.26518  1.000 21.95000 ? 37  ARG A N   1 
ATOM   284  C CA  . ARG A 1 39  ? -5.18650  -5.26948  -6.39852  1.000 23.19000 ? 37  ARG A CA  1 
ATOM   285  C C   . ARG A 1 39  ? -5.42076  -6.67068  -5.85391  1.000 21.17000 ? 37  ARG A C   1 
ATOM   286  O O   . ARG A 1 39  ? -4.65841  -7.60527  -6.13132  1.000 24.69000 ? 37  ARG A O   1 
ATOM   287  C CB  . ARG A 1 39  ? -5.59361  -5.22822  -7.86400  1.000 24.77000 ? 37  ARG A CB  1 
ATOM   288  C CG  . ARG A 1 39  ? -7.09310  -5.33482  -8.06470  1.000 26.55000 ? 37  ARG A CG  1 
ATOM   289  C CD  . ARG A 1 39  ? -7.45988  -5.18321  -9.52202  1.000 27.98000 ? 37  ARG A CD  1 
ATOM   290  N NE  . ARG A 1 39  ? -7.15206  -6.39610  -10.26605 1.000 31.62000 ? 37  ARG A NE  1 
ATOM   291  C CZ  . ARG A 1 39  ? -7.69376  -6.70494  -11.43717 1.000 35.81000 ? 37  ARG A CZ  1 
ATOM   292  N NH1 . ARG A 1 39  ? -8.56845  -5.88040  -11.99872 1.000 39.28000 ? 37  ARG A NH1 1 
ATOM   293  N NH2 . ARG A 1 39  ? -7.35298  -7.83294  -12.04408 1.000 38.49000 ? 37  ARG A NH2 1 
ATOM   294  N N   . TYR A 1 40  ? -6.49443  -6.82655  -5.08776  1.000 23.74000 ? 38  TYR A N   1 
ATOM   295  C CA  . TYR A 1 40  ? -6.86496  -8.13338  -4.56316  1.000 26.79000 ? 38  TYR A CA  1 
ATOM   296  C C   . TYR A 1 40  ? -6.96385  -9.15457  -5.69140  1.000 26.98000 ? 38  TYR A C   1 
ATOM   297  O O   . TYR A 1 40  ? -7.51073  -8.87245  -6.76107  1.000 26.76000 ? 38  TYR A O   1 
ATOM   298  C CB  . TYR A 1 40  ? -8.20957  -8.01584  -3.84403  1.000 26.97000 ? 38  TYR A CB  1 
ATOM   299  C CG  . TYR A 1 40  ? -8.81316  -9.33510  -3.41950  1.000 37.49000 ? 38  TYR A CG  1 
ATOM   300  C CD1 . TYR A 1 40  ? -8.18307  -10.13765 -2.47673  1.000 41.00000 ? 38  TYR A CD1 1 
ATOM   301  C CD2 . TYR A 1 40  ? -10.02112 -9.76696  -3.94894  1.000 35.97000 ? 38  TYR A CD2 1 
ATOM   302  C CE1 . TYR A 1 40  ? -8.73571  -11.34148 -2.08240  1.000 47.45000 ? 38  TYR A CE1 1 
ATOM   303  C CE2 . TYR A 1 40  ? -10.58036 -10.96956 -3.56292  1.000 43.76000 ? 38  TYR A CE2 1 
ATOM   304  C CZ  . TYR A 1 40  ? -9.93423  -11.75093 -2.62999  1.000 48.06000 ? 38  TYR A CZ  1 
ATOM   305  O OH  . TYR A 1 40  ? -10.49546 -12.94836 -2.24669  1.000 59.42000 ? 38  TYR A OH  1 
ATOM   306  N N   . LYS A 1 41  ? -6.41880  -10.35071 -5.43608  1.000 29.93000 ? 39  LYS A N   1 
ATOM   307  C CA  . LYS A 1 41  ? -6.30612  -11.37668 -6.47271  1.000 32.75000 ? 39  LYS A CA  1 
ATOM   308  C C   . LYS A 1 41  ? -7.65095  -11.68706 -7.12361  1.000 35.32000 ? 39  LYS A C   1 
ATOM   309  O O   . LYS A 1 41  ? -7.72588  -11.88704 -8.34174  1.000 37.76000 ? 39  LYS A O   1 
ATOM   310  C CB  . LYS A 1 41  ? -5.68624  -12.64441 -5.88231  1.000 36.50000 ? 39  LYS A CB  1 
ATOM   311  C CG  . LYS A 1 41  ? -5.48245  -13.76329 -6.88827  1.000 40.77000 ? 39  LYS A CG  1 
ATOM   312  C CD  . LYS A 1 41  ? -4.53982  -14.82285 -6.34165  1.000 47.42000 ? 39  LYS A CD  1 
ATOM   313  C CE  . LYS A 1 41  ? -4.87230  -16.19827 -6.88070  1.000 52.63000 ? 39  LYS A CE  1 
ATOM   314  N NZ  . LYS A 1 41  ? -4.41428  -17.26742 -5.94696  1.000 55.85000 ? 39  LYS A NZ  1 
ATOM   315  N N   . GLY A 1 42  ? -8.72276  -11.72285 -6.33852  1.000 33.31000 ? 40  GLY A N   1 
ATOM   316  C CA  . GLY A 1 42  ? -10.01774 -12.08609 -6.88703  1.000 35.74000 ? 40  GLY A CA  1 
ATOM   317  C C   . GLY A 1 42  ? -10.88179 -10.92108 -7.33126  1.000 34.27000 ? 40  GLY A C   1 
ATOM   318  O O   . GLY A 1 42  ? -12.09487 -11.07902 -7.50754  1.000 39.90000 ? 40  GLY A O   1 
ATOM   319  N N   . GLU A 1 43  ? -10.27187 -9.75402  -7.53561  1.000 33.23000 ? 41  GLU A N   1 
ATOM   320  C CA  . GLU A 1 43  ? -11.02053 -8.54349  -7.84833  1.000 32.69000 ? 41  GLU A CA  1 
ATOM   321  C C   . GLU A 1 43  ? -11.50025 -8.55550  -9.29640  1.000 36.83000 ? 41  GLU A C   1 
ATOM   322  O O   . GLU A 1 43  ? -10.72235 -8.81689  -10.21798 1.000 38.08000 ? 41  GLU A O   1 
ATOM   323  C CB  . GLU A 1 43  ? -10.13678 -7.32283  -7.61146  1.000 28.45000 ? 41  GLU A CB  1 
ATOM   324  C CG  . GLU A 1 43  ? -10.80576 -5.99778  -7.90979  1.000 31.03000 ? 41  GLU A CG  1 
ATOM   325  C CD  . GLU A 1 43  ? -12.04529 -5.77863  -7.08231  1.000 29.90000 ? 41  GLU A CD  1 
ATOM   326  O OE1 . GLU A 1 43  ? -12.02071 -6.10982  -5.87932  1.000 30.48000 ? 41  GLU A OE1 1 
ATOM   327  O OE2 . GLU A 1 43  ? -13.05161 -5.29432  -7.63780  1.000 33.24000 ? 41  GLU A OE2 1 
ATOM   328  N N   . LYS A 1 44  ? -12.78098 -8.24462  -9.49185  1.000 37.52000 ? 42  LYS A N   1 
ATOM   329  C CA  . LYS A 1 44  ? -13.39189 -8.21590  -10.81491 1.000 43.03000 ? 42  LYS A CA  1 
ATOM   330  C C   . LYS A 1 44  ? -13.79055 -6.82514  -11.27837 1.000 43.67000 ? 42  LYS A C   1 
ATOM   331  O O   . LYS A 1 44  ? -13.83013 -6.57946  -12.48672 1.000 48.88000 ? 42  LYS A O   1 
ATOM   332  C CB  . LYS A 1 44  ? -14.64136 -9.10598  -10.84343 1.000 49.59000 ? 42  LYS A CB  1 
ATOM   333  C CG  . LYS A 1 44  ? -14.39308 -10.53765 -10.40710 1.000 55.59000 ? 42  LYS A CG  1 
ATOM   334  C CD  . LYS A 1 44  ? -13.18769 -11.13169 -11.11553 1.000 61.39000 ? 42  LYS A CD  1 
ATOM   335  C CE  . LYS A 1 44  ? -13.12008 -12.63012 -10.89901 1.000 69.75000 ? 42  LYS A CE  1 
ATOM   336  N NZ  . LYS A 1 44  ? -13.83733 -13.35847 -11.98010 1.000 83.30000 ? 42  LYS A NZ  1 
ATOM   337  N N   . GLN A 1 45  ? -14.08176 -5.91072  -10.35249 1.000 37.59000 ? 43  GLN A N   1 
ATOM   338  C CA  . GLN A 1 45  ? -14.67118 -4.62653  -10.70732 1.000 34.61000 ? 43  GLN A CA  1 
ATOM   339  C C   . GLN A 1 45  ? -13.63643 -3.52874  -10.91068 1.000 34.62000 ? 43  GLN A C   1 
ATOM   340  O O   . GLN A 1 45  ? -13.75575 -2.73503  -11.84869 1.000 41.07000 ? 43  GLN A O   1 
ATOM   341  C CB  . GLN A 1 45  ? -15.66845 -4.18654  -9.63366  1.000 39.32000 ? 43  GLN A CB  1 
ATOM   342  C CG  . GLN A 1 45  ? -16.92626 -5.03494  -9.56218  1.000 45.38000 ? 43  GLN A CG  1 
ATOM   343  C CD  . GLN A 1 45  ? -17.50010 -5.11026  -8.16095  1.000 55.18000 ? 43  GLN A CD  1 
ATOM   344  O OE1 . GLN A 1 45  ? -17.51601 -6.17250  -7.54083  1.000 63.34000 ? 43  GLN A OE1 1 
ATOM   345  N NE2 . GLN A 1 45  ? -17.97529 -3.97749  -7.65466  1.000 50.65000 ? 43  GLN A NE2 1 
ATOM   346  N N   . LEU A 1 46  ? -12.62900 -3.45985  -10.05016 1.000 31.39000 ? 44  LEU A N   1 
ATOM   347  C CA  . LEU A 1 46  ? -11.69342 -2.34638  -10.07177 1.000 30.27000 ? 44  LEU A CA  1 
ATOM   348  C C   . LEU A 1 46  ? -10.55709 -2.61180  -11.05597 1.000 32.29000 ? 44  LEU A C   1 
ATOM   349  O O   . LEU A 1 46  ? -10.14495 -3.76108  -11.24855 1.000 32.50000 ? 44  LEU A O   1 
ATOM   350  C CB  . LEU A 1 46  ? -11.10144 -2.14435  -8.67992  1.000 26.77000 ? 44  LEU A CB  1 
ATOM   351  C CG  . LEU A 1 46  ? -12.05996 -1.74318  -7.55715  1.000 29.12000 ? 44  LEU A CG  1 
ATOM   352  C CD1 . LEU A 1 46  ? -11.33498 -1.75715  -6.22375  1.000 28.13000 ? 44  LEU A CD1 1 
ATOM   353  C CD2 . LEU A 1 46  ? -12.62082 -0.36362  -7.82253  1.000 32.06000 ? 44  LEU A CD2 1 
ATOM   354  N N   . PRO A 1 47  ? -10.03507 -1.56432  -11.68547 1.000 30.77000 ? 45  PRO A N   1 
ATOM   355  C CA  . PRO A 1 47  ? -8.90158  -1.72003  -12.60205 1.000 32.25000 ? 45  PRO A CA  1 
ATOM   356  C C   . PRO A 1 47  ? -7.61012  -1.87811  -11.80688 1.000 30.64000 ? 45  PRO A C   1 
ATOM   357  O O   . PRO A 1 47  ? -7.58546  -1.75434  -10.58209 1.000 28.77000 ? 45  PRO A O   1 
ATOM   358  C CB  . PRO A 1 47  ? -8.90057  -0.39248  -13.35886 1.000 34.59000 ? 45  PRO A CB  1 
ATOM   359  C CG  . PRO A 1 47  ? -9.43630  0.58621   -12.37765 1.000 35.08000 ? 45  PRO A CG  1 
ATOM   360  C CD  . PRO A 1 47  ? -10.49165 -0.16692  -11.60288 1.000 33.83000 ? 45  PRO A CD  1 
ATOM   361  N N   . VAL A 1 48  ? -6.53361  -2.15368  -12.52521 1.000 32.30000 ? 46  VAL A N   1 
ATOM   362  C CA  . VAL A 1 48  ? -5.20135  -2.27054  -11.94110 1.000 31.59000 ? 46  VAL A CA  1 
ATOM   363  C C   . VAL A 1 48  ? -4.55671  -0.89227  -11.89548 1.000 37.96000 ? 46  VAL A C   1 
ATOM   364  O O   . VAL A 1 48  ? -4.68039  -0.09513  -12.83555 1.000 39.89000 ? 46  VAL A O   1 
ATOM   365  C CB  . VAL A 1 48  ? -4.34434  -3.27745  -12.73562 1.000 35.28000 ? 46  VAL A CB  1 
ATOM   366  C CG1 . VAL A 1 48  ? -5.01172  -4.64483  -12.73668 1.000 38.23000 ? 46  VAL A CG1 1 
ATOM   367  C CG2 . VAL A 1 48  ? -4.11969  -2.79110  -14.15835 1.000 45.46000 ? 46  VAL A CG2 1 
ATOM   368  N N   . LEU A 1 49  ? -3.88795  -0.59611  -10.78251 1.000 36.50000 ? 47  LEU A N   1 
ATOM   369  C CA  . LEU A 1 49  ? -3.13079  0.64035   -10.65614 1.000 34.06000 ? 47  LEU A CA  1 
ATOM   370  C C   . LEU A 1 49  ? -1.95156  0.63510   -11.61759 1.000 37.65000 ? 47  LEU A C   1 
ATOM   371  O O   . LEU A 1 49  ? -1.39290  -0.41526  -11.94572 1.000 35.20000 ? 47  LEU A O   1 
ATOM   372  C CB  . LEU A 1 49  ? -2.56113  0.77257   -9.24540  1.000 37.27000 ? 47  LEU A CB  1 
ATOM   373  C CG  . LEU A 1 49  ? -3.33374  1.41839   -8.09735  1.000 37.15000 ? 47  LEU A CG  1 
ATOM   374  C CD1 . LEU A 1 49  ? -2.52839  1.26877   -6.80868  1.000 29.66000 ? 47  LEU A CD1 1 
ATOM   375  C CD2 . LEU A 1 49  ? -3.62345  2.87254   -8.38087  1.000 34.44000 ? 47  LEU A CD2 1 
ATOM   376  N N   . ASP A 1 50  ? -1.55475  1.83997   -12.03626 1.000 47.41000 ? 48  ASP A N   1 
ATOM   377  C CA  . ASP A 1 50  ? -0.41405  1.99795   -12.93388 1.000 50.29000 ? 48  ASP A CA  1 
ATOM   378  C C   . ASP A 1 50  ? 0.87071   1.48040   -12.29516 1.000 45.02000 ? 48  ASP A C   1 
ATOM   379  O O   . ASP A 1 50  ? 1.72909   0.91114   -12.97924 1.000 50.41000 ? 48  ASP A O   1 
ATOM   380  C CB  . ASP A 1 50  ? -0.26062  3.47563   -13.29888 1.000 55.86000 ? 48  ASP A CB  1 
ATOM   381  C CG  . ASP A 1 50  ? -0.19408  4.37579   -12.07142 1.000 58.11000 ? 48  ASP A CG  1 
ATOM   382  O OD1 . ASP A 1 50  ? -1.04163  4.21977   -11.16278 1.000 49.19000 ? 48  ASP A OD1 1 
ATOM   383  O OD2 . ASP A 1 50  ? 0.71142   5.23736   -12.01424 1.000 59.87000 ? 48  ASP A OD2 1 
ATOM   384  N N   . LYS A 1 51  ? 1.02264   1.67100   -10.98930 1.000 32.59000 ? 49  LYS A N   1 
ATOM   385  C CA  . LYS A 1 51  ? 2.22535   1.24628   -10.29541 1.000 34.46000 ? 49  LYS A CA  1 
ATOM   386  C C   . LYS A 1 51  ? 1.85238   0.64138   -8.95114  1.000 26.75000 ? 49  LYS A C   1 
ATOM   387  O O   . LYS A 1 51  ? 0.73565   0.80962   -8.45534  1.000 25.47000 ? 49  LYS A O   1 
ATOM   388  C CB  . LYS A 1 51  ? 3.24305   2.38033   -10.14388 1.000 40.38000 ? 49  LYS A CB  1 
ATOM   389  C CG  . LYS A 1 51  ? 2.85163   3.47041   -9.16946  1.000 36.09000 ? 49  LYS A CG  1 
ATOM   390  C CD  . LYS A 1 51  ? 4.04800   4.35814   -8.89286  1.000 40.74000 ? 49  LYS A CD  1 
ATOM   391  C CE  . LYS A 1 51  ? 3.72448   5.44925   -7.90164  1.000 38.72000 ? 49  LYS A CE  1 
ATOM   392  N NZ  . LYS A 1 51  ? 4.88337   6.36188   -7.70790  1.000 51.08000 ? 49  LYS A NZ  1 
ATOM   393  N N   . THR A 1 52  ? 2.82551   -0.04833  -8.36990  1.000 25.43000 ? 50  THR A N   1 
ATOM   394  C CA  A THR A 1 52  ? 2.66343   -0.86098  -7.17236  0.300 23.31000 ? 50  THR A CA  1 
ATOM   395  C CA  B THR A 1 52  ? 2.61604   -0.81389  -7.14986  0.700 23.18000 ? 50  THR A CA  1 
ATOM   396  C C   . THR A 1 52  ? 3.46269   -0.35231  -5.98140  1.000 19.42000 ? 50  THR A C   1 
ATOM   397  O O   . THR A 1 52  ? 3.06687   -0.57371  -4.83943  1.000 19.52000 ? 50  THR A O   1 
ATOM   398  C CB  A THR A 1 52  ? 3.12415   -2.29174  -7.47773  0.300 27.43000 ? 50  THR A CB  1 
ATOM   399  C CB  B THR A 1 52  ? 2.89615   -2.30551  -7.39066  0.700 27.39000 ? 50  THR A CB  1 
ATOM   400  O OG1 A THR A 1 52  ? 2.53597   -2.73553  -8.70752  0.300 33.36000 ? 50  THR A OG1 1 
ATOM   401  O OG1 B THR A 1 52  ? 4.24763   -2.47268  -7.83477  0.700 28.81000 ? 50  THR A OG1 1 
ATOM   402  C CG2 A THR A 1 52  ? 2.73807   -3.23322  -6.37148  0.300 24.10000 ? 50  THR A CG2 1 
ATOM   403  C CG2 B THR A 1 52  ? 1.94930   -2.86673  -8.44178  0.700 33.13000 ? 50  THR A CG2 1 
ATOM   404  N N   . LYS A 1 53  ? 4.59093   0.29900   -6.22106  1.000 20.69000 ? 51  LYS A N   1 
ATOM   405  C CA  . LYS A 1 53  ? 5.49575   0.70331   -5.15929  1.000 20.77000 ? 51  LYS A CA  1 
ATOM   406  C C   . LYS A 1 53  ? 5.34714   2.19911   -4.93894  1.000 19.95000 ? 51  LYS A C   1 
ATOM   407  O O   . LYS A 1 53  ? 5.51439   2.99401   -5.87179  1.000 22.32000 ? 51  LYS A O   1 
ATOM   408  C CB  . LYS A 1 53  ? 6.93756   0.34175   -5.51421  1.000 24.46000 ? 51  LYS A CB  1 
ATOM   409  C CG  . LYS A 1 53  ? 7.94334   0.57282   -4.38652  1.000 24.28000 ? 51  LYS A CG  1 
ATOM   410  C CD  . LYS A 1 53  ? 9.36411   0.39919   -4.90184  1.000 34.11000 ? 51  LYS A CD  1 
ATOM   411  C CE  . LYS A 1 53  ? 9.45257   -0.72158  -5.93294  1.000 41.36000 ? 51  LYS A CE  1 
ATOM   412  N NZ  . LYS A 1 53  ? 10.68984  -0.60851  -6.75564  1.000 43.13000 ? 51  LYS A NZ  1 
ATOM   413  N N   . PHE A 1 54  ? 5.01620   2.57719   -3.71220  1.000 18.74000 ? 52  PHE A N   1 
ATOM   414  C CA  . PHE A 1 54  ? 4.82594   3.96743   -3.34408  1.000 18.31000 ? 52  PHE A CA  1 
ATOM   415  C C   . PHE A 1 54  ? 5.72491   4.30833   -2.17037  1.000 19.04000 ? 52  PHE A C   1 
ATOM   416  O O   . PHE A 1 54  ? 5.90768   3.50066   -1.25743  1.000 21.76000 ? 52  PHE A O   1 
ATOM   417  C CB  . PHE A 1 54  ? 3.36198   4.20759   -2.95802  1.000 19.65000 ? 52  PHE A CB  1 
ATOM   418  C CG  . PHE A 1 54  ? 2.39684   4.01448   -4.09686  1.000 20.21000 ? 52  PHE A CG  1 
ATOM   419  C CD1 . PHE A 1 54  ? 1.98460   2.74385   -4.48138  1.000 21.97000 ? 52  PHE A CD1 1 
ATOM   420  C CD2 . PHE A 1 54  ? 1.91622   5.11201   -4.79739  1.000 27.10000 ? 52  PHE A CD2 1 
ATOM   421  C CE1 . PHE A 1 54  ? 1.10484   2.57276   -5.53682  1.000 23.22000 ? 52  PHE A CE1 1 
ATOM   422  C CE2 . PHE A 1 54  ? 1.02119   4.95112   -5.85497  1.000 27.67000 ? 52  PHE A CE2 1 
ATOM   423  C CZ  . PHE A 1 54  ? 0.61852   3.67556   -6.22567  1.000 26.82000 ? 52  PHE A CZ  1 
ATOM   424  N N   A LEU A 1 55  ? 6.27092   5.51378   -2.18754  0.340 19.10000 ? 53  LEU A N   1 
ATOM   425  N N   B LEU A 1 55  ? 6.29574   5.49807   -2.20221  0.660 19.08000 ? 53  LEU A N   1 
ATOM   426  C CA  A LEU A 1 55  ? 7.05480   6.04905   -1.07625  0.340 18.70000 ? 53  LEU A CA  1 
ATOM   427  C CA  B LEU A 1 55  ? 7.04488   6.04133   -1.07590  0.660 18.68000 ? 53  LEU A CA  1 
ATOM   428  C C   A LEU A 1 55  ? 6.18541   7.11698   -0.41989  0.340 19.09000 ? 53  LEU A C   1 
ATOM   429  C C   B LEU A 1 55  ? 6.16515   7.10437   -0.43155  0.660 19.09000 ? 53  LEU A C   1 
ATOM   430  O O   A LEU A 1 55  ? 6.01743   8.21213   -0.96520  0.340 22.31000 ? 53  LEU A O   1 
ATOM   431  O O   B LEU A 1 55  ? 5.95322   8.17722   -1.00796  0.660 22.37000 ? 53  LEU A O   1 
ATOM   432  C CB  A LEU A 1 55  ? 8.37024   6.63499   -1.58060  0.340 20.39000 ? 53  LEU A CB  1 
ATOM   433  C CB  B LEU A 1 55  ? 8.36890   6.62921   -1.55186  0.660 20.41000 ? 53  LEU A CB  1 
ATOM   434  C CG  A LEU A 1 55  ? 9.57980   5.72018   -1.80198  0.340 22.39000 ? 53  LEU A CG  1 
ATOM   435  C CG  B LEU A 1 55  ? 9.27801   5.66486   -2.31479  0.660 19.48000 ? 53  LEU A CG  1 
ATOM   436  C CD1 A LEU A 1 55  ? 9.22013   4.41041   -2.49888  0.340 22.24000 ? 53  LEU A CD1 1 
ATOM   437  C CD1 B LEU A 1 55  ? 10.61130  6.34319   -2.60524  0.660 25.52000 ? 53  LEU A CD1 1 
ATOM   438  C CD2 A LEU A 1 55  ? 10.64305  6.46813   -2.59245  0.340 25.41000 ? 53  LEU A CD2 1 
ATOM   439  C CD2 B LEU A 1 55  ? 9.48169   4.36670   -1.54121  0.660 20.64000 ? 53  LEU A CD2 1 
ATOM   440  N N   . VAL A 1 56  ? 5.61892   6.79987   0.73945   1.000 16.84000 ? 54  VAL A N   1 
ATOM   441  C CA  . VAL A 1 56  ? 4.59722   7.63422   1.36981   1.000 17.19000 ? 54  VAL A CA  1 
ATOM   442  C C   . VAL A 1 56  ? 5.25106   8.49636   2.44338   1.000 16.70000 ? 54  VAL A C   1 
ATOM   443  O O   . VAL A 1 56  ? 5.82497   7.94933   3.39236   1.000 17.18000 ? 54  VAL A O   1 
ATOM   444  C CB  . VAL A 1 56  ? 3.46381   6.77842   1.95518   1.000 16.98000 ? 54  VAL A CB  1 
ATOM   445  C CG1 . VAL A 1 56  ? 2.38813   7.67679   2.50082   1.000 17.69000 ? 54  VAL A CG1 1 
ATOM   446  C CG2 . VAL A 1 56  ? 2.86769   5.86809   0.86747   1.000 18.59000 ? 54  VAL A CG2 1 
ATOM   447  N N   . PRO A 1 57  ? 5.18228   9.82075   2.35926   1.000 17.11000 ? 55  PRO A N   1 
ATOM   448  C CA  . PRO A 1 57  ? 5.69042   10.65448  3.45412   1.000 17.56000 ? 55  PRO A CA  1 
ATOM   449  C C   . PRO A 1 57  ? 5.11681   10.19360  4.78766   1.000 17.86000 ? 55  PRO A C   1 
ATOM   450  O O   . PRO A 1 57  ? 3.91529   9.91903   4.91544   1.000 17.26000 ? 55  PRO A O   1 
ATOM   451  C CB  . PRO A 1 57  ? 5.20603   12.05926  3.07147   1.000 18.88000 ? 55  PRO A CB  1 
ATOM   452  C CG  . PRO A 1 57  ? 5.10650   12.01647  1.57750   1.000 19.34000 ? 55  PRO A CG  1 
ATOM   453  C CD  . PRO A 1 57  ? 4.62858   10.61992  1.24621   1.000 19.41000 ? 55  PRO A CD  1 
ATOM   454  N N   . ASP A 1 58  ? 5.98439   10.07908  5.79201   1.000 17.13000 ? 56  ASP A N   1 
ATOM   455  C CA  . ASP A 1 58  ? 5.61742   9.34293   7.00018   1.000 18.07000 ? 56  ASP A CA  1 
ATOM   456  C C   . ASP A 1 58  ? 4.53995   10.01315  7.84576   1.000 18.61000 ? 56  ASP A C   1 
ATOM   457  O O   . ASP A 1 58  ? 4.00537   9.37207   8.75198   1.000 20.33000 ? 56  ASP A O   1 
ATOM   458  C CB  . ASP A 1 58  ? 6.85367   8.91641   7.82389   1.000 18.13000 ? 56  ASP A CB  1 
ATOM   459  C CG  . ASP A 1 58  ? 7.61326   10.06355  8.41722   1.000 28.73000 ? 56  ASP A CG  1 
ATOM   460  O OD1 . ASP A 1 58  ? 7.24848   11.23910  8.22104   1.000 23.90000 ? 56  ASP A OD1 1 
ATOM   461  O OD2 . ASP A 1 58  ? 8.60284   9.75840   9.11283   1.000 31.80000 ? 56  ASP A OD2 1 
ATOM   462  N N   . HIS A 1 59  ? 4.19491   11.26605  7.57572   1.000 18.04000 ? 57  HIS A N   1 
ATOM   463  C CA  . HIS A 1 59  ? 3.16360   11.95631  8.33683   1.000 19.85000 ? 57  HIS A CA  1 
ATOM   464  C C   . HIS A 1 59  ? 1.77840   11.81338  7.72224   1.000 19.10000 ? 57  HIS A C   1 
ATOM   465  O O   . HIS A 1 59  ? 0.80456   12.28108  8.32788   1.000 21.80000 ? 57  HIS A O   1 
ATOM   466  C CB  . HIS A 1 59  ? 3.49389   13.44988  8.40056   1.000 24.40000 ? 57  HIS A CB  1 
ATOM   467  C CG  . HIS A 1 59  ? 3.56751   14.08686  7.04569   1.000 31.00000 ? 57  HIS A CG  1 
ATOM   468  N ND1 . HIS A 1 59  ? 2.48940   14.71237  6.45539   1.000 37.58000 ? 57  HIS A ND1 1 
ATOM   469  C CD2 . HIS A 1 59  ? 4.57378   14.14093  6.14006   1.000 36.68000 ? 57  HIS A CD2 1 
ATOM   470  C CE1 . HIS A 1 59  ? 2.83718   15.15092  5.25817   1.000 36.44000 ? 57  HIS A CE1 1 
ATOM   471  N NE2 . HIS A 1 59  ? 4.09789   14.82033  5.04249   1.000 39.74000 ? 57  HIS A NE2 1 
ATOM   472  N N   . VAL A 1 60  ? 1.66700   11.21121  6.54108   1.000 17.78000 ? 58  VAL A N   1 
ATOM   473  C CA  . VAL A 1 60  ? 0.37809   11.10203  5.85589   1.000 18.81000 ? 58  VAL A CA  1 
ATOM   474  C C   . VAL A 1 60  ? -0.54115  10.13728  6.60263   1.000 18.39000 ? 58  VAL A C   1 
ATOM   475  O O   . VAL A 1 60  ? -0.14828  9.01210   6.94460   1.000 18.04000 ? 58  VAL A O   1 
ATOM   476  C CB  . VAL A 1 60  ? 0.60338   10.68252  4.39854   1.000 17.29000 ? 58  VAL A CB  1 
ATOM   477  C CG1 . VAL A 1 60  ? -0.72191  10.33600  3.70419   1.000 19.30000 ? 58  VAL A CG1 1 
ATOM   478  C CG2 . VAL A 1 60  ? 1.31224   11.81111  3.65688   1.000 22.15000 ? 58  VAL A CG2 1 
ATOM   479  N N   . ASN A 1 61  ? -1.78193  10.56879  6.85164   1.000 17.29000 ? 59  ASN A N   1 
ATOM   480  C CA  . ASN A 1 61  ? -2.75525  9.71814   7.53278   1.000 17.02000 ? 59  ASN A CA  1 
ATOM   481  C C   . ASN A 1 61  ? -3.20127  8.58000   6.62911   1.000 16.80000 ? 59  ASN A C   1 
ATOM   482  O O   . ASN A 1 61  ? -3.34078  8.74441   5.41528   1.000 16.73000 ? 59  ASN A O   1 
ATOM   483  C CB  . ASN A 1 61  ? -3.99604  10.52782  7.90093   1.000 22.58000 ? 59  ASN A CB  1 
ATOM   484  C CG  . ASN A 1 61  ? -3.81085  11.35368  9.13802   1.000 24.60000 ? 59  ASN A CG  1 
ATOM   485  O OD1 . ASN A 1 61  ? -2.88900  11.13029  9.91877   1.000 24.97000 ? 59  ASN A OD1 1 
ATOM   486  N ND2 . ASN A 1 61  ? -4.69875  12.32371  9.33311   1.000 28.80000 ? 59  ASN A ND2 1 
ATOM   487  N N   . MET A 1 62  ? -3.43758  7.40864   7.22610   1.000 17.10000 ? 60  MET A N   1 
ATOM   488  C CA  . MET A 1 62  ? -3.91262  6.27557   6.43732   1.000 16.65000 ? 60  MET A CA  1 
ATOM   489  C C   . MET A 1 62  ? -5.21522  6.60882   5.72477   1.000 16.45000 ? 60  MET A C   1 
ATOM   490  O O   . MET A 1 62  ? -5.42871  6.19685   4.57953   1.000 17.03000 ? 60  MET A O   1 
ATOM   491  C CB  . MET A 1 62  ? -4.08893  5.04079   7.32689   1.000 18.81000 ? 60  MET A CB  1 
ATOM   492  C CG  . MET A 1 62  ? -2.78026  4.52670   7.90214   1.000 21.08000 ? 60  MET A CG  1 
ATOM   493  S SD  . MET A 1 62  ? -1.51065  4.16108   6.66916   1.000 24.66000 ? 60  MET A SD  1 
ATOM   494  C CE  . MET A 1 62  ? -2.35679  2.93533   5.69823   1.000 25.17000 ? 60  MET A CE  1 
ATOM   495  N N   . SER A 1 63  ? -6.10437  7.34704   6.39371   1.000 18.69000 ? 61  SER A N   1 
ATOM   496  C CA  . SER A 1 63  ? -7.38160  7.68931   5.78114   1.000 18.78000 ? 61  SER A CA  1 
ATOM   497  C C   . SER A 1 63  ? -7.18569  8.57107   4.54935   1.000 18.89000 ? 61  SER A C   1 
ATOM   498  O O   . SER A 1 63  ? -7.96253  8.48706   3.58355   1.000 19.65000 ? 61  SER A O   1 
ATOM   499  C CB  . SER A 1 63  ? -8.28202  8.36589   6.81417   1.000 19.88000 ? 61  SER A CB  1 
ATOM   500  O OG  . SER A 1 63  ? -7.62281  9.46860   7.40468   1.000 23.17000 ? 61  SER A OG  1 
ATOM   501  N N   . GLU A 1 64  ? -6.15481  9.42077   4.56739   1.000 18.90000 ? 62  GLU A N   1 
ATOM   502  C CA  . GLU A 1 64  ? -5.84202  10.23199  3.39761   1.000 18.62000 ? 62  GLU A CA  1 
ATOM   503  C C   . GLU A 1 64  ? -5.24797  9.38469   2.27642   1.000 18.02000 ? 62  GLU A C   1 
ATOM   504  O O   . GLU A 1 64  ? -5.54843  9.59831   1.09213   1.000 17.83000 ? 62  GLU A O   1 
ATOM   505  C CB  . GLU A 1 64  ? -4.91648  11.38247  3.79174   1.000 20.08000 ? 62  GLU A CB  1 
ATOM   506  C CG  . GLU A 1 64  ? -4.27157  12.10743  2.61953   1.000 22.86000 ? 62  GLU A CG  1 
ATOM   507  C CD  . GLU A 1 64  ? -5.26253  12.82070  1.70062   1.000 27.18000 ? 62  GLU A CD  1 
ATOM   508  O OE1 . GLU A 1 64  ? -6.46411  12.91259  2.04154   1.000 27.03000 ? 62  GLU A OE1 1 
ATOM   509  O OE2 . GLU A 1 64  ? -4.83747  13.27131  0.61223   1.000 25.44000 ? 62  GLU A OE2 1 
ATOM   510  N N   . LEU A 1 65  ? -4.41526  8.40016   2.61788   1.000 16.44000 ? 63  LEU A N   1 
ATOM   511  C CA  . LEU A 1 65  ? -3.91508  7.50137   1.58709   1.000 16.03000 ? 63  LEU A CA  1 
ATOM   512  C C   . LEU A 1 65  ? -5.06228  6.79234   0.87649   1.000 16.47000 ? 63  LEU A C   1 
ATOM   513  O O   . LEU A 1 65  ? -5.02053  6.58420   -0.34588  1.000 17.06000 ? 63  LEU A O   1 
ATOM   514  C CB  . LEU A 1 65  ? -2.93228  6.51266   2.21695   1.000 16.30000 ? 63  LEU A CB  1 
ATOM   515  C CG  . LEU A 1 65  ? -2.23868  5.58802   1.21927   1.000 17.10000 ? 63  LEU A CG  1 
ATOM   516  C CD1 . LEU A 1 65  ? -1.42650  6.34549   0.17233   1.000 18.49000 ? 63  LEU A CD1 1 
ATOM   517  C CD2 . LEU A 1 65  ? -1.34042  4.62770   2.00885   1.000 19.72000 ? 63  LEU A CD2 1 
ATOM   518  N N   . VAL A 1 66  ? -6.11324  6.42250   1.61964   1.000 16.64000 ? 64  VAL A N   1 
ATOM   519  C CA  . VAL A 1 66  ? -7.27136  5.78145   0.99907   1.000 18.28000 ? 64  VAL A CA  1 
ATOM   520  C C   . VAL A 1 66  ? -7.85919  6.68835   -0.07575  1.000 18.19000 ? 64  VAL A C   1 
ATOM   521  O O   . VAL A 1 66  ? -8.16052  6.25313   -1.19900  1.000 19.30000 ? 64  VAL A O   1 
ATOM   522  C CB  . VAL A 1 66  ? -8.32783  5.40108   2.05773   1.000 18.80000 ? 64  VAL A CB  1 
ATOM   523  C CG1 . VAL A 1 66  ? -9.57863  4.85045   1.37596   1.000 22.59000 ? 64  VAL A CG1 1 
ATOM   524  C CG2 . VAL A 1 66  ? -7.80343  4.38698   3.04040   1.000 19.99000 ? 64  VAL A CG2 1 
ATOM   525  N N   . LYS A 1 67  ? -8.01347  7.97192   0.25293   1.000 19.14000 ? 65  LYS A N   1 
ATOM   526  C CA  . LYS A 1 67  ? -8.57407  8.92502   -0.69782  1.000 19.22000 ? 65  LYS A CA  1 
ATOM   527  C C   . LYS A 1 67  ? -7.65945  9.12711   -1.89783  1.000 19.91000 ? 65  LYS A C   1 
ATOM   528  O O   . LYS A 1 67  ? -8.13211  9.27536   -3.03271  1.000 20.70000 ? 65  LYS A O   1 
ATOM   529  C CB  . LYS A 1 67  ? -8.81359  10.26871  -0.01367  1.000 22.23000 ? 65  LYS A CB  1 
ATOM   530  C CG  . LYS A 1 67  ? -9.86696  10.25610  1.05783   1.000 25.11000 ? 65  LYS A CG  1 
ATOM   531  C CD  . LYS A 1 67  ? -10.04634 11.66341  1.61250   1.000 31.57000 ? 65  LYS A CD  1 
ATOM   532  C CE  . LYS A 1 67  ? -10.63217 11.64312  3.01376   1.000 44.35000 ? 65  LYS A CE  1 
ATOM   533  N NZ  . LYS A 1 67  ? -12.03442 11.14648  3.00966   1.000 46.97000 ? 65  LYS A NZ  1 
ATOM   534  N N   . ILE A 1 68  ? -6.34714  9.15178   -1.66306  1.000 18.37000 ? 66  ILE A N   1 
ATOM   535  C CA  . ILE A 1 68  ? -5.38692  9.34208   -2.74680  1.000 18.14000 ? 66  ILE A CA  1 
ATOM   536  C C   . ILE A 1 68  ? -5.44990  8.18470   -3.73184  1.000 18.34000 ? 66  ILE A C   1 
ATOM   537  O O   . ILE A 1 68  ? -5.48043  8.38269   -4.95583  1.000 18.17000 ? 66  ILE A O   1 
ATOM   538  C CB  . ILE A 1 68  ? -3.97191  9.50911   -2.17327  1.000 17.63000 ? 66  ILE A CB  1 
ATOM   539  C CG1 . ILE A 1 68  ? -3.84168  10.85841  -1.47637  1.000 18.43000 ? 66  ILE A CG1 1 
ATOM   540  C CG2 . ILE A 1 68  ? -2.91861  9.34336   -3.27238  1.000 20.77000 ? 66  ILE A CG2 1 
ATOM   541  C CD1 . ILE A 1 68  ? -2.56685  11.00364  -0.63822  1.000 19.44000 ? 66  ILE A CD1 1 
ATOM   542  N N   . ILE A 1 69  ? -5.46567  6.95182   -3.21743  1.000 18.27000 ? 67  ILE A N   1 
ATOM   543  C CA  . ILE A 1 69  ? -5.47238  5.80181   -4.10701  1.000 19.01000 ? 67  ILE A CA  1 
ATOM   544  C C   . ILE A 1 69  ? -6.79349  5.72214   -4.84693  1.000 20.08000 ? 67  ILE A C   1 
ATOM   545  O O   . ILE A 1 69  ? -6.83324  5.39327   -6.04104  1.000 20.31000 ? 67  ILE A O   1 
ATOM   546  C CB  . ILE A 1 69  ? -5.15294  4.51184   -3.33130  1.000 17.92000 ? 67  ILE A CB  1 
ATOM   547  C CG1 . ILE A 1 69  ? -3.75803  4.60974   -2.71227  1.000 18.91000 ? 67  ILE A CG1 1 
ATOM   548  C CG2 . ILE A 1 69  ? -5.30178  3.28758   -4.24383  1.000 20.00000 ? 67  ILE A CG2 1 
ATOM   549  C CD1 . ILE A 1 69  ? -2.65434  4.91150   -3.71716  1.000 20.85000 ? 67  ILE A CD1 1 
ATOM   550  N N   . ARG A 1 70  ? -7.89598  6.04291   -4.16983  1.000 19.23000 ? 68  ARG A N   1 
ATOM   551  C CA  . ARG A 1 70  ? -9.16651  6.08868   -4.88739  1.000 22.45000 ? 68  ARG A CA  1 
ATOM   552  C C   . ARG A 1 70  ? -9.10103  7.05509   -6.06606  1.000 21.45000 ? 68  ARG A C   1 
ATOM   553  O O   . ARG A 1 70  ? -9.55997  6.72538   -7.16824  1.000 24.20000 ? 68  ARG A O   1 
ATOM   554  C CB  . ARG A 1 70  ? -10.33906 6.41586   -3.95733  1.000 24.45000 ? 68  ARG A CB  1 
ATOM   555  C CG  . ARG A 1 70  ? -11.67314 5.98922   -4.57163  1.000 26.01000 ? 68  ARG A CG  1 
ATOM   556  C CD  . ARG A 1 70  ? -12.87924 6.53241   -3.83076  1.000 27.17000 ? 68  ARG A CD  1 
ATOM   557  N NE  . ARG A 1 70  ? -14.09797 5.93072   -4.37180  1.000 33.54000 ? 68  ARG A NE  1 
ATOM   558  C CZ  . ARG A 1 70  ? -14.68904 6.32117   -5.49434  1.000 38.85000 ? 68  ARG A CZ  1 
ATOM   559  N NH1 . ARG A 1 70  ? -14.18958 7.33307   -6.19531  1.000 39.08000 ? 68  ARG A NH1 1 
ATOM   560  N NH2 . ARG A 1 70  ? -15.78377 5.69868   -5.91996  1.000 36.24000 ? 68  ARG A NH2 1 
ATOM   561  N N   . ARG A 1 71  ? -8.51992  8.24459   -5.87079  1.000 21.03000 ? 69  ARG A N   1 
ATOM   562  C CA  . ARG A 1 71  ? -8.39962  9.19992   -6.97593  1.000 23.39000 ? 69  ARG A CA  1 
ATOM   563  C C   . ARG A 1 71  ? -7.51827  8.65441   -8.09130  1.000 21.96000 ? 69  ARG A C   1 
ATOM   564  O O   . ARG A 1 71  ? -7.79545  8.86849   -9.27750  1.000 24.30000 ? 69  ARG A O   1 
ATOM   565  C CB  . ARG A 1 71  ? -7.81911  10.52786  -6.47941  1.000 24.38000 ? 69  ARG A CB  1 
ATOM   566  C CG  . ARG A 1 71  ? -8.82372  11.45616  -5.84134  1.000 24.20000 ? 69  ARG A CG  1 
ATOM   567  C CD  . ARG A 1 71  ? -8.32122  12.89960  -5.77215  1.000 24.34000 ? 69  ARG A CD  1 
ATOM   568  N NE  . ARG A 1 71  ? -7.16009  13.06771  -4.89541  1.000 22.09000 ? 69  ARG A NE  1 
ATOM   569  C CZ  . ARG A 1 71  ? -7.22437  13.28322  -3.58366  1.000 21.66000 ? 69  ARG A CZ  1 
ATOM   570  N NH1 . ARG A 1 71  ? -8.39933  13.35101  -2.96796  1.000 20.81000 ? 69  ARG A NH1 1 
ATOM   571  N NH2 . ARG A 1 71  ? -6.11034  13.44198  -2.88600  1.000 22.39000 ? 69  ARG A NH2 1 
ATOM   572  N N   . ARG A 1 72  ? -6.44423  7.95747   -7.73345  1.000 21.92000 ? 70  ARG A N   1 
ATOM   573  C CA  . ARG A 1 72  ? -5.52277  7.46758   -8.74659  1.000 22.54000 ? 70  ARG A CA  1 
ATOM   574  C C   . ARG A 1 72  ? -6.18168  6.42883   -9.63845  1.000 24.61000 ? 70  ARG A C   1 
ATOM   575  O O   . ARG A 1 72  ? -5.81146  6.29930   -10.80988 1.000 27.26000 ? 70  ARG A O   1 
ATOM   576  C CB  . ARG A 1 72  ? -4.28791  6.88553   -8.06439  1.000 25.15000 ? 70  ARG A CB  1 
ATOM   577  C CG  . ARG A 1 72  ? -3.10738  6.73750   -8.97890  1.000 28.60000 ? 70  ARG A CG  1 
ATOM   578  C CD  . ARG A 1 72  ? -1.86556  6.30489   -8.22297  1.000 27.48000 ? 70  ARG A CD  1 
ATOM   579  N NE  . ARG A 1 72  ? -0.76466  6.17450   -9.16100  1.000 32.04000 ? 70  ARG A NE  1 
ATOM   580  C CZ  . ARG A 1 72  ? 0.12834   7.12579   -9.39388  1.000 30.15000 ? 70  ARG A CZ  1 
ATOM   581  N NH1 . ARG A 1 72  ? 0.06721   8.27204   -8.73564  1.000 30.55000 ? 70  ARG A NH1 1 
ATOM   582  N NH2 . ARG A 1 72  ? 1.08557   6.92852   -10.29056 1.000 32.75000 ? 70  ARG A NH2 1 
ATOM   583  N N   . LEU A 1 73  ? -7.16416  5.69187   -9.10483  1.000 22.55000 ? 71  LEU A N   1 
ATOM   584  C CA  . LEU A 1 73  ? -7.87914  4.67767   -9.86976  1.000 25.75000 ? 71  LEU A CA  1 
ATOM   585  C C   . LEU A 1 73  ? -8.91742  5.26072   -10.82106 1.000 27.62000 ? 71  LEU A C   1 
ATOM   586  O O   . LEU A 1 73  ? -9.39323  4.53680   -11.70760 1.000 30.83000 ? 71  LEU A O   1 
ATOM   587  C CB  . LEU A 1 73  ? -8.55608  3.69361   -8.91640  1.000 26.64000 ? 71  LEU A CB  1 
ATOM   588  C CG  . LEU A 1 73  ? -7.60823  2.68580   -8.26907  1.000 25.56000 ? 71  LEU A CG  1 
ATOM   589  C CD1 . LEU A 1 73  ? -8.30901  1.91534   -7.17114  1.000 29.22000 ? 71  LEU A CD1 1 
ATOM   590  C CD2 . LEU A 1 73  ? -7.05367  1.71792   -9.31261  1.000 29.93000 ? 71  LEU A CD2 1 
ATOM   591  N N   . GLN A 1 74  ? -9.28586  6.53258   -10.65525 1.000 27.72000 ? 72  GLN A N   1 
ATOM   592  C CA  . GLN A 1 74  ? -10.24210 7.22345   -11.52509 1.000 31.82000 ? 72  GLN A CA  1 
ATOM   593  C C   . GLN A 1 74  ? -11.55476 6.44683   -11.65059 1.000 35.15000 ? 72  GLN A C   1 
ATOM   594  O O   . GLN A 1 74  ? -11.96617 6.02113   -12.73310 1.000 40.45000 ? 72  GLN A O   1 
ATOM   595  C CB  . GLN A 1 74  ? -9.63647  7.55655   -12.89031 1.000 32.52000 ? 72  GLN A CB  1 
ATOM   596  C CG  . GLN A 1 74  ? -8.26581  8.21202   -12.82888 1.000 34.03000 ? 72  GLN A CG  1 
ATOM   597  C CD  . GLN A 1 74  ? -7.72129  8.53841   -14.20459 1.000 40.35000 ? 72  GLN A CD  1 
ATOM   598  O OE1 . GLN A 1 74  ? -8.41581  9.12411   -15.03401 1.000 51.33000 ? 72  GLN A OE1 1 
ATOM   599  N NE2 . GLN A 1 74  ? -6.47933  8.14717   -14.46041 1.000 46.17000 ? 72  GLN A NE2 1 
ATOM   600  N N   . LEU A 1 75  ? -12.20679 6.26567   -10.50857 1.000 39.32000 ? 73  LEU A N   1 
ATOM   601  C CA  . LEU A 1 75  ? -13.47140 5.55382   -10.42871 1.000 39.76000 ? 73  LEU A CA  1 
ATOM   602  C C   . LEU A 1 75  ? -14.63506 6.53463   -10.48715 1.000 47.81000 ? 73  LEU A C   1 
ATOM   603  O O   . LEU A 1 75  ? -14.47952 7.74536   -10.31562 1.000 48.44000 ? 73  LEU A O   1 
ATOM   604  C CB  . LEU A 1 75  ? -13.54688 4.74258   -9.13071  1.000 36.18000 ? 73  LEU A CB  1 
ATOM   605  C CG  . LEU A 1 75  ? -12.32816 3.90562   -8.75012  1.000 31.05000 ? 73  LEU A CG  1 
ATOM   606  C CD1 . LEU A 1 75  ? -12.48349 3.39030   -7.33743  1.000 29.33000 ? 73  LEU A CD1 1 
ATOM   607  C CD2 . LEU A 1 75  ? -12.13987 2.74876   -9.72769  1.000 33.56000 ? 73  LEU A CD2 1 
ATOM   608  N N   . ASN A 1 76  ? -15.81269 5.99402   -10.73241 1.000 54.70000 ? 74  ASN A N   1 
ATOM   609  C CA  . ASN A 1 76  ? -17.00231 6.82083   -10.62151 1.000 63.82000 ? 74  ASN A CA  1 
ATOM   610  C C   . ASN A 1 76  ? -17.51342 6.80584   -9.18741  1.000 61.49000 ? 74  ASN A C   1 
ATOM   611  O O   . ASN A 1 76  ? -17.19801 5.89603   -8.41315  1.000 59.73000 ? 74  ASN A O   1 
ATOM   612  C CB  . ASN A 1 76  ? -18.08174 6.31519   -11.57587 1.000 66.66000 ? 74  ASN A CB  1 
ATOM   613  C CG  . ASN A 1 76  ? -18.36945 4.84204   -11.40176 1.000 72.26000 ? 74  ASN A CG  1 
ATOM   614  O OD1 . ASN A 1 76  ? -18.67816 4.38035   -10.30815 1.000 75.04000 ? 74  ASN A OD1 1 
ATOM   615  N ND2 . ASN A 1 76  ? -18.27443 4.09234   -12.49195 1.000 79.01000 ? 74  ASN A ND2 1 
ATOM   616  N N   . PRO A 1 77  ? -18.30186 7.81099   -8.79611  1.000 55.71000 ? 75  PRO A N   1 
ATOM   617  C CA  . PRO A 1 77  ? -18.76239 7.88461   -7.39731  1.000 57.22000 ? 75  PRO A CA  1 
ATOM   618  C C   . PRO A 1 77  ? -19.50995 6.65633   -6.88910  1.000 54.06000 ? 75  PRO A C   1 
ATOM   619  O O   . PRO A 1 77  ? -19.56425 6.45436   -5.66986  1.000 55.37000 ? 75  PRO A O   1 
ATOM   620  C CB  . PRO A 1 77  ? -19.65834 9.13066   -7.38814  1.000 55.76000 ? 75  PRO A CB  1 
ATOM   621  C CG  . PRO A 1 77  ? -19.11129 9.98436   -8.47785  1.000 48.02000 ? 75  PRO A CG  1 
ATOM   622  C CD  . PRO A 1 77  ? -18.60766 9.04619   -9.54232  1.000 55.60000 ? 75  PRO A CD  1 
ATOM   623  N N   . THR A 1 78  ? -20.09018 5.83171   -7.76017  1.000 57.47000 ? 76  THR A N   1 
ATOM   624  C CA  . THR A 1 78  ? -20.86622 4.70131   -7.26214  1.000 60.34000 ? 76  THR A CA  1 
ATOM   625  C C   . THR A 1 78  ? -20.01655 3.47208   -6.95555  1.000 58.84000 ? 76  THR A C   1 
ATOM   626  O O   . THR A 1 78  ? -20.51156 2.54432   -6.30604  1.000 58.88000 ? 76  THR A O   1 
ATOM   627  C CB  . THR A 1 78  ? -22.00167 4.33194   -8.22290  1.000 67.39000 ? 76  THR A CB  1 
ATOM   628  O OG1 . THR A 1 78  ? -22.93033 3.47528   -7.54631  1.000 76.79000 ? 76  THR A OG1 1 
ATOM   629  C CG2 . THR A 1 78  ? -21.47001 3.59994   -9.44408  1.000 64.46000 ? 76  THR A CG2 1 
ATOM   630  N N   . GLN A 1 79  ? -18.75610 3.44601   -7.38503  1.000 52.55000 ? 77  GLN A N   1 
ATOM   631  C CA  . GLN A 1 79  ? -17.95293 2.23788   -7.24050  1.000 43.41000 ? 77  GLN A CA  1 
ATOM   632  C C   . GLN A 1 79  ? -17.42073 2.09846   -5.81746  1.000 35.36000 ? 77  GLN A C   1 
ATOM   633  O O   . GLN A 1 79  ? -16.81903 3.02820   -5.26872  1.000 36.21000 ? 77  GLN A O   1 
ATOM   634  C CB  . GLN A 1 79  ? -16.79760 2.23689   -8.23857  1.000 43.56000 ? 77  GLN A CB  1 
ATOM   635  C CG  . GLN A 1 79  ? -15.88241 1.03719   -8.07578  1.000 42.96000 ? 77  GLN A CG  1 
ATOM   636  C CD  . GLN A 1 79  ? -16.43060 -0.22004  -8.71610  1.000 51.27000 ? 77  GLN A CD  1 
ATOM   637  O OE1 . GLN A 1 79  ? -16.95101 -0.18989  -9.83153  1.000 56.67000 ? 77  GLN A OE1 1 
ATOM   638  N NE2 . GLN A 1 79  ? -16.33963 -1.33581  -7.99597  1.000 47.19000 ? 77  GLN A NE2 1 
ATOM   639  N N   . ALA A 1 80  ? -17.64795 0.92902   -5.22390  1.000 30.81000 ? 78  ALA A N   1 
ATOM   640  C CA  . ALA A 1 80  ? -17.10027 0.64020   -3.90660  1.000 29.95000 ? 78  ALA A CA  1 
ATOM   641  C C   . ALA A 1 80  ? -15.58923 0.44764   -3.99121  1.000 28.92000 ? 78  ALA A C   1 
ATOM   642  O O   . ALA A 1 80  ? -15.06715 -0.11946  -4.95596  1.000 27.86000 ? 78  ALA A O   1 
ATOM   643  C CB  . ALA A 1 80  ? -17.75404 -0.61196  -3.32672  1.000 30.77000 ? 78  ALA A CB  1 
ATOM   644  N N   . PHE A 1 81  ? -14.88732 0.92610   -2.97127  1.000 25.43000 ? 79  PHE A N   1 
ATOM   645  C CA  . PHE A 1 81  ? -13.43463 0.82916   -2.93389  1.000 23.63000 ? 79  PHE A CA  1 
ATOM   646  C C   . PHE A 1 81  ? -12.98467 0.73099   -1.48743  1.000 24.91000 ? 79  PHE A C   1 
ATOM   647  O O   . PHE A 1 81  ? -13.44107 1.50174   -0.63742  1.000 24.76000 ? 79  PHE A O   1 
ATOM   648  C CB  . PHE A 1 81  ? -12.79845 2.06257   -3.57937  1.000 23.43000 ? 79  PHE A CB  1 
ATOM   649  C CG  . PHE A 1 81  ? -11.31798 2.16822   -3.34132  1.000 22.03000 ? 79  PHE A CG  1 
ATOM   650  C CD1 . PHE A 1 81  ? -10.44094 1.42990   -4.10599  1.000 23.78000 ? 79  PHE A CD1 1 
ATOM   651  C CD2 . PHE A 1 81  ? -10.81081 2.97878   -2.33865  1.000 23.16000 ? 79  PHE A CD2 1 
ATOM   652  C CE1 . PHE A 1 81  ? -9.08071  1.50489   -3.89524  1.000 22.46000 ? 79  PHE A CE1 1 
ATOM   653  C CE2 . PHE A 1 81  ? -9.44548  3.05838   -2.12175  1.000 22.54000 ? 79  PHE A CE2 1 
ATOM   654  C CZ  . PHE A 1 81  ? -8.58296  2.31227   -2.89830  1.000 22.55000 ? 79  PHE A CZ  1 
ATOM   655  N N   . PHE A 1 82  ? -12.06639 -0.19192  -1.22275  1.000 22.02000 ? 80  PHE A N   1 
ATOM   656  C CA  . PHE A 1 82  ? -11.51910 -0.38843  0.11132   1.000 20.20000 ? 80  PHE A CA  1 
ATOM   657  C C   . PHE A 1 82  ? -10.02222 -0.59433  -0.01372  1.000 20.28000 ? 80  PHE A C   1 
ATOM   658  O O   . PHE A 1 82  ? -9.56141  -1.28303  -0.92547  1.000 21.24000 ? 80  PHE A O   1 
ATOM   659  C CB  . PHE A 1 82  ? -12.15320 -1.61083  0.78733   1.000 22.40000 ? 80  PHE A CB  1 
ATOM   660  C CG  . PHE A 1 82  ? -13.64003 -1.51870  0.88742   1.000 25.60000 ? 80  PHE A CG  1 
ATOM   661  C CD1 . PHE A 1 82  ? -14.22657 -0.86605  1.95912   1.000 27.09000 ? 80  PHE A CD1 1 
ATOM   662  C CD2 . PHE A 1 82  ? -14.44861 -2.04238  -0.10819  1.000 26.72000 ? 80  PHE A CD2 1 
ATOM   663  C CE1 . PHE A 1 82  ? -15.60560 -0.76103  2.04814   1.000 29.52000 ? 80  PHE A CE1 1 
ATOM   664  C CE2 . PHE A 1 82  ? -15.82554 -1.94101  -0.02582  1.000 29.69000 ? 80  PHE A CE2 1 
ATOM   665  C CZ  . PHE A 1 82  ? -16.40421 -1.29493  1.05226   1.000 29.06000 ? 80  PHE A CZ  1 
ATOM   666  N N   . LEU A 1 83  ? -9.26917  0.00730   0.89793   1.000 18.89000 ? 81  LEU A N   1 
ATOM   667  C CA  . LEU A 1 83  ? -7.82437  -0.18109  0.96579   1.000 18.84000 ? 81  LEU A CA  1 
ATOM   668  C C   . LEU A 1 83  ? -7.51240  -0.81869  2.30983   1.000 17.71000 ? 81  LEU A C   1 
ATOM   669  O O   . LEU A 1 83  ? -7.86219  -0.26079  3.35652   1.000 19.75000 ? 81  LEU A O   1 
ATOM   670  C CB  . LEU A 1 83  ? -7.08971  1.15168   0.81246   1.000 19.24000 ? 81  LEU A CB  1 
ATOM   671  C CG  . LEU A 1 83  ? -5.55833  1.07339   0.79037   1.000 17.75000 ? 81  LEU A CG  1 
ATOM   672  C CD1 . LEU A 1 83  ? -5.05249  0.26710   -0.40126  1.000 19.82000 ? 81  LEU A CD1 1 
ATOM   673  C CD2 . LEU A 1 83  ? -4.95765  2.47871   0.80264   1.000 22.11000 ? 81  LEU A CD2 1 
ATOM   674  N N   . LEU A 1 84  ? -6.88214  -1.98829  2.28298   1.000 19.91000 ? 82  LEU A N   1 
ATOM   675  C CA  . LEU A 1 84  ? -6.73281  -2.80948  3.47465   1.000 20.95000 ? 82  LEU A CA  1 
ATOM   676  C C   . LEU A 1 84  ? -5.26992  -3.07762  3.77989   1.000 21.05000 ? 82  LEU A C   1 
ATOM   677  O O   . LEU A 1 84  ? -4.45735  -3.26912  2.87032   1.000 20.69000 ? 82  LEU A O   1 
ATOM   678  C CB  . LEU A 1 84  ? -7.45354  -4.13622  3.29731   1.000 24.01000 ? 82  LEU A CB  1 
ATOM   679  C CG  . LEU A 1 84  ? -8.93738  -3.93036  2.97632   1.000 28.81000 ? 82  LEU A CG  1 
ATOM   680  C CD1 . LEU A 1 84  ? -9.23932  -4.36629  1.55906   1.000 31.74000 ? 82  LEU A CD1 1 
ATOM   681  C CD2 . LEU A 1 84  ? -9.81790  -4.64263  3.98821   1.000 34.60000 ? 82  LEU A CD2 1 
ATOM   682  N N   . VAL A 1 85  ? -4.94451  -3.07734  5.06850   1.000 19.10000 ? 83  VAL A N   1 
ATOM   683  C CA  . VAL A 1 85  ? -3.63640  -3.48283  5.57025   1.000 20.18000 ? 83  VAL A CA  1 
ATOM   684  C C   . VAL A 1 85  ? -3.88656  -4.71346  6.41998   1.000 20.92000 ? 83  VAL A C   1 
ATOM   685  O O   . VAL A 1 85  ? -4.56250  -4.62888  7.45347   1.000 21.95000 ? 83  VAL A O   1 
ATOM   686  C CB  . VAL A 1 85  ? -2.97829  -2.37791  6.40832   1.000 21.34000 ? 83  VAL A CB  1 
ATOM   687  C CG1 . VAL A 1 85  ? -1.68868  -2.90608  7.05018   1.000 25.54000 ? 83  VAL A CG1 1 
ATOM   688  C CG2 . VAL A 1 85  ? -2.70339  -1.14268  5.55757   1.000 22.25000 ? 83  VAL A CG2 1 
ATOM   689  N N   . ASN A 1 86  ? -3.38139  -5.86376  5.98144   1.000 23.48000 ? 84  ASN A N   1 
ATOM   690  C CA  . ASN A 1 86  ? -3.60196  -7.11896  6.70491   1.000 25.80000 ? 84  ASN A CA  1 
ATOM   691  C C   . ASN A 1 86  ? -5.08477  -7.31739  7.02196   1.000 27.51000 ? 84  ASN A C   1 
ATOM   692  O O   . ASN A 1 86  ? -5.46394  -7.70760  8.12555   1.000 28.96000 ? 84  ASN A O   1 
ATOM   693  C CB  . ASN A 1 86  ? -2.71099  -7.20838  7.94990   1.000 27.65000 ? 84  ASN A CB  1 
ATOM   694  C CG  . ASN A 1 86  ? -1.22243  -7.20753  7.59972   1.000 34.52000 ? 84  ASN A CG  1 
ATOM   695  O OD1 . ASN A 1 86  ? -0.80467  -7.85610  6.63752   1.000 36.43000 ? 84  ASN A OD1 1 
ATOM   696  N ND2 . ASN A 1 86  ? -0.42290  -6.44789  8.35485   1.000 34.25000 ? 84  ASN A ND2 1 
ATOM   697  N N   . GLN A 1 87  ? -5.92973  -7.00842  6.03933   1.000 26.39000 ? 85  GLN A N   1 
ATOM   698  C CA  . GLN A 1 87  ? -7.38317  -7.17103  6.06850   1.000 28.30000 ? 85  GLN A CA  1 
ATOM   699  C C   . GLN A 1 87  ? -8.11800  -6.17061  6.96237   1.000 31.86000 ? 85  GLN A C   1 
ATOM   700  O O   . GLN A 1 87  ? -9.31988  -6.34266  7.21791   1.000 35.88000 ? 85  GLN A O   1 
ATOM   701  C CB  . GLN A 1 87  ? -7.82007  -8.62289  6.31250   1.000 35.41000 ? 85  GLN A CB  1 
ATOM   702  C CG  . GLN A 1 87  ? -7.44451  -9.53122  5.15100   1.000 45.40000 ? 85  GLN A CG  1 
ATOM   703  C CD  . GLN A 1 87  ? -7.94989  -10.95043 5.31103   1.000 61.01000 ? 85  GLN A CD  1 
ATOM   704  O OE1 . GLN A 1 87  ? -7.18966  -11.90833 5.16427   1.000 64.84000 ? 85  GLN A OE1 1 
ATOM   705  N NE2 . GLN A 1 87  ? -9.23853  -11.09491 5.60013   1.000 67.69000 ? 85  GLN A NE2 1 
ATOM   706  N N   . HIS A 1 88  ? -7.44621  -5.11734  7.42166   1.000 25.12000 ? 86  HIS A N   1 
ATOM   707  C CA  . HIS A 1 88  ? -8.07892  -4.03862  8.17306   1.000 25.32000 ? 86  HIS A CA  1 
ATOM   708  C C   . HIS A 1 88  ? -8.32963  -2.87669  7.21182   1.000 23.01000 ? 86  HIS A C   1 
ATOM   709  O O   . HIS A 1 88  ? -7.39563  -2.39522  6.56069   1.000 21.19000 ? 86  HIS A O   1 
ATOM   710  C CB  . HIS A 1 88  ? -7.15668  -3.56969  9.29899   1.000 25.07000 ? 86  HIS A CB  1 
ATOM   711  C CG  . HIS A 1 88  ? -6.77202  -4.64622  10.26952  1.000 28.71000 ? 86  HIS A CG  1 
ATOM   712  N ND1 . HIS A 1 88  ? -5.51235  -5.20594  10.30814  1.000 32.92000 ? 86  HIS A ND1 1 
ATOM   713  C CD2 . HIS A 1 88  ? -7.47544  -5.23807  11.26244  1.000 30.33000 ? 86  HIS A CD2 1 
ATOM   714  C CE1 . HIS A 1 88  ? -5.46511  -6.11147  11.26935  1.000 31.49000 ? 86  HIS A CE1 1 
ATOM   715  N NE2 . HIS A 1 88  ? -6.64322  -6.14854  11.86504  1.000 36.23000 ? 86  HIS A NE2 1 
ATOM   716  N N   . SER A 1 89  ? -9.57632  -2.41496  7.13333   1.000 23.93000 ? 87  SER A N   1 
ATOM   717  C CA  . SER A 1 89  ? -9.89325  -1.29589  6.25371   1.000 22.30000 ? 87  SER A CA  1 
ATOM   718  C C   . SER A 1 89  ? -9.35363  0.00243   6.84356   1.000 22.35000 ? 87  SER A C   1 
ATOM   719  O O   . SER A 1 89  ? -9.51827  0.27774   8.03589   1.000 24.47000 ? 87  SER A O   1 
ATOM   720  C CB  . SER A 1 89  ? -11.40687 -1.19326  6.06839   1.000 25.19000 ? 87  SER A CB  1 
ATOM   721  O OG  . SER A 1 89  ? -11.72438 -0.10170  5.21613   1.000 24.44000 ? 87  SER A OG  1 
ATOM   722  N N   . MET A 1 90  ? -8.71540  0.81109   5.99827   1.000 20.09000 ? 88  MET A N   1 
ATOM   723  C CA  . MET A 1 90  ? -8.01165  2.01192   6.44390   1.000 20.23000 ? 88  MET A CA  1 
ATOM   724  C C   . MET A 1 90  ? -8.83909  3.28250   6.34960   1.000 19.83000 ? 88  MET A C   1 
ATOM   725  O O   . MET A 1 90  ? -8.34362  4.35694   6.70290   1.000 20.70000 ? 88  MET A O   1 
ATOM   726  C CB  . MET A 1 90  ? -6.70744  2.17227   5.65157   1.000 20.16000 ? 88  MET A CB  1 
ATOM   727  C CG  . MET A 1 90  ? -5.65140  1.12453   5.98934   1.000 21.81000 ? 88  MET A CG  1 
ATOM   728  S SD  . MET A 1 90  ? -5.05285  1.32397   7.69405   1.000 24.19000 ? 88  MET A SD  1 
ATOM   729  C CE  . MET A 1 90  ? -5.87896  -0.08817  8.41149   1.000 21.14000 ? 88  MET A CE  1 
ATOM   730  N N   . VAL A 1 91  ? -10.09717 3.18145   5.92661   1.000 20.02000 ? 89  VAL A N   1 
ATOM   731  C CA  . VAL A 1 91  ? -10.86452 4.36403   5.53677   1.000 22.02000 ? 89  VAL A CA  1 
ATOM   732  C C   . VAL A 1 91  ? -10.98486 5.37852   6.67419   1.000 23.55000 ? 89  VAL A C   1 
ATOM   733  O O   . VAL A 1 91  ? -10.98152 6.58839   6.43261   1.000 24.53000 ? 89  VAL A O   1 
ATOM   734  C CB  . VAL A 1 91  ? -12.23898 3.97033   4.95418   1.000 23.42000 ? 89  VAL A CB  1 
ATOM   735  C CG1 . VAL A 1 91  ? -13.10912 3.28535   6.01300   1.000 25.92000 ? 89  VAL A CG1 1 
ATOM   736  C CG2 . VAL A 1 91  ? -12.94655 5.20225   4.36986   1.000 25.20000 ? 89  VAL A CG2 1 
ATOM   737  N N   . SER A 1 92  ? -11.12062 4.91921   7.91782   1.000 23.06000 ? 90  SER A N   1 
ATOM   738  C CA  . SER A 1 92  ? -11.31957 5.83613   9.03913   1.000 23.56000 ? 90  SER A CA  1 
ATOM   739  C C   . SER A 1 92  ? -10.09149 5.97014   9.93102   1.000 25.25000 ? 90  SER A C   1 
ATOM   740  O O   . SER A 1 92  ? -10.19133 6.54261   11.02065  1.000 27.03000 ? 90  SER A O   1 
ATOM   741  C CB  . SER A 1 92  ? -12.55168 5.45868   9.86978   1.000 32.52000 ? 90  SER A CB  1 
ATOM   742  O OG  . SER A 1 92  ? -12.52664 4.09420   10.22907  1.000 42.60000 ? 90  SER A OG  1 
ATOM   743  N N   . VAL A 1 93  ? -8.93162  5.49453   9.48157   1.000 22.73000 ? 91  VAL A N   1 
ATOM   744  C CA  . VAL A 1 93  ? -7.71598  5.47744   10.29397  1.000 20.53000 ? 91  VAL A CA  1 
ATOM   745  C C   . VAL A 1 93  ? -6.98812  6.79842   10.05451  1.000 21.09000 ? 91  VAL A C   1 
ATOM   746  O O   . VAL A 1 93  ? -6.10928  6.90740   9.19369   1.000 20.48000 ? 91  VAL A O   1 
ATOM   747  C CB  . VAL A 1 93  ? -6.85995  4.25232   9.99494   1.000 22.06000 ? 91  VAL A CB  1 
ATOM   748  C CG1 . VAL A 1 93  ? -5.60419  4.24194   10.84292  1.000 24.48000 ? 91  VAL A CG1 1 
ATOM   749  C CG2 . VAL A 1 93  ? -7.69397  2.98295   10.22657  1.000 26.04000 ? 91  VAL A CG2 1 
ATOM   750  N N   . SER A 1 94  ? -7.34868  7.81390   10.84363  1.000 26.14000 ? 92  SER A N   1 
ATOM   751  C CA  . SER A 1 94  ? -6.76798  9.14937   10.69541  1.000 23.61000 ? 92  SER A CA  1 
ATOM   752  C C   . SER A 1 94  ? -5.55182  9.30111   11.60959  1.000 24.99000 ? 92  SER A C   1 
ATOM   753  O O   . SER A 1 94  ? -5.45407  10.21023  12.44051  1.000 30.40000 ? 92  SER A O   1 
ATOM   754  C CB  . SER A 1 94  ? -7.82588  10.22415  10.93514  1.000 26.73000 ? 92  SER A CB  1 
ATOM   755  O OG  . SER A 1 94  ? -8.51612  10.00405  12.15555  1.000 32.59000 ? 92  SER A OG  1 
ATOM   756  N N   . THR A 1 95  ? -4.60090  8.38963   11.39944  1.000 23.63000 ? 93  THR A N   1 
ATOM   757  C CA  . THR A 1 95  ? -3.35294  8.16536   12.10867  1.000 28.80000 ? 93  THR A CA  1 
ATOM   758  C C   . THR A 1 95  ? -2.22727  8.12068   11.08356  1.000 22.07000 ? 93  THR A C   1 
ATOM   759  O O   . THR A 1 95  ? -2.39980  7.52624   10.01246  1.000 19.12000 ? 93  THR A O   1 
ATOM   760  C CB  . THR A 1 95  ? -3.44058  6.79606   12.81700  1.000 29.45000 ? 93  THR A CB  1 
ATOM   761  O OG1 . THR A 1 95  ? -4.47290  6.83164   13.81088  1.000 41.78000 ? 93  THR A OG1 1 
ATOM   762  C CG2 . THR A 1 95  ? -2.11748  6.41207   13.47382  1.000 36.80000 ? 93  THR A CG2 1 
ATOM   763  N N   . PRO A 1 96  ? -1.06823  8.72458   11.37273  1.000 20.41000 ? 94  PRO A N   1 
ATOM   764  C CA  . PRO A 1 96  ? 0.01877   8.74007   10.38268  1.000 18.96000 ? 94  PRO A CA  1 
ATOM   765  C C   . PRO A 1 96  ? 0.51183   7.34275   10.04260  1.000 18.50000 ? 94  PRO A C   1 
ATOM   766  O O   . PRO A 1 96  ? 0.59801   6.45795   10.90122  1.000 20.05000 ? 94  PRO A O   1 
ATOM   767  C CB  . PRO A 1 96  ? 1.12031   9.55776   11.06351  1.000 22.30000 ? 94  PRO A CB  1 
ATOM   768  C CG  . PRO A 1 96  ? 0.40118   10.40445  12.04701  1.000 29.79000 ? 94  PRO A CG  1 
ATOM   769  C CD  . PRO A 1 96  ? -0.76269  9.57863   12.53483  1.000 24.80000 ? 94  PRO A CD  1 
ATOM   770  N N   . ILE A 1 97  ? 0.87151   7.15956   8.77224   1.000 17.31000 ? 95  ILE A N   1 
ATOM   771  C CA  . ILE A 1 97  ? 1.37822   5.86494   8.33617   1.000 17.71000 ? 95  ILE A CA  1 
ATOM   772  C C   . ILE A 1 97  ? 2.59455   5.43694   9.15440   1.000 19.69000 ? 95  ILE A C   1 
ATOM   773  O O   . ILE A 1 97  ? 2.78475   4.24190   9.40430   1.000 22.18000 ? 95  ILE A O   1 
ATOM   774  C CB  . ILE A 1 97  ? 1.63866   5.88218   6.81860   1.000 16.69000 ? 95  ILE A CB  1 
ATOM   775  C CG1 . ILE A 1 97  ? 2.00890   4.47850   6.34590   1.000 17.77000 ? 95  ILE A CG1 1 
ATOM   776  C CG2 . ILE A 1 97  ? 2.69403   6.94070   6.46205   1.000 17.28000 ? 95  ILE A CG2 1 
ATOM   777  C CD1 . ILE A 1 97  ? 1.98624   4.31587   4.84252   1.000 19.92000 ? 95  ILE A CD1 1 
ATOM   778  N N   . ALA A 1 98  ? 3.41157   6.38990   9.61982   1.000 18.37000 ? 96  ALA A N   1 
ATOM   779  C CA  . ALA A 1 98  ? 4.57408   6.03905   10.43289  1.000 21.37000 ? 96  ALA A CA  1 
ATOM   780  C C   . ALA A 1 98  ? 4.18171   5.25521   11.67226  1.000 22.84000 ? 96  ALA A C   1 
ATOM   781  O O   . ALA A 1 98  ? 4.96055   4.40577   12.12495  1.000 25.17000 ? 96  ALA A O   1 
ATOM   782  C CB  . ALA A 1 98  ? 5.32923   7.29889   10.85339  1.000 26.38000 ? 96  ALA A CB  1 
ATOM   783  N N   . ASP A 1 99  ? 2.99043   5.51454   12.22580  1.000 21.82000 ? 97  ASP A N   1 
ATOM   784  C CA  . ASP A 1 99  ? 2.59634   4.94574   13.51163  1.000 25.77000 ? 97  ASP A CA  1 
ATOM   785  C C   . ASP A 1 99  ? 2.08419   3.52457   13.39788  1.000 24.87000 ? 97  ASP A C   1 
ATOM   786  O O   . ASP A 1 99  ? 1.96060   2.84909   14.42978  1.000 29.20000 ? 97  ASP A O   1 
ATOM   787  C CB  . ASP A 1 99  ? 1.49898   5.78061   14.17297  1.000 27.46000 ? 97  ASP A CB  1 
ATOM   788  C CG  . ASP A 1 99  ? 1.97017   7.15272   14.57414  1.000 32.66000 ? 97  ASP A CG  1 
ATOM   789  O OD1 . ASP A 1 99  ? 3.19035   7.40599   14.52748  1.000 38.35000 ? 97  ASP A OD1 1 
ATOM   790  O OD2 . ASP A 1 99  ? 1.10990   7.97732   14.94823  1.000 43.62000 ? 97  ASP A OD2 1 
ATOM   791  N N   . ILE A 1 100 ? 1.72498   3.07468   12.19529  1.000 25.33000 ? 98  ILE A N   1 
ATOM   792  C CA  . ILE A 1 100 ? 1.36618   1.67253   12.00201  1.000 28.27000 ? 98  ILE A CA  1 
ATOM   793  C C   . ILE A 1 100 ? 2.47593   0.87678   11.35439  1.000 26.28000 ? 98  ILE A C   1 
ATOM   794  O O   . ILE A 1 100 ? 2.37642   -0.35740  11.28911  1.000 25.76000 ? 98  ILE A O   1 
ATOM   795  C CB  . ILE A 1 100 ? 0.04558   1.49000   11.22695  1.000 25.10000 ? 98  ILE A CB  1 
ATOM   796  C CG1 . ILE A 1 100 ? 0.21311   1.82973   9.74964   1.000 24.89000 ? 98  ILE A CG1 1 
ATOM   797  C CG2 . ILE A 1 100 ? -1.07364  2.31025   11.86402  1.000 29.30000 ? 98  ILE A CG2 1 
ATOM   798  C CD1 . ILE A 1 100 ? -0.70098  1.03002   8.84989   1.000 29.04000 ? 98  ILE A CD1 1 
ATOM   799  N N   . TYR A 1 101 ? 3.53418   1.53796   10.88875  1.000 26.59000 ? 99  TYR A N   1 
ATOM   800  C CA  . TYR A 1 101 ? 4.54508   0.86066   10.08991  1.000 20.93000 ? 99  TYR A CA  1 
ATOM   801  C C   . TYR A 1 101 ? 5.23656   -0.24982  10.87624  1.000 23.16000 ? 99  TYR A C   1 
ATOM   802  O O   . TYR A 1 101 ? 5.35293   -1.37057  10.38975  1.000 22.06000 ? 99  TYR A O   1 
ATOM   803  C CB  . TYR A 1 101 ? 5.53869   1.88481   9.55285   1.000 22.23000 ? 99  TYR A CB  1 
ATOM   804  C CG  . TYR A 1 101 ? 6.73291   1.25323   8.86823   1.000 19.05000 ? 99  TYR A CG  1 
ATOM   805  C CD1 . TYR A 1 101 ? 6.60121   0.62591   7.63750   1.000 18.12000 ? 99  TYR A CD1 1 
ATOM   806  C CD2 . TYR A 1 101 ? 7.99008   1.29679   9.45030   1.000 19.82000 ? 99  TYR A CD2 1 
ATOM   807  C CE1 . TYR A 1 101 ? 7.69743   0.04756   7.00008   1.000 16.48000 ? 99  TYR A CE1 1 
ATOM   808  C CE2 . TYR A 1 101 ? 9.08551   0.71884   8.82788   1.000 19.41000 ? 99  TYR A CE2 1 
ATOM   809  C CZ  . TYR A 1 101 ? 8.93218   0.10268   7.60525   1.000 16.59000 ? 99  TYR A CZ  1 
ATOM   810  O OH  . TYR A 1 101 ? 10.02991  -0.45934  6.99045   1.000 17.90000 ? 99  TYR A OH  1 
ATOM   811  N N   . GLU A 1 102 ? 5.64847   0.01792   12.12133  1.000 28.73000 ? 100 GLU A N   1 
ATOM   812  C CA  A GLU A 1 102 ? 6.41320   -0.97813  12.87273  0.550 30.11000 ? 100 GLU A CA  1 
ATOM   813  C CA  B GLU A 1 102 ? 6.41740   -0.98952  12.85160  0.450 30.09000 ? 100 GLU A CA  1 
ATOM   814  C C   . GLU A 1 102 ? 5.59738   -2.24309  13.12812  1.000 32.10000 ? 100 GLU A C   1 
ATOM   815  O O   . GLU A 1 102 ? 6.11355   -3.36388  13.01014  1.000 31.74000 ? 100 GLU A O   1 
ATOM   816  C CB  A GLU A 1 102 ? 6.89693   -0.37048  14.18999  0.550 34.01000 ? 100 GLU A CB  1 
ATOM   817  C CB  B GLU A 1 102 ? 6.99758   -0.41672  14.14641  0.450 33.93000 ? 100 GLU A CB  1 
ATOM   818  C CG  A GLU A 1 102 ? 7.42219   1.05443   14.04498  0.550 35.83000 ? 100 GLU A CG  1 
ATOM   819  C CG  B GLU A 1 102 ? 8.07001   0.63374   13.92618  0.450 33.92000 ? 100 GLU A CG  1 
ATOM   820  C CD  A GLU A 1 102 ? 6.42450   2.10130   14.50712  0.550 33.28000 ? 100 GLU A CD  1 
ATOM   821  C CD  B GLU A 1 102 ? 9.28132   0.11403   13.16236  0.450 31.07000 ? 100 GLU A CD  1 
ATOM   822  O OE1 A GLU A 1 102 ? 5.34051   2.22143   13.87813  0.550 23.40000 ? 100 GLU A OE1 1 
ATOM   823  O OE1 B GLU A 1 102 ? 9.48326   -1.11659  13.08732  0.450 33.74000 ? 100 GLU A OE1 1 
ATOM   824  O OE2 A GLU A 1 102 ? 6.72564   2.79156   15.51492  0.550 36.10000 ? 100 GLU A OE2 1 
ATOM   825  O OE2 B GLU A 1 102 ? 10.04032  0.94610   12.62618  0.450 29.56000 ? 100 GLU A OE2 1 
ATOM   826  N N   . GLN A 1 103 ? 4.31720   -2.08226  13.47499  1.000 28.69000 ? 101 GLN A N   1 
ATOM   827  C CA  . GLN A 1 103 ? 3.48166   -3.22876  13.81387  1.000 32.19000 ? 101 GLN A CA  1 
ATOM   828  C C   . GLN A 1 103 ? 2.99688   -3.99380  12.58792  1.000 27.32000 ? 101 GLN A C   1 
ATOM   829  O O   . GLN A 1 103 ? 2.79380   -5.21357  12.66388  1.000 30.98000 ? 101 GLN A O   1 
ATOM   830  C CB  . GLN A 1 103 ? 2.28471   -2.76478  14.64836  1.000 34.33000 ? 101 GLN A CB  1 
ATOM   831  C CG  . GLN A 1 103 ? 1.31169   -3.87147  15.03985  1.000 45.53000 ? 101 GLN A CG  1 
ATOM   832  C CD  . GLN A 1 103 ? 1.97914   -5.01297  15.78736  1.000 54.20000 ? 101 GLN A CD  1 
ATOM   833  O OE1 . GLN A 1 103 ? 2.88855   -4.80010  16.59157  1.000 54.26000 ? 101 GLN A OE1 1 
ATOM   834  N NE2 . GLN A 1 103 ? 1.53021   -6.23469  15.52207  1.000 58.83000 ? 101 GLN A NE2 1 
ATOM   835  N N   . GLU A 1 104 ? 2.81818   -3.32021  11.44816  1.000 22.47000 ? 102 GLU A N   1 
ATOM   836  C CA  . GLU A 1 104 ? 2.16624   -3.94948  10.30875  1.000 21.78000 ? 102 GLU A CA  1 
ATOM   837  C C   . GLU A 1 104 ? 3.10991   -4.30026  9.17412   1.000 21.90000 ? 102 GLU A C   1 
ATOM   838  O O   . GLU A 1 104 ? 2.70609   -5.02881  8.26143   1.000 21.10000 ? 102 GLU A O   1 
ATOM   839  C CB  . GLU A 1 104 ? 1.02934   -3.06627  9.78349   1.000 21.55000 ? 102 GLU A CB  1 
ATOM   840  C CG  . GLU A 1 104 ? 0.00722   -2.73745  10.85222  1.000 24.15000 ? 102 GLU A CG  1 
ATOM   841  C CD  . GLU A 1 104 ? -0.65456  -3.97048  11.44163  1.000 29.31000 ? 102 GLU A CD  1 
ATOM   842  O OE1 . GLU A 1 104 ? -0.90376  -4.93919  10.68903  1.000 32.23000 ? 102 GLU A OE1 1 
ATOM   843  O OE2 . GLU A 1 104 ? -0.93847  -3.96639  12.66094  1.000 36.19000 ? 102 GLU A OE2 1 
ATOM   844  N N   . LYS A 1 105 ? 4.34103   -3.81277  9.21218   1.000 18.94000 ? 103 LYS A N   1 
ATOM   845  C CA  . LYS A 1 105 ? 5.27210   -4.09196  8.13141   1.000 18.77000 ? 103 LYS A CA  1 
ATOM   846  C C   . LYS A 1 105 ? 5.55663   -5.58677  8.00494   1.000 19.68000 ? 103 LYS A C   1 
ATOM   847  O O   . LYS A 1 105 ? 5.48125   -6.36592  8.96385   1.000 20.17000 ? 103 LYS A O   1 
ATOM   848  C CB  . LYS A 1 105 ? 6.58092   -3.35262  8.35666   1.000 20.63000 ? 103 LYS A CB  1 
ATOM   849  C CG  . LYS A 1 105 ? 7.37414   -3.81659  9.55049   1.000 23.76000 ? 103 LYS A CG  1 
ATOM   850  C CD  . LYS A 1 105 ? 8.64989   -2.98473  9.69523   1.000 25.85000 ? 103 LYS A CD  1 
ATOM   851  C CE  . LYS A 1 105 ? 9.56585   -3.52021  10.78801  1.000 30.53000 ? 103 LYS A CE  1 
ATOM   852  N NZ  . LYS A 1 105 ? 8.95818   -3.43904  12.14077  1.000 43.17000 ? 103 LYS A NZ  1 
ATOM   853  N N   . ASP A 1 106 ? 5.89729   -5.97223  6.78756   1.000 18.71000 ? 104 ASP A N   1 
ATOM   854  C CA  . ASP A 1 106 ? 6.34806   -7.30611  6.46895   1.000 19.01000 ? 104 ASP A CA  1 
ATOM   855  C C   . ASP A 1 106 ? 7.77012   -7.51053  6.98783   1.000 19.09000 ? 104 ASP A C   1 
ATOM   856  O O   . ASP A 1 106 ? 8.49785   -6.56082  7.30770   1.000 18.57000 ? 104 ASP A O   1 
ATOM   857  C CB  . ASP A 1 106 ? 6.35190   -7.40387  4.94710   1.000 19.56000 ? 104 ASP A CB  1 
ATOM   858  C CG  . ASP A 1 106 ? 6.52721   -8.77962  4.44748   1.000 21.34000 ? 104 ASP A CG  1 
ATOM   859  O OD1 . ASP A 1 106 ? 5.50155   -9.46081  4.25581   1.000 25.45000 ? 104 ASP A OD1 1 
ATOM   860  O OD2 . ASP A 1 106 ? 7.69278   -9.17277  4.20602   1.000 22.94000 ? 104 ASP A OD2 1 
ATOM   861  N N   . GLU A 1 107 ? 8.18155   -8.77559  7.02839   1.000 19.78000 ? 105 GLU A N   1 
ATOM   862  C CA  . GLU A 1 107 ? 9.55200   -9.10751  7.39364   1.000 20.16000 ? 105 GLU A CA  1 
ATOM   863  C C   . GLU A 1 107 ? 10.57435  -8.47528  6.45819   1.000 19.20000 ? 105 GLU A C   1 
ATOM   864  O O   . GLU A 1 107 ? 11.71605  -8.24847  6.87382   1.000 21.69000 ? 105 GLU A O   1 
ATOM   865  C CB  . GLU A 1 107 ? 9.73373   -10.62558 7.40466   1.000 21.11000 ? 105 GLU A CB  1 
ATOM   866  C CG  . GLU A 1 107 ? 9.08515   -11.33285 8.58600   1.000 25.99000 ? 105 GLU A CG  1 
ATOM   867  C CD  . GLU A 1 107 ? 9.87981   -11.15619 9.86697   1.000 43.12000 ? 105 GLU A CD  1 
ATOM   868  O OE1 . GLU A 1 107 ? 11.08739  -11.48187 9.86820   1.000 48.25000 ? 105 GLU A OE1 1 
ATOM   869  O OE2 . GLU A 1 107 ? 9.29992   -10.68653 10.86808  1.000 52.26000 ? 105 GLU A OE2 1 
ATOM   870  N N   . ASP A 1 108 ? 10.18571  -8.14326  5.22358   1.000 17.16000 ? 106 ASP A N   1 
ATOM   871  C CA  . ASP A 1 108 ? 11.11932  -7.49835  4.30878   1.000 19.27000 ? 106 ASP A CA  1 
ATOM   872  C C   . ASP A 1 108 ? 11.23692  -5.99204  4.51765   1.000 17.71000 ? 106 ASP A C   1 
ATOM   873  O O   . ASP A 1 108 ? 12.09706  -5.36478  3.88518   1.000 18.61000 ? 106 ASP A O   1 
ATOM   874  C CB  . ASP A 1 108 ? 10.79907  -7.84394  2.84616   1.000 18.04000 ? 106 ASP A CB  1 
ATOM   875  C CG  . ASP A 1 108 ? 9.47460   -7.25335  2.34753   1.000 17.86000 ? 106 ASP A CG  1 
ATOM   876  O OD1 . ASP A 1 108 ? 8.81178   -6.44496  3.05109   1.000 18.40000 ? 106 ASP A OD1 1 
ATOM   877  O OD2 . ASP A 1 108 ? 9.07874   -7.60613  1.21165   1.000 18.10000 ? 106 ASP A OD2 1 
ATOM   878  N N   . GLY A 1 109 ? 10.39906  -5.40137  5.37948   1.000 15.85000 ? 107 GLY A N   1 
ATOM   879  C CA  . GLY A 1 109 ? 10.40996  -3.96993  5.60894   1.000 16.68000 ? 107 GLY A CA  1 
ATOM   880  C C   . GLY A 1 109 ? 9.40196   -3.18034  4.79384   1.000 15.54000 ? 107 GLY A C   1 
ATOM   881  O O   . GLY A 1 109 ? 9.20555   -1.98942  5.07374   1.000 17.41000 ? 107 GLY A O   1 
ATOM   882  N N   . PHE A 1 110 ? 8.76797   -3.77246  3.79284   1.000 16.15000 ? 108 PHE A N   1 
ATOM   883  C CA  . PHE A 1 110 ? 7.70341   -3.06195  3.09909   1.000 15.55000 ? 108 PHE A CA  1 
ATOM   884  C C   . PHE A 1 110 ? 6.40514   -3.17458  3.88939   1.000 15.61000 ? 108 PHE A C   1 
ATOM   885  O O   . PHE A 1 110 ? 6.17221   -4.14644  4.61389   1.000 16.79000 ? 108 PHE A O   1 
ATOM   886  C CB  . PHE A 1 110 ? 7.45842   -3.66375  1.70940   1.000 15.91000 ? 108 PHE A CB  1 
ATOM   887  C CG  . PHE A 1 110 ? 8.42723   -3.20662  0.65541   1.000 14.28000 ? 108 PHE A CG  1 
ATOM   888  C CD1 . PHE A 1 110 ? 8.31281   -1.94741  0.08354   1.000 16.63000 ? 108 PHE A CD1 1 
ATOM   889  C CD2 . PHE A 1 110 ? 9.43793   -4.04380  0.21606   1.000 15.21000 ? 108 PHE A CD2 1 
ATOM   890  C CE1 . PHE A 1 110 ? 9.20675   -1.52839  -0.89221  1.000 16.35000 ? 108 PHE A CE1 1 
ATOM   891  C CE2 . PHE A 1 110 ? 10.32959  -3.61890  -0.76303  1.000 16.65000 ? 108 PHE A CE2 1 
ATOM   892  C CZ  . PHE A 1 110 ? 10.20008  -2.37741  -1.32469  1.000 16.37000 ? 108 PHE A CZ  1 
ATOM   893  N N   . LEU A 1 111 ? 5.55152   -2.17304  3.73275   1.000 15.60000 ? 109 LEU A N   1 
ATOM   894  C CA  . LEU A 1 111 ? 4.18530   -2.24323  4.21962   1.000 14.97000 ? 109 LEU A CA  1 
ATOM   895  C C   . LEU A 1 111 ? 3.28247   -2.59585  3.04375   1.000 15.66000 ? 109 LEU A C   1 
ATOM   896  O O   . LEU A 1 111 ? 3.20418   -1.83689  2.07010   1.000 16.22000 ? 109 LEU A O   1 
ATOM   897  C CB  . LEU A 1 111 ? 3.79452   -0.89585  4.82202   1.000 17.29000 ? 109 LEU A CB  1 
ATOM   898  C CG  . LEU A 1 111 ? 2.40298   -0.78696  5.41644   1.000 16.87000 ? 109 LEU A CG  1 
ATOM   899  C CD1 . LEU A 1 111 ? 2.18114   -1.82394  6.48484   1.000 19.05000 ? 109 LEU A CD1 1 
ATOM   900  C CD2 . LEU A 1 111 ? 2.22575   0.62890   5.98619   1.000 20.08000 ? 109 LEU A CD2 1 
ATOM   901  N N   . TYR A 1 112 ? 2.61449   -3.74438  3.12768   1.000 15.46000 ? 110 TYR A N   1 
ATOM   902  C CA  . TYR A 1 112 ? 1.79648   -4.26725  2.03459   1.000 16.92000 ? 110 TYR A CA  1 
ATOM   903  C C   . TYR A 1 112 ? 0.33379   -3.90385  2.23678   1.000 16.49000 ? 110 TYR A C   1 
ATOM   904  O O   . TYR A 1 112 ? -0.21384  -4.04599  3.34212   1.000 19.23000 ? 110 TYR A O   1 
ATOM   905  C CB  . TYR A 1 112 ? 1.92495   -5.79336  1.91495   1.000 16.36000 ? 110 TYR A CB  1 
ATOM   906  C CG  . TYR A 1 112 ? 3.25627   -6.19712  1.34965   1.000 14.82000 ? 110 TYR A CG  1 
ATOM   907  C CD1 . TYR A 1 112 ? 4.37796   -6.27731  2.16353   1.000 15.58000 ? 110 TYR A CD1 1 
ATOM   908  C CD2 . TYR A 1 112 ? 3.40172   -6.48699  -0.00062  1.000 15.92000 ? 110 TYR A CD2 1 
ATOM   909  C CE1 . TYR A 1 112 ? 5.62397   -6.62720  1.65313   1.000 16.16000 ? 110 TYR A CE1 1 
ATOM   910  C CE2 . TYR A 1 112 ? 4.63382   -6.83240  -0.52026  1.000 18.24000 ? 110 TYR A CE2 1 
ATOM   911  C CZ  . TYR A 1 112 ? 5.73831   -6.88891  0.31713   1.000 15.35000 ? 110 TYR A CZ  1 
ATOM   912  O OH  . TYR A 1 112 ? 6.95171   -7.22545  -0.22198  1.000 17.53000 ? 110 TYR A OH  1 
ATOM   913  N N   . MET A 1 113 ? -0.29311  -3.44660  1.15875   1.000 15.67000 ? 111 MET A N   1 
ATOM   914  C CA  . MET A 1 113 ? -1.70414  -3.08964  1.17131   1.000 17.29000 ? 111 MET A CA  1 
ATOM   915  C C   . MET A 1 113 ? -2.39066  -3.72080  -0.02591  1.000 18.49000 ? 111 MET A C   1 
ATOM   916  O O   . MET A 1 113 ? -1.77054  -3.96427  -1.06854  1.000 18.80000 ? 111 MET A O   1 
ATOM   917  C CB  . MET A 1 113 ? -1.87951  -1.58346  1.10451   1.000 18.83000 ? 111 MET A CB  1 
ATOM   918  C CG  . MET A 1 113 ? -1.00398  -0.85491  2.10456   1.000 17.63000 ? 111 MET A CG  1 
ATOM   919  S SD  . MET A 1 113 ? -1.38516  0.89659   2.15710   1.000 19.65000 ? 111 MET A SD  1 
ATOM   920  C CE  . MET A 1 113 ? -0.16599  1.40454   3.36450   1.000 24.00000 ? 111 MET A CE  1 
ATOM   921  N N   . VAL A 1 114 ? -3.68776  -3.96281  0.12449   1.000 19.10000 ? 112 VAL A N   1 
ATOM   922  C CA  . VAL A 1 114 ? -4.49773  -4.57669  -0.91470  1.000 20.19000 ? 112 VAL A CA  1 
ATOM   923  C C   . VAL A 1 114 ? -5.73869  -3.72099  -1.09845  1.000 20.35000 ? 112 VAL A C   1 
ATOM   924  O O   . VAL A 1 114 ? -6.34073  -3.27496  -0.11753  1.000 21.38000 ? 112 VAL A O   1 
ATOM   925  C CB  . VAL A 1 114 ? -4.87113  -6.01716  -0.51867  1.000 22.27000 ? 112 VAL A CB  1 
ATOM   926  C CG1 . VAL A 1 114 ? -5.84195  -6.59931  -1.49933  1.000 26.19000 ? 112 VAL A CG1 1 
ATOM   927  C CG2 . VAL A 1 114 ? -3.61931  -6.87353  -0.42728  1.000 25.37000 ? 112 VAL A CG2 1 
ATOM   928  N N   . TYR A 1 115 ? -6.12127  -3.47811  -2.34241  1.000 18.68000 ? 113 TYR A N   1 
ATOM   929  C CA  . TYR A 1 115 ? -7.37643  -2.79263  -2.60612  1.000 19.20000 ? 113 TYR A CA  1 
ATOM   930  C C   . TYR A 1 115 ? -8.36890  -3.71547  -3.30026  1.000 21.42000 ? 113 TYR A C   1 
ATOM   931  O O   . TYR A 1 115 ? -7.99699  -4.64076  -4.03290  1.000 22.64000 ? 113 TYR A O   1 
ATOM   932  C CB  . TYR A 1 115 ? -7.18910  -1.48311  -3.36985  1.000 20.12000 ? 113 TYR A CB  1 
ATOM   933  C CG  . TYR A 1 115 ? -6.72636  -1.58490  -4.79850  1.000 20.04000 ? 113 TYR A CG  1 
ATOM   934  C CD1 . TYR A 1 115 ? -7.65076  -1.71996  -5.82946  1.000 22.61000 ? 113 TYR A CD1 1 
ATOM   935  C CD2 . TYR A 1 115 ? -5.38167  -1.47104  -5.13307  1.000 21.79000 ? 113 TYR A CD2 1 
ATOM   936  C CE1 . TYR A 1 115 ? -7.24919  -1.77614  -7.13968  1.000 28.04000 ? 113 TYR A CE1 1 
ATOM   937  C CE2 . TYR A 1 115 ? -4.97322  -1.52764  -6.45471  1.000 25.36000 ? 113 TYR A CE2 1 
ATOM   938  C CZ  . TYR A 1 115 ? -5.91865  -1.67619  -7.44750  1.000 26.21000 ? 113 TYR A CZ  1 
ATOM   939  O OH  . TYR A 1 115 ? -5.52610  -1.73265  -8.76192  1.000 28.91000 ? 113 TYR A OH  1 
ATOM   940  N N   . ALA A 1 116 ? -9.64634  -3.46864  -3.03511  1.000 20.99000 ? 114 ALA A N   1 
ATOM   941  C CA  . ALA A 1 116 ? -10.70175 -4.36450  -3.49553  1.000 22.33000 ? 114 ALA A CA  1 
ATOM   942  C C   . ALA A 1 116 ? -12.02451 -3.61519  -3.47837  1.000 26.25000 ? 114 ALA A C   1 
ATOM   943  O O   . ALA A 1 116 ? -12.15266 -2.55960  -2.85561  1.000 23.76000 ? 114 ALA A O   1 
ATOM   944  C CB  . ALA A 1 116 ? -10.79287 -5.60424  -2.60520  1.000 26.72000 ? 114 ALA A CB  1 
ATOM   945  N N   . SER A 1 117 ? -13.01501 -4.17933  -4.16948  1.000 26.53000 ? 115 SER A N   1 
ATOM   946  C CA  . SER A 1 117 ? -14.35683 -3.60369  -4.15513  1.000 28.55000 ? 115 SER A CA  1 
ATOM   947  C C   . SER A 1 117 ? -15.23079 -4.17892  -3.05188  1.000 31.69000 ? 115 SER A C   1 
ATOM   948  O O   . SER A 1 117 ? -16.42673 -3.86861  -2.99684  1.000 33.68000 ? 115 SER A O   1 
ATOM   949  C CB  . SER A 1 117 ? -15.04946 -3.75386  -5.51595  1.000 31.30000 ? 115 SER A CB  1 
ATOM   950  O OG  . SER A 1 117 ? -15.08849 -5.10200  -5.93169  1.000 34.52000 ? 115 SER A OG  1 
ATOM   951  N N   . GLN A 1 118 ? -14.66805 -5.01690  -2.18892  1.000 31.17000 ? 116 GLN A N   1 
ATOM   952  C CA  . GLN A 1 118 ? -15.34639 -5.51997  -1.00835  1.000 35.34000 ? 116 GLN A CA  1 
ATOM   953  C C   . GLN A 1 118 ? -14.38397 -5.43164  0.16719   1.000 38.34000 ? 116 GLN A C   1 
ATOM   954  O O   . GLN A 1 118 ? -13.16717 -5.34433  -0.00987  1.000 35.58000 ? 116 GLN A O   1 
ATOM   955  C CB  . GLN A 1 118 ? -15.79398 -6.97510  -1.20829  1.000 43.25000 ? 116 GLN A CB  1 
ATOM   956  C CG  . GLN A 1 118 ? -16.88257 -7.14062  -2.26099  1.000 60.92000 ? 116 GLN A CG  1 
ATOM   957  C CD  . GLN A 1 118 ? -17.26526 -8.59010  -2.50064  1.000 75.07000 ? 116 GLN A CD  1 
ATOM   958  O OE1 . GLN A 1 118 ? -16.46845 -9.49893  -2.26231  1.000 80.05000 ? 116 GLN A OE1 1 
ATOM   959  N NE2 . GLN A 1 118 ? -18.48282 -8.81206  -2.98283  1.000 78.63000 ? 116 GLN A NE2 1 
ATOM   960  N N   . GLU A 1 119 ? -14.93621 -5.42903  1.37763   1.000 36.38000 ? 117 GLU A N   1 
ATOM   961  C CA  . GLU A 1 119 ? -14.12789 -5.54859  2.58556   1.000 47.16000 ? 117 GLU A CA  1 
ATOM   962  C C   . GLU A 1 119 ? -14.29057 -6.91473  3.24715   1.000 58.04000 ? 117 GLU A C   1 
ATOM   963  O O   . GLU A 1 119 ? -13.91062 -7.08723  4.40979   1.000 63.08000 ? 117 GLU A O   1 
ATOM   964  C CB  . GLU A 1 119 ? -14.42940 -4.41438  3.56552   1.000 47.81000 ? 117 GLU A CB  1 
ATOM   965  C CG  . GLU A 1 119 ? -15.89372 -4.29604  3.94263   1.000 44.59000 ? 117 GLU A CG  1 
ATOM   966  C CD  . GLU A 1 119 ? -16.18373 -3.11036  4.84979   1.000 46.63000 ? 117 GLU A CD  1 
ATOM   967  O OE1 . GLU A 1 119 ? -17.37651 -2.77606  5.02536   1.000 47.70000 ? 117 GLU A OE1 1 
ATOM   968  O OE2 . GLU A 1 119 ? -15.22733 -2.51578  5.38710   1.000 52.65000 ? 117 GLU A OE2 1 
ATOM   969  N N   . THR A 1 120 ? -14.82410 -7.89004  2.51064   1.000 62.30000 ? 118 THR A N   1 
ATOM   970  C CA  . THR A 1 120 ? -15.20165 -9.20829  3.03011   1.000 67.90000 ? 118 THR A CA  1 
ATOM   971  C C   . THR A 1 120 ? -16.14291 -9.11737  4.23427   1.000 73.18000 ? 118 THR A C   1 
ATOM   972  O O   . THR A 1 120 ? -15.70990 -8.91694  5.36979   1.000 73.18000 ? 118 THR A O   1 
ATOM   973  C CB  . THR A 1 120 ? -13.98178 -10.10466 3.36158   1.000 71.76000 ? 118 THR A CB  1 
ATOM   974  O OG1 . THR A 1 120 ? -13.23288 -9.53020  4.43826   1.000 77.90000 ? 118 THR A OG1 1 
ATOM   975  C CG2 . THR A 1 120 ? -13.08293 -10.27110 2.13929   1.000 71.00000 ? 118 THR A CG2 1 
HETATM 976  C C4  . 2JI B 2 .   ? 1.08353   9.95505   -0.60825  1.000 26.33000 ? 201 2JI A C4  1 
HETATM 977  C C14 . 2JI B 2 .   ? 4.62202   13.83276  -2.05301  1.000 37.29000 ? 201 2JI A C14 1 
HETATM 978  C C5  . 2JI B 2 .   ? 0.89832   11.15764  0.01603   1.000 25.72000 ? 201 2JI A C5  1 
HETATM 979  C C6  . 2JI B 2 .   ? 1.73491   12.22750  -0.26370  1.000 26.02000 ? 201 2JI A C6  1 
HETATM 980  C C7  . 2JI B 2 .   ? 2.78630   12.06846  -1.19024  1.000 23.96000 ? 201 2JI A C7  1 
HETATM 981  C C8  . 2JI B 2 .   ? 2.96180   10.81816  -1.81082  1.000 25.65000 ? 201 2JI A C8  1 
HETATM 982  C C9  . 2JI B 2 .   ? 3.44375   13.38567  -1.23393  1.000 28.54000 ? 201 2JI A C9  1 
HETATM 983  C C10 . 2JI B 2 .   ? 2.78109   14.18481  -0.38792  1.000 28.07000 ? 201 2JI A C10 1 
HETATM 984  C C13 . 2JI B 2 .   ? 3.11804   15.62782  -0.11798  1.000 35.31000 ? 201 2JI A C13 1 
HETATM 985  C C3  . 2JI B 2 .   ? 2.11336   9.78349   -1.51580  1.000 25.34000 ? 201 2JI A C3  1 
HETATM 986  C C1  . 2JI B 2 .   ? 0.90440   7.94229   -2.62159  1.000 35.23000 ? 201 2JI A C1  1 
HETATM 987  C C15 . 2JI B 2 .   ? 5.51597   12.68880  -2.43278  1.000 40.41000 ? 201 2JI A C15 1 
HETATM 988  C C2  . 2JI B 2 .   ? 2.27938   8.43866   -2.16707  1.000 26.27000 ? 201 2JI A C2  1 
HETATM 989  N N11 . 2JI B 2 .   ? 1.75834   13.51269  0.20415   0.650 26.84000 ? 201 2JI A N11 1 
HETATM 990  O O16 . 2JI B 2 .   ? 5.22143   11.98091  -3.36572  0.330 40.31000 ? 201 2JI A O16 1 
HETATM 991  O O17 . 2JI B 2 .   ? 6.63867   12.46513  -1.73515  0.820 34.32000 ? 201 2JI A O17 1 
HETATM 992  C C4  . 2JI C 2 .   ? -3.86144  0.01286   12.72767  1.000 37.86000 ? 202 2JI A C4  1 
HETATM 993  C C14 . 2JI C 2 .   ? -9.25640  0.07059   12.96517  0.330 30.25000 ? 202 2JI A C14 1 
HETATM 994  C C5  . 2JI C 2 .   ? -4.36323  1.20798   13.17939  1.000 36.03000 ? 202 2JI A C5  1 
HETATM 995  C C6  . 2JI C 2 .   ? -5.73725  1.36956   13.28948  1.000 32.85000 ? 202 2JI A C6  1 
HETATM 996  C C7  . 2JI C 2 .   ? -6.60121  0.31019   12.93533  1.000 32.35000 ? 202 2JI A C7  1 
HETATM 997  C C8  . 2JI C 2 .   ? -6.06755  -0.89906  12.47707  1.000 33.74000 ? 202 2JI A C8  1 
HETATM 998  C C9  . 2JI C 2 .   ? -7.95812  0.81713   13.16542  1.000 30.92000 ? 202 2JI A C9  1 
HETATM 999  C C10 . 2JI C 2 .   ? -7.83092  2.07630   13.62076  1.000 35.39000 ? 202 2JI A C10 1 
HETATM 1000 C C13 . 2JI C 2 .   ? -8.95832  2.99539   13.99674  1.000 29.52000 ? 202 2JI A C13 1 
HETATM 1001 C C3  . 2JI C 2 .   ? -4.70680  -1.02970  12.37964  1.000 38.15000 ? 202 2JI A C3  1 
HETATM 1002 C C1  . 2JI C 2 .   ? -3.60329  -2.12308  10.45129  1.000 34.16000 ? 202 2JI A C1  1 
HETATM 1003 C C15 . 2JI C 2 .   ? -9.77593  0.07427   11.54943  1.000 37.75000 ? 202 2JI A C15 1 
HETATM 1004 C C2  . 2JI C 2 .   ? -4.08672  -2.31306  11.88873  1.000 37.94000 ? 202 2JI A C2  1 
HETATM 1005 N N11 . 2JI C 2 .   ? -6.51592  2.42477   13.70181  1.000 36.71000 ? 202 2JI A N11 1 
HETATM 1006 O O16 . 2JI C 2 .   ? -10.93493 0.70041   11.28291  1.000 37.49000 ? 202 2JI A O16 1 
HETATM 1007 O O17 . 2JI C 2 .   ? -9.16130  -0.49154  10.66500  1.000 38.42000 ? 202 2JI A O17 1 
HETATM 1008 O O   . HOH D 3 .   ? -5.94154  5.28992   14.52087  1.000 36.00000 ? 301 HOH A O   1 
HETATM 1009 O O   . HOH D 3 .   ? -0.21982  -5.93780  5.30880   1.000 34.58000 ? 302 HOH A O   1 
HETATM 1010 O O   . HOH D 3 .   ? -0.85809  -1.43190  -7.66975  1.000 40.61000 ? 303 HOH A O   1 
HETATM 1011 O O   . HOH D 3 .   ? 11.94451  -1.76748  8.54623   1.000 30.02000 ? 304 HOH A O   1 
HETATM 1012 O O   . HOH D 3 .   ? 9.61337   -13.87690 -2.86864  1.000 23.02000 ? 305 HOH A O   1 
HETATM 1013 O O   . HOH D 3 .   ? 8.42708   -11.18551 2.86986   1.000 26.67000 ? 306 HOH A O   1 
HETATM 1014 O O   . HOH D 3 .   ? 15.02729  -10.72296 -7.04441  1.000 31.69000 ? 307 HOH A O   1 
HETATM 1015 O O   . HOH D 3 .   ? 5.75635   7.30480   14.76035  1.000 41.41000 ? 308 HOH A O   1 
HETATM 1016 O O   . HOH D 3 .   ? -11.52509 7.84866   -8.55993  1.000 32.91000 ? 309 HOH A O   1 
HETATM 1017 O O   . HOH D 3 .   ? -11.34401 2.17809   8.88750   1.000 29.70000 ? 310 HOH A O   1 
HETATM 1018 O O   . HOH D 3 .   ? 13.00388  5.57488   7.15460   1.000 25.95000 ? 311 HOH A O   1 
HETATM 1019 O O   . HOH D 3 .   ? 18.25181  -13.00876 -3.78272  1.000 34.04000 ? 312 HOH A O   1 
HETATM 1020 O O   . HOH D 3 .   ? 20.62162  9.45116   4.16514   1.000 41.58000 ? 313 HOH A O   1 
HETATM 1021 O O   . HOH D 3 .   ? 0.41042   15.14424  1.80199   1.000 33.77000 ? 314 HOH A O   1 
HETATM 1022 O O   . HOH D 3 .   ? -13.08835 2.61680   1.76297   1.000 26.28000 ? 315 HOH A O   1 
HETATM 1023 O O   . HOH D 3 .   ? 13.59218  -5.22410  -4.60355  1.000 32.31000 ? 316 HOH A O   1 
HETATM 1024 O O   . HOH D 3 .   ? 12.58406  5.17889   4.29984   1.000 18.03000 ? 317 HOH A O   1 
HETATM 1025 O O   . HOH D 3 .   ? -14.42772 0.16408   5.25183   1.000 28.73000 ? 318 HOH A O   1 
HETATM 1026 O O   . HOH D 3 .   ? 6.63273   0.97166   17.53407  1.000 45.00000 ? 319 HOH A O   1 
HETATM 1027 O O   . HOH D 3 .   ? -2.19350  13.15001  11.60363  1.000 36.17000 ? 320 HOH A O   1 
HETATM 1028 O O   . HOH D 3 .   ? 12.65497  11.32253  2.46822   1.000 25.69000 ? 321 HOH A O   1 
HETATM 1029 O O   . HOH D 3 .   ? 0.33379   13.73216  10.58577  1.000 41.99000 ? 322 HOH A O   1 
HETATM 1030 O O   . HOH D 3 .   ? -19.41666 -0.78651  -6.38974  1.000 49.09000 ? 323 HOH A O   1 
HETATM 1031 O O   . HOH D 3 .   ? 8.49420   12.86357  3.74526   1.000 32.60000 ? 324 HOH A O   1 
HETATM 1032 O O   . HOH D 3 .   ? 3.55498   0.30634   14.74125  1.000 30.14000 ? 325 HOH A O   1 
HETATM 1033 O O   . HOH D 3 .   ? -2.57833  -6.94887  11.61629  1.000 44.19000 ? 326 HOH A O   1 
HETATM 1034 O O   . HOH D 3 .   ? -10.63068 7.76670   3.86460   1.000 26.14000 ? 327 HOH A O   1 
HETATM 1035 O O   . HOH D 3 .   ? 17.47462  6.23146   7.45451   1.000 26.07000 ? 328 HOH A O   1 
HETATM 1036 O O   . HOH D 3 .   ? 13.27654  -9.03215  9.04730   1.000 39.55000 ? 329 HOH A O   1 
HETATM 1037 O O   . HOH D 3 .   ? 4.17236   -1.74511  -10.74988 1.000 41.40000 ? 330 HOH A O   1 
HETATM 1038 O O   . HOH D 3 .   ? -5.88741  -8.67360  -9.23690  1.000 36.49000 ? 331 HOH A O   1 
HETATM 1039 O O   . HOH D 3 .   ? -10.83368 1.38886   3.00977   1.000 22.64000 ? 332 HOH A O   1 
HETATM 1040 O O   . HOH D 3 .   ? 16.38799  -3.86660  4.95192   1.000 31.79000 ? 333 HOH A O   1 
HETATM 1041 O O   . HOH D 3 .   ? -12.27551 9.24232   -5.40544  1.000 33.82000 ? 334 HOH A O   1 
HETATM 1042 O O   . HOH D 3 .   ? -9.88287  10.59673  -10.06439 1.000 32.05000 ? 335 HOH A O   1 
HETATM 1043 O O   . HOH D 3 .   ? -10.75668 -8.55180  -13.02861 1.000 50.69000 ? 336 HOH A O   1 
HETATM 1044 O O   . HOH D 3 .   ? -2.21909  -6.04033  3.34482   1.000 25.79000 ? 337 HOH A O   1 
HETATM 1045 O O   . HOH D 3 .   ? -10.86443 9.99867   -3.16924  1.000 28.30000 ? 338 HOH A O   1 
HETATM 1046 O O   . HOH D 3 .   ? 2.79060   -5.48108  5.45974   1.000 20.06000 ? 339 HOH A O   1 
HETATM 1047 O O   . HOH D 3 .   ? 5.52515   -16.59845 -10.07873 1.000 42.27000 ? 340 HOH A O   1 
HETATM 1048 O O   . HOH D 3 .   ? 3.36347   -9.17348  -3.38525  1.000 26.05000 ? 341 HOH A O   1 
HETATM 1049 O O   . HOH D 3 .   ? -9.50859  -11.34523 -10.68374 1.000 54.86000 ? 342 HOH A O   1 
HETATM 1050 O O   . HOH D 3 .   ? -8.44740  11.66000  5.77947   1.000 37.94000 ? 343 HOH A O   1 
HETATM 1051 O O   . HOH D 3 .   ? 13.15083  -15.08895 -1.61275  1.000 21.54000 ? 344 HOH A O   1 
HETATM 1052 O O   . HOH D 3 .   ? 16.45379  -13.94560 -0.84406  1.000 28.61000 ? 345 HOH A O   1 
HETATM 1053 O O   . HOH D 3 .   ? -11.07145 13.06411  -3.98631  1.000 32.61000 ? 346 HOH A O   1 
HETATM 1054 O O   . HOH D 3 .   ? 4.67827   -5.57544  -8.92808  1.000 42.18000 ? 347 HOH A O   1 
HETATM 1055 O O   . HOH D 3 .   ? 0.16864   -6.11431  -1.40708  1.000 28.61000 ? 348 HOH A O   1 
HETATM 1056 O O   . HOH D 3 .   ? -5.03416  -6.72177  3.31718   1.000 29.98000 ? 349 HOH A O   1 
HETATM 1057 O O   . HOH D 3 .   ? 3.04338   -8.16111  5.01117   1.000 29.25000 ? 350 HOH A O   1 
HETATM 1058 O O   . HOH D 3 .   ? -4.67671  -10.59385 -3.14673  1.000 41.15000 ? 351 HOH A O   1 
HETATM 1059 O O   . HOH D 3 .   ? -4.07047  10.21807  -6.68335  1.000 21.63000 ? 352 HOH A O   1 
HETATM 1060 O O   . HOH D 3 .   ? -11.61754 -3.59793  8.80187   1.000 32.63000 ? 353 HOH A O   1 
HETATM 1061 O O   . HOH D 3 .   ? 6.22571   -11.14531 6.50980   1.000 31.47000 ? 354 HOH A O   1 
HETATM 1062 O O   . HOH D 3 .   ? 20.63753  -1.54544  -0.24108  1.000 35.26000 ? 355 HOH A O   1 
HETATM 1063 O O   . HOH D 3 .   ? 3.19774   -14.01263 -3.72524  1.000 30.88000 ? 356 HOH A O   1 
HETATM 1064 O O   . HOH D 3 .   ? 5.59802   -6.04022  11.93311  1.000 34.34000 ? 357 HOH A O   1 
HETATM 1065 O O   . HOH D 3 .   ? -2.54187  13.25539  5.95801   1.000 25.91000 ? 358 HOH A O   1 
HETATM 1066 O O   . HOH D 3 .   ? -1.92528  -5.11081  -8.52958  1.000 29.56000 ? 359 HOH A O   1 
HETATM 1067 O O   . HOH D 3 .   ? -1.04308  -1.56187  14.34622  1.000 42.69000 ? 360 HOH A O   1 
HETATM 1068 O O   . HOH D 3 .   ? 10.74384  -5.95342  9.10355   1.000 36.43000 ? 361 HOH A O   1 
HETATM 1069 O O   . HOH D 3 .   ? -18.88990 -3.94522  -1.38530  1.000 44.84000 ? 362 HOH A O   1 
HETATM 1070 O O   . HOH D 3 .   ? 3.90418   10.17285  13.80812  1.000 43.29000 ? 363 HOH A O   1 
HETATM 1071 O O   . HOH D 3 .   ? 6.09824   6.96776   -4.74947  1.000 30.12000 ? 364 HOH A O   1 
HETATM 1072 O O   . HOH D 3 .   ? 14.08098  -4.31575  5.80083   1.000 31.75000 ? 365 HOH A O   1 
HETATM 1073 O O   . HOH D 3 .   ? 9.58889   -14.05719 1.44982   1.000 26.85000 ? 366 HOH A O   1 
HETATM 1074 O O   . HOH D 3 .   ? 8.45187   13.92575  7.77551   1.000 34.01000 ? 367 HOH A O   1 
HETATM 1075 O O   . HOH D 3 .   ? 19.20917  -8.47980  1.90278   1.000 29.90000 ? 368 HOH A O   1 
HETATM 1076 O O   . HOH D 3 .   ? 9.39850   -16.09923 -8.34052  1.000 39.01000 ? 369 HOH A O   1 
HETATM 1077 O O   . HOH D 3 .   ? -7.09874  -2.91123  -15.36054 1.000 43.76000 ? 370 HOH A O   1 
HETATM 1078 O O   . HOH D 3 .   ? -14.71934 -8.60417  -7.23411  1.000 44.86000 ? 371 HOH A O   1 
HETATM 1079 O O   . HOH D 3 .   ? 7.03839   14.75007  0.18528   1.000 40.40000 ? 372 HOH A O   1 
HETATM 1080 O O   . HOH D 3 .   ? -2.24581  -2.55800  -9.18017  1.000 37.66000 ? 373 HOH A O   1 
HETATM 1081 O O   . HOH D 3 .   ? 12.01073  1.77199   6.48703   1.000 26.71000 ? 374 HOH A O   1 
HETATM 1082 O O   . HOH D 3 .   ? 5.71980   0.50987   -9.05872  1.000 32.28000 ? 375 HOH A O   1 
HETATM 1083 O O   . HOH D 3 .   ? 21.74105  2.95946   -0.23646  1.000 38.23000 ? 376 HOH A O   1 
HETATM 1084 O O   . HOH D 3 .   ? -16.43025 2.30801   -0.70451  1.000 35.05000 ? 377 HOH A O   1 
HETATM 1085 O O   . HOH D 3 .   ? 6.27502   12.82238  10.66607  1.000 36.50000 ? 378 HOH A O   1 
HETATM 1086 O O   . HOH D 3 .   ? -18.00066 -5.22476  1.22748   1.000 48.17000 ? 379 HOH A O   1 
HETATM 1087 O O   . HOH D 3 .   ? 12.56283  2.31845   3.93338   1.000 18.22000 ? 380 HOH A O   1 
HETATM 1088 O O   . HOH D 3 .   ? 15.51152  4.58073   -3.08937  1.000 34.34000 ? 381 HOH A O   1 
HETATM 1089 O O   . HOH D 3 .   ? 5.41536   15.73876  2.38918   1.000 43.13000 ? 382 HOH A O   1 
HETATM 1090 O O   . HOH D 3 .   ? -0.98945  6.34035   16.57763  1.000 46.29000 ? 383 HOH A O   1 
HETATM 1091 O O   . HOH D 3 .   ? -10.79885 3.54859   -14.32185 1.000 47.74000 ? 384 HOH A O   1 
HETATM 1092 O O   . HOH D 3 .   ? -6.44541  13.24006  6.90395   1.000 37.01000 ? 385 HOH A O   1 
HETATM 1093 O O   . HOH D 3 .   ? -14.97848 4.64797   -1.64652  1.000 36.28000 ? 386 HOH A O   1 
HETATM 1094 O O   . HOH D 3 .   ? 5.22918   10.56307  11.41083  1.000 42.78000 ? 387 HOH A O   1 
HETATM 1095 O O   . HOH D 3 .   ? 10.50785  -13.93445 -6.47866  1.000 37.37000 ? 388 HOH A O   1 
HETATM 1096 O O   . HOH D 3 .   ? 0.74701   0.00446   15.30454  1.000 38.35000 ? 389 HOH A O   1 
HETATM 1097 O O   . HOH D 3 .   ? -3.01686  -9.18537  -3.84690  1.000 38.53000 ? 390 HOH A O   1 
HETATM 1098 O O   . HOH D 3 .   ? -0.84668  -9.66001  -4.04290  1.000 47.61000 ? 391 HOH A O   1 
HETATM 1099 O O   . HOH D 3 .   ? -1.58139  14.52097  7.87176   1.000 39.08000 ? 392 HOH A O   1 
HETATM 1100 O O   . HOH D 3 .   ? -10.11890 -7.30363  10.35020  1.000 41.68000 ? 393 HOH A O   1 
HETATM 1101 O O   . HOH D 3 .   ? 12.58390  12.01483  -0.10229  1.000 37.20000 ? 394 HOH A O   1 
HETATM 1102 O O   . HOH D 3 .   ? 12.37118  -13.46370 -7.60634  1.000 40.01000 ? 395 HOH A O   1 
HETATM 1103 O O   . HOH D 3 .   ? -13.12095 5.03633   0.26037   1.000 34.98000 ? 396 HOH A O   1 
HETATM 1104 O O   . HOH D 3 .   ? 19.62474  -5.84988  3.12127   1.000 43.30000 ? 397 HOH A O   1 
HETATM 1105 O O   . HOH D 3 .   ? -5.28435  5.97197   17.39205  1.000 43.05000 ? 398 HOH A O   1 
HETATM 1106 O O   . HOH D 3 .   ? -12.27785 7.50958   1.51026   1.000 34.74000 ? 399 HOH A O   1 
HETATM 1107 O O   . HOH D 3 .   ? -16.64850 6.88032   -1.48529  1.000 46.30000 ? 400 HOH A O   1 
HETATM 1108 O O   . HOH D 3 .   ? 13.33232  -15.23332 -6.01183  1.000 36.86000 ? 401 HOH A O   1 
HETATM 1109 O O   . HOH D 3 .   ? 8.54975   6.36195   16.16169  1.000 42.08000 ? 402 HOH A O   1 
HETATM 1110 O O   . HOH D 3 .   ? 21.52454  -9.85895  1.26086   1.000 41.20000 ? 403 HOH A O   1 
HETATM 1111 O O   . HOH D 3 .   ? 2.05911   -9.89911  -0.74734  1.000 36.45000 ? 404 HOH A O   1 
HETATM 1112 O O   . HOH D 3 .   ? 4.17663   -0.08852  17.08539  1.000 45.29000 ? 405 HOH A O   1 
HETATM 1113 O O   . HOH D 3 .   ? -0.16901  -8.36029  -0.10617  1.000 36.48000 ? 406 HOH A O   1 
HETATM 1114 O O   . HOH D 3 .   ? 10.78411  15.46661  7.34882   1.000 33.59000 ? 407 HOH A O   1 
HETATM 1115 O O   . HOH D 3 .   ? -1.10583  -8.25036  2.34991   1.000 37.05000 ? 408 HOH A O   1 
HETATM 1116 O O   . HOH D 3 .   ? 12.62053  3.73911   -4.53876  1.000 41.63000 ? 409 HOH A O   1 
HETATM 1117 O O   . HOH D 3 .   ? -15.43524 2.36060   3.34912   1.000 34.61000 ? 410 HOH A O   1 
HETATM 1118 O O   . HOH D 3 .   ? 16.30734  -16.09434 -5.33171  0.50  42.72000 ? 411 HOH A O   1 
HETATM 1119 O O   . HOH D 3 .   ? 1.83886   -12.02349 -3.01766  1.000 41.40000 ? 412 HOH A O   1 
HETATM 1120 O O   . HOH D 3 .   ? 17.96436  -10.32920 3.81721   1.000 35.59000 ? 413 HOH A O   1 
HETATM 1121 O O   . HOH D 3 .   ? 4.91681   -14.78611 -2.05546  1.000 30.78000 ? 414 HOH A O   1 
# 
loop_
_pdbx_poly_seq_scheme.asym_id 
_pdbx_poly_seq_scheme.entity_id 
_pdbx_poly_seq_scheme.seq_id 
_pdbx_poly_seq_scheme.mon_id 
_pdbx_poly_seq_scheme.ndb_seq_num 
_pdbx_poly_seq_scheme.pdb_seq_num 
_pdbx_poly_seq_scheme.auth_seq_num 
_pdbx_poly_seq_scheme.pdb_mon_id 
_pdbx_poly_seq_scheme.auth_mon_id 
_pdbx_poly_seq_scheme.pdb_strand_id 
_pdbx_poly_seq_scheme.pdb_ins_code 
_pdbx_poly_seq_scheme.hetero 
A 1 1   GLY 1   -1  ?   ?   ?   A . n 
A 1 2   SER 2   0   ?   ?   ?   A . n 
A 1 3   MET 3   1   ?   ?   ?   A . n 
A 1 4   PRO 4   2   ?   ?   ?   A . n 
A 1 5   SER 5   3   ?   ?   ?   A . n 
A 1 6   ASP 6   4   4   ASP ASP A . n 
A 1 7   ARG 7   5   5   ARG ARG A . n 
A 1 8   PRO 8   6   6   PRO PRO A . n 
A 1 9   PHE 9   7   7   PHE PHE A . n 
A 1 10  LYS 10  8   8   LYS LYS A . n 
A 1 11  GLN 11  9   9   GLN GLN A . n 
A 1 12  ARG 12  10  10  ARG ARG A . n 
A 1 13  ARG 13  11  11  ARG ARG A . n 
A 1 14  SER 14  12  12  SER SER A . n 
A 1 15  PHE 15  13  13  PHE PHE A . n 
A 1 16  ALA 16  14  14  ALA ALA A . n 
A 1 17  ASP 17  15  15  ASP ASP A . n 
A 1 18  ARG 18  16  16  ARG ARG A . n 
A 1 19  CYS 19  17  17  CYS CYS A . n 
A 1 20  LYS 20  18  18  LYS LYS A . n 
A 1 21  GLU 21  19  19  GLU GLU A . n 
A 1 22  VAL 22  20  20  VAL VAL A . n 
A 1 23  GLN 23  21  21  GLN GLN A . n 
A 1 24  GLN 24  22  22  GLN GLN A . n 
A 1 25  ILE 25  23  23  ILE ILE A . n 
A 1 26  ARG 26  24  24  ARG ARG A . n 
A 1 27  ASP 27  25  25  ASP ASP A . n 
A 1 28  GLN 28  26  26  GLN GLN A . n 
A 1 29  HIS 29  27  27  HIS HIS A . n 
A 1 30  PRO 30  28  28  PRO PRO A . n 
A 1 31  SER 31  29  29  SER SER A . n 
A 1 32  LYS 32  30  30  LYS LYS A . n 
A 1 33  ILE 33  31  31  ILE ILE A . n 
A 1 34  PRO 34  32  32  PRO PRO A . n 
A 1 35  VAL 35  33  33  VAL VAL A . n 
A 1 36  ILE 36  34  34  ILE ILE A . n 
A 1 37  ILE 37  35  35  ILE ILE A . n 
A 1 38  GLU 38  36  36  GLU GLU A . n 
A 1 39  ARG 39  37  37  ARG ARG A . n 
A 1 40  TYR 40  38  38  TYR TYR A . n 
A 1 41  LYS 41  39  39  LYS LYS A . n 
A 1 42  GLY 42  40  40  GLY GLY A . n 
A 1 43  GLU 43  41  41  GLU GLU A . n 
A 1 44  LYS 44  42  42  LYS LYS A . n 
A 1 45  GLN 45  43  43  GLN GLN A . n 
A 1 46  LEU 46  44  44  LEU LEU A . n 
A 1 47  PRO 47  45  45  PRO PRO A . n 
A 1 48  VAL 48  46  46  VAL VAL A . n 
A 1 49  LEU 49  47  47  LEU LEU A . n 
A 1 50  ASP 50  48  48  ASP ASP A . n 
A 1 51  LYS 51  49  49  LYS LYS A . n 
A 1 52  THR 52  50  50  THR THR A . n 
A 1 53  LYS 53  51  51  LYS LYS A . n 
A 1 54  PHE 54  52  52  PHE PHE A . n 
A 1 55  LEU 55  53  53  LEU LEU A . n 
A 1 56  VAL 56  54  54  VAL VAL A . n 
A 1 57  PRO 57  55  55  PRO PRO A . n 
A 1 58  ASP 58  56  56  ASP ASP A . n 
A 1 59  HIS 59  57  57  HIS HIS A . n 
A 1 60  VAL 60  58  58  VAL VAL A . n 
A 1 61  ASN 61  59  59  ASN ASN A . n 
A 1 62  MET 62  60  60  MET MET A . n 
A 1 63  SER 63  61  61  SER SER A . n 
A 1 64  GLU 64  62  62  GLU GLU A . n 
A 1 65  LEU 65  63  63  LEU LEU A . n 
A 1 66  VAL 66  64  64  VAL VAL A . n 
A 1 67  LYS 67  65  65  LYS LYS A . n 
A 1 68  ILE 68  66  66  ILE ILE A . n 
A 1 69  ILE 69  67  67  ILE ILE A . n 
A 1 70  ARG 70  68  68  ARG ARG A . n 
A 1 71  ARG 71  69  69  ARG ARG A . n 
A 1 72  ARG 72  70  70  ARG ARG A . n 
A 1 73  LEU 73  71  71  LEU LEU A . n 
A 1 74  GLN 74  72  72  GLN GLN A . n 
A 1 75  LEU 75  73  73  LEU LEU A . n 
A 1 76  ASN 76  74  74  ASN ASN A . n 
A 1 77  PRO 77  75  75  PRO PRO A . n 
A 1 78  THR 78  76  76  THR THR A . n 
A 1 79  GLN 79  77  77  GLN GLN A . n 
A 1 80  ALA 80  78  78  ALA ALA A . n 
A 1 81  PHE 81  79  79  PHE PHE A . n 
A 1 82  PHE 82  80  80  PHE PHE A . n 
A 1 83  LEU 83  81  81  LEU LEU A . n 
A 1 84  LEU 84  82  82  LEU LEU A . n 
A 1 85  VAL 85  83  83  VAL VAL A . n 
A 1 86  ASN 86  84  84  ASN ASN A . n 
A 1 87  GLN 87  85  85  GLN GLN A . n 
A 1 88  HIS 88  86  86  HIS HIS A . n 
A 1 89  SER 89  87  87  SER SER A . n 
A 1 90  MET 90  88  88  MET MET A . n 
A 1 91  VAL 91  89  89  VAL VAL A . n 
A 1 92  SER 92  90  90  SER SER A . n 
A 1 93  VAL 93  91  91  VAL VAL A . n 
A 1 94  SER 94  92  92  SER SER A . n 
A 1 95  THR 95  93  93  THR THR A . n 
A 1 96  PRO 96  94  94  PRO PRO A . n 
A 1 97  ILE 97  95  95  ILE ILE A . n 
A 1 98  ALA 98  96  96  ALA ALA A . n 
A 1 99  ASP 99  97  97  ASP ASP A . n 
A 1 100 ILE 100 98  98  ILE ILE A . n 
A 1 101 TYR 101 99  99  TYR TYR A . n 
A 1 102 GLU 102 100 100 GLU GLU A . n 
A 1 103 GLN 103 101 101 GLN GLN A . n 
A 1 104 GLU 104 102 102 GLU GLU A . n 
A 1 105 LYS 105 103 103 LYS LYS A . n 
A 1 106 ASP 106 104 104 ASP ASP A . n 
A 1 107 GLU 107 105 105 GLU GLU A . n 
A 1 108 ASP 108 106 106 ASP ASP A . n 
A 1 109 GLY 109 107 107 GLY GLY A . n 
A 1 110 PHE 110 108 108 PHE PHE A . n 
A 1 111 LEU 111 109 109 LEU LEU A . n 
A 1 112 TYR 112 110 110 TYR TYR A . n 
A 1 113 MET 113 111 111 MET MET A . n 
A 1 114 VAL 114 112 112 VAL VAL A . n 
A 1 115 TYR 115 113 113 TYR TYR A . n 
A 1 116 ALA 116 114 114 ALA ALA A . n 
A 1 117 SER 117 115 115 SER SER A . n 
A 1 118 GLN 118 116 116 GLN GLN A . n 
A 1 119 GLU 119 117 117 GLU GLU A . n 
A 1 120 THR 120 118 118 THR THR A . n 
A 1 121 PHE 121 119 ?   ?   ?   A . n 
A 1 122 GLY 122 120 ?   ?   ?   A . n 
# 
loop_
_pdbx_nonpoly_scheme.asym_id 
_pdbx_nonpoly_scheme.entity_id 
_pdbx_nonpoly_scheme.mon_id 
_pdbx_nonpoly_scheme.ndb_seq_num 
_pdbx_nonpoly_scheme.pdb_seq_num 
_pdbx_nonpoly_scheme.auth_seq_num 
_pdbx_nonpoly_scheme.pdb_mon_id 
_pdbx_nonpoly_scheme.auth_mon_id 
_pdbx_nonpoly_scheme.pdb_strand_id 
_pdbx_nonpoly_scheme.pdb_ins_code 
B 2 2JI 1   201 1   2JI DRG A . 
C 2 2JI 1   202 2   2JI DRG A . 
D 3 HOH 1   301 78  HOH HOH A . 
D 3 HOH 2   302 106 HOH HOH A . 
D 3 HOH 3   303 115 HOH HOH A . 
D 3 HOH 4   304 42  HOH HOH A . 
D 3 HOH 5   305 9   HOH HOH A . 
D 3 HOH 6   306 7   HOH HOH A . 
D 3 HOH 7   307 20  HOH HOH A . 
D 3 HOH 8   308 70  HOH HOH A . 
D 3 HOH 9   309 46  HOH HOH A . 
D 3 HOH 10  310 27  HOH HOH A . 
D 3 HOH 11  311 13  HOH HOH A . 
D 3 HOH 12  312 44  HOH HOH A . 
D 3 HOH 13  313 97  HOH HOH A . 
D 3 HOH 14  314 38  HOH HOH A . 
D 3 HOH 15  315 6   HOH HOH A . 
D 3 HOH 16  316 89  HOH HOH A . 
D 3 HOH 17  317 2   HOH HOH A . 
D 3 HOH 18  318 8   HOH HOH A . 
D 3 HOH 19  319 88  HOH HOH A . 
D 3 HOH 20  320 110 HOH HOH A . 
D 3 HOH 21  321 18  HOH HOH A . 
D 3 HOH 22  322 71  HOH HOH A . 
D 3 HOH 23  323 86  HOH HOH A . 
D 3 HOH 24  324 56  HOH HOH A . 
D 3 HOH 25  325 28  HOH HOH A . 
D 3 HOH 26  326 94  HOH HOH A . 
D 3 HOH 27  327 17  HOH HOH A . 
D 3 HOH 28  328 12  HOH HOH A . 
D 3 HOH 29  329 95  HOH HOH A . 
D 3 HOH 30  330 112 HOH HOH A . 
D 3 HOH 31  331 72  HOH HOH A . 
D 3 HOH 32  332 10  HOH HOH A . 
D 3 HOH 33  333 60  HOH HOH A . 
D 3 HOH 34  334 76  HOH HOH A . 
D 3 HOH 35  335 37  HOH HOH A . 
D 3 HOH 36  336 74  HOH HOH A . 
D 3 HOH 37  337 19  HOH HOH A . 
D 3 HOH 38  338 31  HOH HOH A . 
D 3 HOH 39  339 1   HOH HOH A . 
D 3 HOH 40  340 64  HOH HOH A . 
D 3 HOH 41  341 22  HOH HOH A . 
D 3 HOH 42  342 103 HOH HOH A . 
D 3 HOH 43  343 49  HOH HOH A . 
D 3 HOH 44  344 3   HOH HOH A . 
D 3 HOH 45  345 14  HOH HOH A . 
D 3 HOH 46  346 39  HOH HOH A . 
D 3 HOH 47  347 96  HOH HOH A . 
D 3 HOH 48  348 24  HOH HOH A . 
D 3 HOH 49  349 23  HOH HOH A . 
D 3 HOH 50  350 29  HOH HOH A . 
D 3 HOH 51  351 33  HOH HOH A . 
D 3 HOH 52  352 5   HOH HOH A . 
D 3 HOH 53  353 30  HOH HOH A . 
D 3 HOH 54  354 34  HOH HOH A . 
D 3 HOH 55  355 36  HOH HOH A . 
D 3 HOH 56  356 21  HOH HOH A . 
D 3 HOH 57  357 43  HOH HOH A . 
D 3 HOH 58  358 16  HOH HOH A . 
D 3 HOH 59  359 32  HOH HOH A . 
D 3 HOH 60  360 63  HOH HOH A . 
D 3 HOH 61  361 83  HOH HOH A . 
D 3 HOH 62  362 73  HOH HOH A . 
D 3 HOH 63  363 85  HOH HOH A . 
D 3 HOH 64  364 26  HOH HOH A . 
D 3 HOH 65  365 35  HOH HOH A . 
D 3 HOH 66  366 11  HOH HOH A . 
D 3 HOH 67  367 65  HOH HOH A . 
D 3 HOH 68  368 40  HOH HOH A . 
D 3 HOH 69  369 67  HOH HOH A . 
D 3 HOH 70  370 82  HOH HOH A . 
D 3 HOH 71  371 50  HOH HOH A . 
D 3 HOH 72  372 84  HOH HOH A . 
D 3 HOH 73  373 108 HOH HOH A . 
D 3 HOH 74  374 15  HOH HOH A . 
D 3 HOH 75  375 41  HOH HOH A . 
D 3 HOH 76  376 47  HOH HOH A . 
D 3 HOH 77  377 48  HOH HOH A . 
D 3 HOH 78  378 92  HOH HOH A . 
D 3 HOH 79  379 98  HOH HOH A . 
D 3 HOH 80  380 4   HOH HOH A . 
D 3 HOH 81  381 62  HOH HOH A . 
D 3 HOH 82  382 77  HOH HOH A . 
D 3 HOH 83  383 111 HOH HOH A . 
D 3 HOH 84  384 102 HOH HOH A . 
D 3 HOH 85  385 81  HOH HOH A . 
D 3 HOH 86  386 52  HOH HOH A . 
D 3 HOH 87  387 53  HOH HOH A . 
D 3 HOH 88  388 59  HOH HOH A . 
D 3 HOH 89  389 57  HOH HOH A . 
D 3 HOH 90  390 105 HOH HOH A . 
D 3 HOH 91  391 113 HOH HOH A . 
D 3 HOH 92  392 54  HOH HOH A . 
D 3 HOH 93  393 99  HOH HOH A . 
D 3 HOH 94  394 87  HOH HOH A . 
D 3 HOH 95  395 55  HOH HOH A . 
D 3 HOH 96  396 51  HOH HOH A . 
D 3 HOH 97  397 114 HOH HOH A . 
D 3 HOH 98  398 107 HOH HOH A . 
D 3 HOH 99  399 66  HOH HOH A . 
D 3 HOH 100 400 100 HOH HOH A . 
D 3 HOH 101 401 75  HOH HOH A . 
D 3 HOH 102 402 104 HOH HOH A . 
D 3 HOH 103 403 101 HOH HOH A . 
D 3 HOH 104 404 58  HOH HOH A . 
D 3 HOH 105 405 90  HOH HOH A . 
D 3 HOH 106 406 69  HOH HOH A . 
D 3 HOH 107 407 45  HOH HOH A . 
D 3 HOH 108 408 79  HOH HOH A . 
D 3 HOH 109 409 93  HOH HOH A . 
D 3 HOH 110 410 68  HOH HOH A . 
D 3 HOH 111 411 109 HOH HOH A . 
D 3 HOH 112 412 80  HOH HOH A . 
D 3 HOH 113 413 61  HOH HOH A . 
D 3 HOH 114 414 25  HOH HOH A . 
# 
_pdbx_struct_assembly.id                   1 
_pdbx_struct_assembly.details              author_and_software_defined_assembly 
_pdbx_struct_assembly.method_details       PISA 
_pdbx_struct_assembly.oligomeric_details   monomeric 
_pdbx_struct_assembly.oligomeric_count     1 
# 
_pdbx_struct_assembly_gen.assembly_id       1 
_pdbx_struct_assembly_gen.oper_expression   1 
_pdbx_struct_assembly_gen.asym_id_list      A,B,C,D 
# 
_pdbx_struct_oper_list.id                   1 
_pdbx_struct_oper_list.type                 'identity operation' 
_pdbx_struct_oper_list.name                 1_555 
_pdbx_struct_oper_list.symmetry_operation   x,y,z 
_pdbx_struct_oper_list.matrix[1][1]         1.0000000000 
_pdbx_struct_oper_list.matrix[1][2]         0.0000000000 
_pdbx_struct_oper_list.matrix[1][3]         0.0000000000 
_pdbx_struct_oper_list.vector[1]            0.0000000000 
_pdbx_struct_oper_list.matrix[2][1]         0.0000000000 
_pdbx_struct_oper_list.matrix[2][2]         1.0000000000 
_pdbx_struct_oper_list.matrix[2][3]         0.0000000000 
_pdbx_struct_oper_list.vector[2]            0.0000000000 
_pdbx_struct_oper_list.matrix[3][1]         0.0000000000 
_pdbx_struct_oper_list.matrix[3][2]         0.0000000000 
_pdbx_struct_oper_list.matrix[3][3]         1.0000000000 
_pdbx_struct_oper_list.vector[3]            0.0000000000 
# 
_pdbx_struct_special_symmetry.id              1 
_pdbx_struct_special_symmetry.PDB_model_num   1 
_pdbx_struct_special_symmetry.auth_asym_id    A 
_pdbx_struct_special_symmetry.auth_comp_id    HOH 
_pdbx_struct_special_symmetry.auth_seq_id     411 
_pdbx_struct_special_symmetry.PDB_ins_code    ? 
_pdbx_struct_special_symmetry.label_asym_id   D 
_pdbx_struct_special_symmetry.label_comp_id   HOH 
_pdbx_struct_special_symmetry.label_seq_id    . 
# 
loop_
_pdbx_audit_revision_history.ordinal 
_pdbx_audit_revision_history.data_content_type 
_pdbx_audit_revision_history.major_revision 
_pdbx_audit_revision_history.minor_revision 
_pdbx_audit_revision_history.revision_date 
1 'Structure model' 1 0 2022-01-12 
2 'Structure model' 1 1 2023-02-15 
3 'Structure model' 1 2 2023-10-25 
# 
_pdbx_audit_revision_details.ordinal             1 
_pdbx_audit_revision_details.revision_ordinal    1 
_pdbx_audit_revision_details.data_content_type   'Structure model' 
_pdbx_audit_revision_details.provider            repository 
_pdbx_audit_revision_details.type                'Initial release' 
_pdbx_audit_revision_details.description         ? 
_pdbx_audit_revision_details.details             ? 
# 
loop_
_pdbx_audit_revision_group.ordinal 
_pdbx_audit_revision_group.revision_ordinal 
_pdbx_audit_revision_group.data_content_type 
_pdbx_audit_revision_group.group 
1 2 'Structure model' 'Database references'    
2 3 'Structure model' 'Data collection'        
3 3 'Structure model' 'Refinement description' 
# 
loop_
_pdbx_audit_revision_category.ordinal 
_pdbx_audit_revision_category.revision_ordinal 
_pdbx_audit_revision_category.data_content_type 
_pdbx_audit_revision_category.category 
1 2 'Structure model' citation                      
2 3 'Structure model' chem_comp_atom                
3 3 'Structure model' chem_comp_bond                
4 3 'Structure model' pdbx_initial_refinement_model 
# 
loop_
_pdbx_audit_revision_item.ordinal 
_pdbx_audit_revision_item.revision_ordinal 
_pdbx_audit_revision_item.data_content_type 
_pdbx_audit_revision_item.item 
1 2 'Structure model' '_citation.journal_volume' 
2 2 'Structure model' '_citation.page_first'     
3 2 'Structure model' '_citation.page_last'      
4 2 'Structure model' '_citation.year'           
# 
loop_
_space_group_symop.id 
_space_group_symop.operation_xyz 
1 x,y,z               
2 -y+1/2,x,z+3/4      
3 y+1/2,-x,z+3/4      
4 -x,-y,z             
5 x+1/2,y+1/2,z+1/2   
6 -y+1,x+1/2,z+5/4    
7 y+1,-x+1/2,z+5/4    
8 -x+1/2,-y+1/2,z+1/2 
# 
loop_
_software.citation_id 
_software.classification 
_software.compiler_name 
_software.compiler_version 
_software.contact_author 
_software.contact_author_email 
_software.date 
_software.description 
_software.dependencies 
_software.hardware 
_software.language 
_software.location 
_software.mods 
_software.name 
_software.os 
_software.os_version 
_software.type 
_software.version 
_software.pdbx_ordinal 
? refinement       ? ? ? ? ? ? ? ? ? ? ? PHENIX  ? ? ? 1.18.2_3874 1 
? 'data reduction' ? ? ? ? ? ? ? ? ? ? ? XDS     ? ? ? .           2 
? 'data scaling'   ? ? ? ? ? ? ? ? ? ? ? Aimless ? ? ? .           3 
? phasing          ? ? ? ? ? ? ? ? ? ? ? PHASER  ? ? ? .           4 
# 
_pdbx_entry_details.entry_id                 7RA0 
_pdbx_entry_details.has_ligand_of_interest   Y 
_pdbx_entry_details.compound_details         ? 
_pdbx_entry_details.source_details           ? 
_pdbx_entry_details.nonpolymer_details       ? 
_pdbx_entry_details.sequence_details         ? 
# 
_pdbx_validate_torsion.id              1 
_pdbx_validate_torsion.PDB_model_num   1 
_pdbx_validate_torsion.auth_comp_id    SER 
_pdbx_validate_torsion.auth_asym_id    A 
_pdbx_validate_torsion.auth_seq_id     92 
_pdbx_validate_torsion.PDB_ins_code    ? 
_pdbx_validate_torsion.label_alt_id    ? 
_pdbx_validate_torsion.phi             -92.30 
_pdbx_validate_torsion.psi             57.21 
# 
loop_
_pdbx_unobs_or_zero_occ_residues.id 
_pdbx_unobs_or_zero_occ_residues.PDB_model_num 
_pdbx_unobs_or_zero_occ_residues.polymer_flag 
_pdbx_unobs_or_zero_occ_residues.occupancy_flag 
_pdbx_unobs_or_zero_occ_residues.auth_asym_id 
_pdbx_unobs_or_zero_occ_residues.auth_comp_id 
_pdbx_unobs_or_zero_occ_residues.auth_seq_id 
_pdbx_unobs_or_zero_occ_residues.PDB_ins_code 
_pdbx_unobs_or_zero_occ_residues.label_asym_id 
_pdbx_unobs_or_zero_occ_residues.label_comp_id 
_pdbx_unobs_or_zero_occ_residues.label_seq_id 
1 1 Y 1 A GLY -1  ? A GLY 1   
2 1 Y 1 A SER 0   ? A SER 2   
3 1 Y 1 A MET 1   ? A MET 3   
4 1 Y 1 A PRO 2   ? A PRO 4   
5 1 Y 1 A SER 3   ? A SER 5   
6 1 Y 1 A PHE 119 ? A PHE 121 
7 1 Y 1 A GLY 120 ? A GLY 122 
# 
loop_
_chem_comp_atom.comp_id 
_chem_comp_atom.atom_id 
_chem_comp_atom.type_symbol 
_chem_comp_atom.pdbx_aromatic_flag 
_chem_comp_atom.pdbx_stereo_config 
_chem_comp_atom.pdbx_ordinal 
2JI C4   C Y N 1   
2JI C14  C N N 2   
2JI C5   C Y N 3   
2JI C6   C Y N 4   
2JI C7   C Y N 5   
2JI C8   C Y N 6   
2JI C9   C Y N 7   
2JI C10  C Y N 8   
2JI C13  C N N 9   
2JI C3   C Y N 10  
2JI C1   C N N 11  
2JI C15  C N N 12  
2JI C2   C N N 13  
2JI N11  N Y N 14  
2JI O16  O N N 15  
2JI O17  O N N 16  
2JI H1   H N N 17  
2JI H2   H N N 18  
2JI H3   H N N 19  
2JI H4   H N N 20  
2JI H5   H N N 21  
2JI H6   H N N 22  
2JI H7   H N N 23  
2JI H8   H N N 24  
2JI H9   H N N 25  
2JI H10  H N N 26  
2JI H11  H N N 27  
2JI H12  H N N 28  
2JI H13  H N N 29  
2JI H14  H N N 30  
2JI H15  H N N 31  
ALA N    N N N 32  
ALA CA   C N S 33  
ALA C    C N N 34  
ALA O    O N N 35  
ALA CB   C N N 36  
ALA OXT  O N N 37  
ALA H    H N N 38  
ALA H2   H N N 39  
ALA HA   H N N 40  
ALA HB1  H N N 41  
ALA HB2  H N N 42  
ALA HB3  H N N 43  
ALA HXT  H N N 44  
ARG N    N N N 45  
ARG CA   C N S 46  
ARG C    C N N 47  
ARG O    O N N 48  
ARG CB   C N N 49  
ARG CG   C N N 50  
ARG CD   C N N 51  
ARG NE   N N N 52  
ARG CZ   C N N 53  
ARG NH1  N N N 54  
ARG NH2  N N N 55  
ARG OXT  O N N 56  
ARG H    H N N 57  
ARG H2   H N N 58  
ARG HA   H N N 59  
ARG HB2  H N N 60  
ARG HB3  H N N 61  
ARG HG2  H N N 62  
ARG HG3  H N N 63  
ARG HD2  H N N 64  
ARG HD3  H N N 65  
ARG HE   H N N 66  
ARG HH11 H N N 67  
ARG HH12 H N N 68  
ARG HH21 H N N 69  
ARG HH22 H N N 70  
ARG HXT  H N N 71  
ASN N    N N N 72  
ASN CA   C N S 73  
ASN C    C N N 74  
ASN O    O N N 75  
ASN CB   C N N 76  
ASN CG   C N N 77  
ASN OD1  O N N 78  
ASN ND2  N N N 79  
ASN OXT  O N N 80  
ASN H    H N N 81  
ASN H2   H N N 82  
ASN HA   H N N 83  
ASN HB2  H N N 84  
ASN HB3  H N N 85  
ASN HD21 H N N 86  
ASN HD22 H N N 87  
ASN HXT  H N N 88  
ASP N    N N N 89  
ASP CA   C N S 90  
ASP C    C N N 91  
ASP O    O N N 92  
ASP CB   C N N 93  
ASP CG   C N N 94  
ASP OD1  O N N 95  
ASP OD2  O N N 96  
ASP OXT  O N N 97  
ASP H    H N N 98  
ASP H2   H N N 99  
ASP HA   H N N 100 
ASP HB2  H N N 101 
ASP HB3  H N N 102 
ASP HD2  H N N 103 
ASP HXT  H N N 104 
CYS N    N N N 105 
CYS CA   C N R 106 
CYS C    C N N 107 
CYS O    O N N 108 
CYS CB   C N N 109 
CYS SG   S N N 110 
CYS OXT  O N N 111 
CYS H    H N N 112 
CYS H2   H N N 113 
CYS HA   H N N 114 
CYS HB2  H N N 115 
CYS HB3  H N N 116 
CYS HG   H N N 117 
CYS HXT  H N N 118 
GLN N    N N N 119 
GLN CA   C N S 120 
GLN C    C N N 121 
GLN O    O N N 122 
GLN CB   C N N 123 
GLN CG   C N N 124 
GLN CD   C N N 125 
GLN OE1  O N N 126 
GLN NE2  N N N 127 
GLN OXT  O N N 128 
GLN H    H N N 129 
GLN H2   H N N 130 
GLN HA   H N N 131 
GLN HB2  H N N 132 
GLN HB3  H N N 133 
GLN HG2  H N N 134 
GLN HG3  H N N 135 
GLN HE21 H N N 136 
GLN HE22 H N N 137 
GLN HXT  H N N 138 
GLU N    N N N 139 
GLU CA   C N S 140 
GLU C    C N N 141 
GLU O    O N N 142 
GLU CB   C N N 143 
GLU CG   C N N 144 
GLU CD   C N N 145 
GLU OE1  O N N 146 
GLU OE2  O N N 147 
GLU OXT  O N N 148 
GLU H    H N N 149 
GLU H2   H N N 150 
GLU HA   H N N 151 
GLU HB2  H N N 152 
GLU HB3  H N N 153 
GLU HG2  H N N 154 
GLU HG3  H N N 155 
GLU HE2  H N N 156 
GLU HXT  H N N 157 
GLY N    N N N 158 
GLY CA   C N N 159 
GLY C    C N N 160 
GLY O    O N N 161 
GLY OXT  O N N 162 
GLY H    H N N 163 
GLY H2   H N N 164 
GLY HA2  H N N 165 
GLY HA3  H N N 166 
GLY HXT  H N N 167 
HIS N    N N N 168 
HIS CA   C N S 169 
HIS C    C N N 170 
HIS O    O N N 171 
HIS CB   C N N 172 
HIS CG   C Y N 173 
HIS ND1  N Y N 174 
HIS CD2  C Y N 175 
HIS CE1  C Y N 176 
HIS NE2  N Y N 177 
HIS OXT  O N N 178 
HIS H    H N N 179 
HIS H2   H N N 180 
HIS HA   H N N 181 
HIS HB2  H N N 182 
HIS HB3  H N N 183 
HIS HD1  H N N 184 
HIS HD2  H N N 185 
HIS HE1  H N N 186 
HIS HE2  H N N 187 
HIS HXT  H N N 188 
HOH O    O N N 189 
HOH H1   H N N 190 
HOH H2   H N N 191 
ILE N    N N N 192 
ILE CA   C N S 193 
ILE C    C N N 194 
ILE O    O N N 195 
ILE CB   C N S 196 
ILE CG1  C N N 197 
ILE CG2  C N N 198 
ILE CD1  C N N 199 
ILE OXT  O N N 200 
ILE H    H N N 201 
ILE H2   H N N 202 
ILE HA   H N N 203 
ILE HB   H N N 204 
ILE HG12 H N N 205 
ILE HG13 H N N 206 
ILE HG21 H N N 207 
ILE HG22 H N N 208 
ILE HG23 H N N 209 
ILE HD11 H N N 210 
ILE HD12 H N N 211 
ILE HD13 H N N 212 
ILE HXT  H N N 213 
LEU N    N N N 214 
LEU CA   C N S 215 
LEU C    C N N 216 
LEU O    O N N 217 
LEU CB   C N N 218 
LEU CG   C N N 219 
LEU CD1  C N N 220 
LEU CD2  C N N 221 
LEU OXT  O N N 222 
LEU H    H N N 223 
LEU H2   H N N 224 
LEU HA   H N N 225 
LEU HB2  H N N 226 
LEU HB3  H N N 227 
LEU HG   H N N 228 
LEU HD11 H N N 229 
LEU HD12 H N N 230 
LEU HD13 H N N 231 
LEU HD21 H N N 232 
LEU HD22 H N N 233 
LEU HD23 H N N 234 
LEU HXT  H N N 235 
LYS N    N N N 236 
LYS CA   C N S 237 
LYS C    C N N 238 
LYS O    O N N 239 
LYS CB   C N N 240 
LYS CG   C N N 241 
LYS CD   C N N 242 
LYS CE   C N N 243 
LYS NZ   N N N 244 
LYS OXT  O N N 245 
LYS H    H N N 246 
LYS H2   H N N 247 
LYS HA   H N N 248 
LYS HB2  H N N 249 
LYS HB3  H N N 250 
LYS HG2  H N N 251 
LYS HG3  H N N 252 
LYS HD2  H N N 253 
LYS HD3  H N N 254 
LYS HE2  H N N 255 
LYS HE3  H N N 256 
LYS HZ1  H N N 257 
LYS HZ2  H N N 258 
LYS HZ3  H N N 259 
LYS HXT  H N N 260 
MET N    N N N 261 
MET CA   C N S 262 
MET C    C N N 263 
MET O    O N N 264 
MET CB   C N N 265 
MET CG   C N N 266 
MET SD   S N N 267 
MET CE   C N N 268 
MET OXT  O N N 269 
MET H    H N N 270 
MET H2   H N N 271 
MET HA   H N N 272 
MET HB2  H N N 273 
MET HB3  H N N 274 
MET HG2  H N N 275 
MET HG3  H N N 276 
MET HE1  H N N 277 
MET HE2  H N N 278 
MET HE3  H N N 279 
MET HXT  H N N 280 
PHE N    N N N 281 
PHE CA   C N S 282 
PHE C    C N N 283 
PHE O    O N N 284 
PHE CB   C N N 285 
PHE CG   C Y N 286 
PHE CD1  C Y N 287 
PHE CD2  C Y N 288 
PHE CE1  C Y N 289 
PHE CE2  C Y N 290 
PHE CZ   C Y N 291 
PHE OXT  O N N 292 
PHE H    H N N 293 
PHE H2   H N N 294 
PHE HA   H N N 295 
PHE HB2  H N N 296 
PHE HB3  H N N 297 
PHE HD1  H N N 298 
PHE HD2  H N N 299 
PHE HE1  H N N 300 
PHE HE2  H N N 301 
PHE HZ   H N N 302 
PHE HXT  H N N 303 
PRO N    N N N 304 
PRO CA   C N S 305 
PRO C    C N N 306 
PRO O    O N N 307 
PRO CB   C N N 308 
PRO CG   C N N 309 
PRO CD   C N N 310 
PRO OXT  O N N 311 
PRO H    H N N 312 
PRO HA   H N N 313 
PRO HB2  H N N 314 
PRO HB3  H N N 315 
PRO HG2  H N N 316 
PRO HG3  H N N 317 
PRO HD2  H N N 318 
PRO HD3  H N N 319 
PRO HXT  H N N 320 
SER N    N N N 321 
SER CA   C N S 322 
SER C    C N N 323 
SER O    O N N 324 
SER CB   C N N 325 
SER OG   O N N 326 
SER OXT  O N N 327 
SER H    H N N 328 
SER H2   H N N 329 
SER HA   H N N 330 
SER HB2  H N N 331 
SER HB3  H N N 332 
SER HG   H N N 333 
SER HXT  H N N 334 
THR N    N N N 335 
THR CA   C N S 336 
THR C    C N N 337 
THR O    O N N 338 
THR CB   C N R 339 
THR OG1  O N N 340 
THR CG2  C N N 341 
THR OXT  O N N 342 
THR H    H N N 343 
THR H2   H N N 344 
THR HA   H N N 345 
THR HB   H N N 346 
THR HG1  H N N 347 
THR HG21 H N N 348 
THR HG22 H N N 349 
THR HG23 H N N 350 
THR HXT  H N N 351 
TYR N    N N N 352 
TYR CA   C N S 353 
TYR C    C N N 354 
TYR O    O N N 355 
TYR CB   C N N 356 
TYR CG   C Y N 357 
TYR CD1  C Y N 358 
TYR CD2  C Y N 359 
TYR CE1  C Y N 360 
TYR CE2  C Y N 361 
TYR CZ   C Y N 362 
TYR OH   O N N 363 
TYR OXT  O N N 364 
TYR H    H N N 365 
TYR H2   H N N 366 
TYR HA   H N N 367 
TYR HB2  H N N 368 
TYR HB3  H N N 369 
TYR HD1  H N N 370 
TYR HD2  H N N 371 
TYR HE1  H N N 372 
TYR HE2  H N N 373 
TYR HH   H N N 374 
TYR HXT  H N N 375 
VAL N    N N N 376 
VAL CA   C N S 377 
VAL C    C N N 378 
VAL O    O N N 379 
VAL CB   C N N 380 
VAL CG1  C N N 381 
VAL CG2  C N N 382 
VAL OXT  O N N 383 
VAL H    H N N 384 
VAL H2   H N N 385 
VAL HA   H N N 386 
VAL HB   H N N 387 
VAL HG11 H N N 388 
VAL HG12 H N N 389 
VAL HG13 H N N 390 
VAL HG21 H N N 391 
VAL HG22 H N N 392 
VAL HG23 H N N 393 
VAL HXT  H N N 394 
# 
loop_
_chem_comp_bond.comp_id 
_chem_comp_bond.atom_id_1 
_chem_comp_bond.atom_id_2 
_chem_comp_bond.value_order 
_chem_comp_bond.pdbx_aromatic_flag 
_chem_comp_bond.pdbx_stereo_config 
_chem_comp_bond.pdbx_ordinal 
2JI C5  C6   doub Y N 1   
2JI C5  C4   sing Y N 2   
2JI N11 C6   sing Y N 3   
2JI N11 C10  sing Y N 4   
2JI C6  C7   sing Y N 5   
2JI C4  C3   doub Y N 6   
2JI C13 C10  sing N N 7   
2JI C10 C9   doub Y N 8   
2JI C1  C2   sing N N 9   
2JI C7  C9   sing Y N 10  
2JI C7  C8   doub Y N 11  
2JI C3  C8   sing Y N 12  
2JI C3  C2   sing N N 13  
2JI C9  C14  sing N N 14  
2JI C14 C15  sing N N 15  
2JI C15 O16  doub N N 16  
2JI C15 O17  sing N N 17  
2JI C4  H1   sing N N 18  
2JI C14 H2   sing N N 19  
2JI C14 H3   sing N N 20  
2JI C5  H4   sing N N 21  
2JI C8  H5   sing N N 22  
2JI C13 H6   sing N N 23  
2JI C13 H7   sing N N 24  
2JI C13 H8   sing N N 25  
2JI C1  H9   sing N N 26  
2JI C1  H10  sing N N 27  
2JI C1  H11  sing N N 28  
2JI C2  H12  sing N N 29  
2JI C2  H13  sing N N 30  
2JI N11 H14  sing N N 31  
2JI O17 H15  sing N N 32  
ALA N   CA   sing N N 33  
ALA N   H    sing N N 34  
ALA N   H2   sing N N 35  
ALA CA  C    sing N N 36  
ALA CA  CB   sing N N 37  
ALA CA  HA   sing N N 38  
ALA C   O    doub N N 39  
ALA C   OXT  sing N N 40  
ALA CB  HB1  sing N N 41  
ALA CB  HB2  sing N N 42  
ALA CB  HB3  sing N N 43  
ALA OXT HXT  sing N N 44  
ARG N   CA   sing N N 45  
ARG N   H    sing N N 46  
ARG N   H2   sing N N 47  
ARG CA  C    sing N N 48  
ARG CA  CB   sing N N 49  
ARG CA  HA   sing N N 50  
ARG C   O    doub N N 51  
ARG C   OXT  sing N N 52  
ARG CB  CG   sing N N 53  
ARG CB  HB2  sing N N 54  
ARG CB  HB3  sing N N 55  
ARG CG  CD   sing N N 56  
ARG CG  HG2  sing N N 57  
ARG CG  HG3  sing N N 58  
ARG CD  NE   sing N N 59  
ARG CD  HD2  sing N N 60  
ARG CD  HD3  sing N N 61  
ARG NE  CZ   sing N N 62  
ARG NE  HE   sing N N 63  
ARG CZ  NH1  sing N N 64  
ARG CZ  NH2  doub N N 65  
ARG NH1 HH11 sing N N 66  
ARG NH1 HH12 sing N N 67  
ARG NH2 HH21 sing N N 68  
ARG NH2 HH22 sing N N 69  
ARG OXT HXT  sing N N 70  
ASN N   CA   sing N N 71  
ASN N   H    sing N N 72  
ASN N   H2   sing N N 73  
ASN CA  C    sing N N 74  
ASN CA  CB   sing N N 75  
ASN CA  HA   sing N N 76  
ASN C   O    doub N N 77  
ASN C   OXT  sing N N 78  
ASN CB  CG   sing N N 79  
ASN CB  HB2  sing N N 80  
ASN CB  HB3  sing N N 81  
ASN CG  OD1  doub N N 82  
ASN CG  ND2  sing N N 83  
ASN ND2 HD21 sing N N 84  
ASN ND2 HD22 sing N N 85  
ASN OXT HXT  sing N N 86  
ASP N   CA   sing N N 87  
ASP N   H    sing N N 88  
ASP N   H2   sing N N 89  
ASP CA  C    sing N N 90  
ASP CA  CB   sing N N 91  
ASP CA  HA   sing N N 92  
ASP C   O    doub N N 93  
ASP C   OXT  sing N N 94  
ASP CB  CG   sing N N 95  
ASP CB  HB2  sing N N 96  
ASP CB  HB3  sing N N 97  
ASP CG  OD1  doub N N 98  
ASP CG  OD2  sing N N 99  
ASP OD2 HD2  sing N N 100 
ASP OXT HXT  sing N N 101 
CYS N   CA   sing N N 102 
CYS N   H    sing N N 103 
CYS N   H2   sing N N 104 
CYS CA  C    sing N N 105 
CYS CA  CB   sing N N 106 
CYS CA  HA   sing N N 107 
CYS C   O    doub N N 108 
CYS C   OXT  sing N N 109 
CYS CB  SG   sing N N 110 
CYS CB  HB2  sing N N 111 
CYS CB  HB3  sing N N 112 
CYS SG  HG   sing N N 113 
CYS OXT HXT  sing N N 114 
GLN N   CA   sing N N 115 
GLN N   H    sing N N 116 
GLN N   H2   sing N N 117 
GLN CA  C    sing N N 118 
GLN CA  CB   sing N N 119 
GLN CA  HA   sing N N 120 
GLN C   O    doub N N 121 
GLN C   OXT  sing N N 122 
GLN CB  CG   sing N N 123 
GLN CB  HB2  sing N N 124 
GLN CB  HB3  sing N N 125 
GLN CG  CD   sing N N 126 
GLN CG  HG2  sing N N 127 
GLN CG  HG3  sing N N 128 
GLN CD  OE1  doub N N 129 
GLN CD  NE2  sing N N 130 
GLN NE2 HE21 sing N N 131 
GLN NE2 HE22 sing N N 132 
GLN OXT HXT  sing N N 133 
GLU N   CA   sing N N 134 
GLU N   H    sing N N 135 
GLU N   H2   sing N N 136 
GLU CA  C    sing N N 137 
GLU CA  CB   sing N N 138 
GLU CA  HA   sing N N 139 
GLU C   O    doub N N 140 
GLU C   OXT  sing N N 141 
GLU CB  CG   sing N N 142 
GLU CB  HB2  sing N N 143 
GLU CB  HB3  sing N N 144 
GLU CG  CD   sing N N 145 
GLU CG  HG2  sing N N 146 
GLU CG  HG3  sing N N 147 
GLU CD  OE1  doub N N 148 
GLU CD  OE2  sing N N 149 
GLU OE2 HE2  sing N N 150 
GLU OXT HXT  sing N N 151 
GLY N   CA   sing N N 152 
GLY N   H    sing N N 153 
GLY N   H2   sing N N 154 
GLY CA  C    sing N N 155 
GLY CA  HA2  sing N N 156 
GLY CA  HA3  sing N N 157 
GLY C   O    doub N N 158 
GLY C   OXT  sing N N 159 
GLY OXT HXT  sing N N 160 
HIS N   CA   sing N N 161 
HIS N   H    sing N N 162 
HIS N   H2   sing N N 163 
HIS CA  C    sing N N 164 
HIS CA  CB   sing N N 165 
HIS CA  HA   sing N N 166 
HIS C   O    doub N N 167 
HIS C   OXT  sing N N 168 
HIS CB  CG   sing N N 169 
HIS CB  HB2  sing N N 170 
HIS CB  HB3  sing N N 171 
HIS CG  ND1  sing Y N 172 
HIS CG  CD2  doub Y N 173 
HIS ND1 CE1  doub Y N 174 
HIS ND1 HD1  sing N N 175 
HIS CD2 NE2  sing Y N 176 
HIS CD2 HD2  sing N N 177 
HIS CE1 NE2  sing Y N 178 
HIS CE1 HE1  sing N N 179 
HIS NE2 HE2  sing N N 180 
HIS OXT HXT  sing N N 181 
HOH O   H1   sing N N 182 
HOH O   H2   sing N N 183 
ILE N   CA   sing N N 184 
ILE N   H    sing N N 185 
ILE N   H2   sing N N 186 
ILE CA  C    sing N N 187 
ILE CA  CB   sing N N 188 
ILE CA  HA   sing N N 189 
ILE C   O    doub N N 190 
ILE C   OXT  sing N N 191 
ILE CB  CG1  sing N N 192 
ILE CB  CG2  sing N N 193 
ILE CB  HB   sing N N 194 
ILE CG1 CD1  sing N N 195 
ILE CG1 HG12 sing N N 196 
ILE CG1 HG13 sing N N 197 
ILE CG2 HG21 sing N N 198 
ILE CG2 HG22 sing N N 199 
ILE CG2 HG23 sing N N 200 
ILE CD1 HD11 sing N N 201 
ILE CD1 HD12 sing N N 202 
ILE CD1 HD13 sing N N 203 
ILE OXT HXT  sing N N 204 
LEU N   CA   sing N N 205 
LEU N   H    sing N N 206 
LEU N   H2   sing N N 207 
LEU CA  C    sing N N 208 
LEU CA  CB   sing N N 209 
LEU CA  HA   sing N N 210 
LEU C   O    doub N N 211 
LEU C   OXT  sing N N 212 
LEU CB  CG   sing N N 213 
LEU CB  HB2  sing N N 214 
LEU CB  HB3  sing N N 215 
LEU CG  CD1  sing N N 216 
LEU CG  CD2  sing N N 217 
LEU CG  HG   sing N N 218 
LEU CD1 HD11 sing N N 219 
LEU CD1 HD12 sing N N 220 
LEU CD1 HD13 sing N N 221 
LEU CD2 HD21 sing N N 222 
LEU CD2 HD22 sing N N 223 
LEU CD2 HD23 sing N N 224 
LEU OXT HXT  sing N N 225 
LYS N   CA   sing N N 226 
LYS N   H    sing N N 227 
LYS N   H2   sing N N 228 
LYS CA  C    sing N N 229 
LYS CA  CB   sing N N 230 
LYS CA  HA   sing N N 231 
LYS C   O    doub N N 232 
LYS C   OXT  sing N N 233 
LYS CB  CG   sing N N 234 
LYS CB  HB2  sing N N 235 
LYS CB  HB3  sing N N 236 
LYS CG  CD   sing N N 237 
LYS CG  HG2  sing N N 238 
LYS CG  HG3  sing N N 239 
LYS CD  CE   sing N N 240 
LYS CD  HD2  sing N N 241 
LYS CD  HD3  sing N N 242 
LYS CE  NZ   sing N N 243 
LYS CE  HE2  sing N N 244 
LYS CE  HE3  sing N N 245 
LYS NZ  HZ1  sing N N 246 
LYS NZ  HZ2  sing N N 247 
LYS NZ  HZ3  sing N N 248 
LYS OXT HXT  sing N N 249 
MET N   CA   sing N N 250 
MET N   H    sing N N 251 
MET N   H2   sing N N 252 
MET CA  C    sing N N 253 
MET CA  CB   sing N N 254 
MET CA  HA   sing N N 255 
MET C   O    doub N N 256 
MET C   OXT  sing N N 257 
MET CB  CG   sing N N 258 
MET CB  HB2  sing N N 259 
MET CB  HB3  sing N N 260 
MET CG  SD   sing N N 261 
MET CG  HG2  sing N N 262 
MET CG  HG3  sing N N 263 
MET SD  CE   sing N N 264 
MET CE  HE1  sing N N 265 
MET CE  HE2  sing N N 266 
MET CE  HE3  sing N N 267 
MET OXT HXT  sing N N 268 
PHE N   CA   sing N N 269 
PHE N   H    sing N N 270 
PHE N   H2   sing N N 271 
PHE CA  C    sing N N 272 
PHE CA  CB   sing N N 273 
PHE CA  HA   sing N N 274 
PHE C   O    doub N N 275 
PHE C   OXT  sing N N 276 
PHE CB  CG   sing N N 277 
PHE CB  HB2  sing N N 278 
PHE CB  HB3  sing N N 279 
PHE CG  CD1  doub Y N 280 
PHE CG  CD2  sing Y N 281 
PHE CD1 CE1  sing Y N 282 
PHE CD1 HD1  sing N N 283 
PHE CD2 CE2  doub Y N 284 
PHE CD2 HD2  sing N N 285 
PHE CE1 CZ   doub Y N 286 
PHE CE1 HE1  sing N N 287 
PHE CE2 CZ   sing Y N 288 
PHE CE2 HE2  sing N N 289 
PHE CZ  HZ   sing N N 290 
PHE OXT HXT  sing N N 291 
PRO N   CA   sing N N 292 
PRO N   CD   sing N N 293 
PRO N   H    sing N N 294 
PRO CA  C    sing N N 295 
PRO CA  CB   sing N N 296 
PRO CA  HA   sing N N 297 
PRO C   O    doub N N 298 
PRO C   OXT  sing N N 299 
PRO CB  CG   sing N N 300 
PRO CB  HB2  sing N N 301 
PRO CB  HB3  sing N N 302 
PRO CG  CD   sing N N 303 
PRO CG  HG2  sing N N 304 
PRO CG  HG3  sing N N 305 
PRO CD  HD2  sing N N 306 
PRO CD  HD3  sing N N 307 
PRO OXT HXT  sing N N 308 
SER N   CA   sing N N 309 
SER N   H    sing N N 310 
SER N   H2   sing N N 311 
SER CA  C    sing N N 312 
SER CA  CB   sing N N 313 
SER CA  HA   sing N N 314 
SER C   O    doub N N 315 
SER C   OXT  sing N N 316 
SER CB  OG   sing N N 317 
SER CB  HB2  sing N N 318 
SER CB  HB3  sing N N 319 
SER OG  HG   sing N N 320 
SER OXT HXT  sing N N 321 
THR N   CA   sing N N 322 
THR N   H    sing N N 323 
THR N   H2   sing N N 324 
THR CA  C    sing N N 325 
THR CA  CB   sing N N 326 
THR CA  HA   sing N N 327 
THR C   O    doub N N 328 
THR C   OXT  sing N N 329 
THR CB  OG1  sing N N 330 
THR CB  CG2  sing N N 331 
THR CB  HB   sing N N 332 
THR OG1 HG1  sing N N 333 
THR CG2 HG21 sing N N 334 
THR CG2 HG22 sing N N 335 
THR CG2 HG23 sing N N 336 
THR OXT HXT  sing N N 337 
TYR N   CA   sing N N 338 
TYR N   H    sing N N 339 
TYR N   H2   sing N N 340 
TYR CA  C    sing N N 341 
TYR CA  CB   sing N N 342 
TYR CA  HA   sing N N 343 
TYR C   O    doub N N 344 
TYR C   OXT  sing N N 345 
TYR CB  CG   sing N N 346 
TYR CB  HB2  sing N N 347 
TYR CB  HB3  sing N N 348 
TYR CG  CD1  doub Y N 349 
TYR CG  CD2  sing Y N 350 
TYR CD1 CE1  sing Y N 351 
TYR CD1 HD1  sing N N 352 
TYR CD2 CE2  doub Y N 353 
TYR CD2 HD2  sing N N 354 
TYR CE1 CZ   doub Y N 355 
TYR CE1 HE1  sing N N 356 
TYR CE2 CZ   sing Y N 357 
TYR CE2 HE2  sing N N 358 
TYR CZ  OH   sing N N 359 
TYR OH  HH   sing N N 360 
TYR OXT HXT  sing N N 361 
VAL N   CA   sing N N 362 
VAL N   H    sing N N 363 
VAL N   H2   sing N N 364 
VAL CA  C    sing N N 365 
VAL CA  CB   sing N N 366 
VAL CA  HA   sing N N 367 
VAL C   O    doub N N 368 
VAL C   OXT  sing N N 369 
VAL CB  CG1  sing N N 370 
VAL CB  CG2  sing N N 371 
VAL CB  HB   sing N N 372 
VAL CG1 HG11 sing N N 373 
VAL CG1 HG12 sing N N 374 
VAL CG1 HG13 sing N N 375 
VAL CG2 HG21 sing N N 376 
VAL CG2 HG22 sing N N 377 
VAL CG2 HG23 sing N N 378 
VAL OXT HXT  sing N N 379 
# 
_pdbx_entity_instance_feature.ordinal        1 
_pdbx_entity_instance_feature.comp_id        2JI 
_pdbx_entity_instance_feature.asym_id        ? 
_pdbx_entity_instance_feature.seq_num        ? 
_pdbx_entity_instance_feature.auth_comp_id   2JI 
_pdbx_entity_instance_feature.auth_asym_id   ? 
_pdbx_entity_instance_feature.auth_seq_num   ? 
_pdbx_entity_instance_feature.feature_type   'SUBJECT OF INVESTIGATION' 
_pdbx_entity_instance_feature.details        ? 
# 
loop_
_pdbx_entity_nonpoly.entity_id 
_pdbx_entity_nonpoly.name 
_pdbx_entity_nonpoly.comp_id 
2 '(5-ethyl-2-methyl-1H-indol-3-yl)acetic acid' 2JI 
3 water                                         HOH 
# 
_pdbx_initial_refinement_model.id               1 
_pdbx_initial_refinement_model.entity_id_list   ? 
_pdbx_initial_refinement_model.type             'experimental model' 
_pdbx_initial_refinement_model.source_name      PDB 
_pdbx_initial_refinement_model.accession_code   3WAL 
_pdbx_initial_refinement_model.details          ? 
# 
_pdbx_struct_assembly_auth_evidence.id                     1 
_pdbx_struct_assembly_auth_evidence.assembly_id            1 
_pdbx_struct_assembly_auth_evidence.experimental_support   'gel filtration' 
_pdbx_struct_assembly_auth_evidence.details                ? 
# 
_space_group.name_H-M_alt     'I 41' 
_space_group.name_Hall        'I 4bw' 
_space_group.IT_number        80 
_space_group.crystal_system   tetragonal 
_space_group.id               1 
# 
